data_3L11
# 
_entry.id   3L11 
# 
_audit_conform.dict_name       mmcif_pdbx.dic 
_audit_conform.dict_version    5.378 
_audit_conform.dict_location   http://mmcif.pdb.org/dictionaries/ascii/mmcif_pdbx.dic 
# 
loop_
_database_2.database_id 
_database_2.database_code 
_database_2.pdbx_database_accession 
_database_2.pdbx_DOI 
PDB   3L11         pdb_00003l11 10.2210/pdb3l11/pdb 
RCSB  RCSB056697   ?            ?                   
WWPDB D_1000056697 ?            ?                   
# 
_pdbx_database_status.status_code                     REL 
_pdbx_database_status.entry_id                        3L11 
_pdbx_database_status.recvd_initial_deposition_date   2009-12-10 
_pdbx_database_status.deposit_site                    RCSB 
_pdbx_database_status.process_site                    RCSB 
_pdbx_database_status.status_code_sf                  REL 
_pdbx_database_status.status_code_mr                  ? 
_pdbx_database_status.SG_entry                        Y 
_pdbx_database_status.status_code_cs                  ? 
_pdbx_database_status.pdb_format_compatible           Y 
_pdbx_database_status.status_code_nmr_data            ? 
_pdbx_database_status.methods_development_category    ? 
# 
loop_
_audit_author.name 
_audit_author.pdbx_ordinal 
'Neculai, D.'                          1  
'Yermekbayeva, L.'                     2  
'Crombet, L.'                          3  
'Weigelt, J.'                          4  
'Bountra, C.'                          5  
'Edwards, A.M.'                        6  
'Arrowsmith, C.H.'                     7  
'Bochkarev, A.'                        8  
'Dhe-Paganon, S.'                      9  
'Structural Genomics Consortium (SGC)' 10 
# 
_citation.id                        primary 
_citation.title                     
;Molecular insights into the function of RING finger (RNF)-containing proteins hRNF8 and hRNF168 in Ubc13/Mms2-dependent ubiquitylation.
;
_citation.journal_abbrev            J.Biol.Chem. 
_citation.journal_volume            287 
_citation.page_first                23900 
_citation.page_last                 23910 
_citation.year                      2012 
_citation.journal_id_ASTM           JBCHA3 
_citation.country                   US 
_citation.journal_id_ISSN           0021-9258 
_citation.journal_id_CSD            0071 
_citation.book_publisher            ? 
_citation.pdbx_database_id_PubMed   22589545 
_citation.pdbx_database_id_DOI      10.1074/jbc.M112.359653 
# 
loop_
_citation_author.citation_id 
_citation_author.name 
_citation_author.ordinal 
_citation_author.identifier_ORCID 
primary 'Campbell, S.J.'  1 ? 
primary 'Edwards, R.A.'   2 ? 
primary 'Leung, C.C.'     3 ? 
primary 'Neculai, D.'     4 ? 
primary 'Hodge, C.D.'     5 ? 
primary 'Dhe-Paganon, S.' 6 ? 
primary 'Glover, J.N.'    7 ? 
# 
_cell.entry_id           3L11 
_cell.length_a           49.706 
_cell.length_b           49.706 
_cell.length_c           110.149 
_cell.angle_alpha        90.00 
_cell.angle_beta         90.00 
_cell.angle_gamma        90.00 
_cell.Z_PDB              8 
_cell.pdbx_unique_axis   ? 
_cell.length_a_esd       ? 
_cell.length_b_esd       ? 
_cell.length_c_esd       ? 
_cell.angle_alpha_esd    ? 
_cell.angle_beta_esd     ? 
_cell.angle_gamma_esd    ? 
# 
_symmetry.entry_id                         3L11 
_symmetry.space_group_name_H-M             'P 43 21 2' 
_symmetry.pdbx_full_space_group_name_H-M   ? 
_symmetry.cell_setting                     ? 
_symmetry.Int_Tables_number                96 
_symmetry.space_group_name_Hall            ? 
# 
loop_
_entity.id 
_entity.type 
_entity.src_method 
_entity.pdbx_description 
_entity.formula_weight 
_entity.pdbx_number_of_molecules 
_entity.pdbx_ec 
_entity.pdbx_mutation 
_entity.pdbx_fragment 
_entity.details 
1 polymer     man 'E3 ubiquitin-protein ligase RNF168' 13131.254 1  6.3.2.- ? 'ring domain (UNP residues 1-113)' ? 
2 non-polymer syn 'ZINC ION'                           65.409    2  ?       ? ?                                  ? 
3 non-polymer syn 'MALONATE ION'                       102.046   2  ?       ? ?                                  ? 
4 water       nat water                                18.015    34 ?       ? ?                                  ? 
# 
_entity_name_com.entity_id   1 
_entity_name_com.name        'RING finger protein 168' 
# 
_entity_poly.entity_id                      1 
_entity_poly.type                           'polypeptide(L)' 
_entity_poly.nstd_linkage                   no 
_entity_poly.nstd_monomer                   no 
_entity_poly.pdbx_seq_one_letter_code       
;GSMALPKDAIPSLSECQCGICMEILVEPVTLPCNHTLCKPCFQSTVEKASLCCPFCRRRVSSWTRYHTRRNSLVNVELWT
IIQKHYPRECKLRASGQESEEVADDYQPVRLLSKP
;
_entity_poly.pdbx_seq_one_letter_code_can   
;GSMALPKDAIPSLSECQCGICMEILVEPVTLPCNHTLCKPCFQSTVEKASLCCPFCRRRVSSWTRYHTRRNSLVNVELWT
IIQKHYPRECKLRASGQESEEVADDYQPVRLLSKP
;
_entity_poly.pdbx_strand_id                 A 
_entity_poly.pdbx_target_identifier         ? 
# 
loop_
_entity_poly_seq.entity_id 
_entity_poly_seq.num 
_entity_poly_seq.mon_id 
_entity_poly_seq.hetero 
1 1   GLY n 
1 2   SER n 
1 3   MET n 
1 4   ALA n 
1 5   LEU n 
1 6   PRO n 
1 7   LYS n 
1 8   ASP n 
1 9   ALA n 
1 10  ILE n 
1 11  PRO n 
1 12  SER n 
1 13  LEU n 
1 14  SER n 
1 15  GLU n 
1 16  CYS n 
1 17  GLN n 
1 18  CYS n 
1 19  GLY n 
1 20  ILE n 
1 21  CYS n 
1 22  MET n 
1 23  GLU n 
1 24  ILE n 
1 25  LEU n 
1 26  VAL n 
1 27  GLU n 
1 28  PRO n 
1 29  VAL n 
1 30  THR n 
1 31  LEU n 
1 32  PRO n 
1 33  CYS n 
1 34  ASN n 
1 35  HIS n 
1 36  THR n 
1 37  LEU n 
1 38  CYS n 
1 39  LYS n 
1 40  PRO n 
1 41  CYS n 
1 42  PHE n 
1 43  GLN n 
1 44  SER n 
1 45  THR n 
1 46  VAL n 
1 47  GLU n 
1 48  LYS n 
1 49  ALA n 
1 50  SER n 
1 51  LEU n 
1 52  CYS n 
1 53  CYS n 
1 54  PRO n 
1 55  PHE n 
1 56  CYS n 
1 57  ARG n 
1 58  ARG n 
1 59  ARG n 
1 60  VAL n 
1 61  SER n 
1 62  SER n 
1 63  TRP n 
1 64  THR n 
1 65  ARG n 
1 66  TYR n 
1 67  HIS n 
1 68  THR n 
1 69  ARG n 
1 70  ARG n 
1 71  ASN n 
1 72  SER n 
1 73  LEU n 
1 74  VAL n 
1 75  ASN n 
1 76  VAL n 
1 77  GLU n 
1 78  LEU n 
1 79  TRP n 
1 80  THR n 
1 81  ILE n 
1 82  ILE n 
1 83  GLN n 
1 84  LYS n 
1 85  HIS n 
1 86  TYR n 
1 87  PRO n 
1 88  ARG n 
1 89  GLU n 
1 90  CYS n 
1 91  LYS n 
1 92  LEU n 
1 93  ARG n 
1 94  ALA n 
1 95  SER n 
1 96  GLY n 
1 97  GLN n 
1 98  GLU n 
1 99  SER n 
1 100 GLU n 
1 101 GLU n 
1 102 VAL n 
1 103 ALA n 
1 104 ASP n 
1 105 ASP n 
1 106 TYR n 
1 107 GLN n 
1 108 PRO n 
1 109 VAL n 
1 110 ARG n 
1 111 LEU n 
1 112 LEU n 
1 113 SER n 
1 114 LYS n 
1 115 PRO n 
# 
_entity_src_gen.entity_id                          1 
_entity_src_gen.pdbx_src_id                        1 
_entity_src_gen.pdbx_alt_source_flag               sample 
_entity_src_gen.pdbx_seq_type                      ? 
_entity_src_gen.pdbx_beg_seq_num                   ? 
_entity_src_gen.pdbx_end_seq_num                   ? 
_entity_src_gen.gene_src_common_name               human 
_entity_src_gen.gene_src_genus                     ? 
_entity_src_gen.pdbx_gene_src_gene                 'BC033791, RNF168' 
_entity_src_gen.gene_src_species                   ? 
_entity_src_gen.gene_src_strain                    ? 
_entity_src_gen.gene_src_tissue                    ? 
_entity_src_gen.gene_src_tissue_fraction           ? 
_entity_src_gen.gene_src_details                   ? 
_entity_src_gen.pdbx_gene_src_fragment             ? 
_entity_src_gen.pdbx_gene_src_scientific_name      'Homo sapiens' 
_entity_src_gen.pdbx_gene_src_ncbi_taxonomy_id     9606 
_entity_src_gen.pdbx_gene_src_variant              ? 
_entity_src_gen.pdbx_gene_src_cell_line            ? 
_entity_src_gen.pdbx_gene_src_atcc                 ? 
_entity_src_gen.pdbx_gene_src_organ                ? 
_entity_src_gen.pdbx_gene_src_organelle            ? 
_entity_src_gen.pdbx_gene_src_cell                 ? 
_entity_src_gen.pdbx_gene_src_cellular_location    ? 
_entity_src_gen.host_org_common_name               ? 
_entity_src_gen.pdbx_host_org_scientific_name      'Escherichia coli' 
_entity_src_gen.pdbx_host_org_ncbi_taxonomy_id     469008 
_entity_src_gen.host_org_genus                     ? 
_entity_src_gen.pdbx_host_org_gene                 ? 
_entity_src_gen.pdbx_host_org_organ                ? 
_entity_src_gen.host_org_species                   ? 
_entity_src_gen.pdbx_host_org_tissue               ? 
_entity_src_gen.pdbx_host_org_tissue_fraction      ? 
_entity_src_gen.pdbx_host_org_strain               'BL21(DE3)' 
_entity_src_gen.pdbx_host_org_variant              ? 
_entity_src_gen.pdbx_host_org_cell_line            ? 
_entity_src_gen.pdbx_host_org_atcc                 ? 
_entity_src_gen.pdbx_host_org_culture_collection   ? 
_entity_src_gen.pdbx_host_org_cell                 ? 
_entity_src_gen.pdbx_host_org_organelle            ? 
_entity_src_gen.pdbx_host_org_cellular_location    ? 
_entity_src_gen.pdbx_host_org_vector_type          plasmid 
_entity_src_gen.pdbx_host_org_vector               ? 
_entity_src_gen.host_org_details                   ? 
_entity_src_gen.expression_system_id               ? 
_entity_src_gen.plasmid_name                       pET28 
_entity_src_gen.plasmid_details                    ? 
_entity_src_gen.pdbx_description                   ? 
# 
_struct_ref.id                         1 
_struct_ref.db_name                    UNP 
_struct_ref.db_code                    RN168_HUMAN 
_struct_ref.pdbx_db_accession          Q8IYW5 
_struct_ref.entity_id                  1 
_struct_ref.pdbx_seq_one_letter_code   
;MALPKDAIPSLSECQCGICMEILVEPVTLPCNHTLCKPCFQSTVEKASLCCPFCRRRVSSWTRYHTRRNSLVNVELWTII
QKHYPRECKLRASGQESEEVADDYQPVRLLSKP
;
_struct_ref.pdbx_align_begin           1 
_struct_ref.pdbx_db_isoform            ? 
# 
_struct_ref_seq.align_id                      1 
_struct_ref_seq.ref_id                        1 
_struct_ref_seq.pdbx_PDB_id_code              3L11 
_struct_ref_seq.pdbx_strand_id                A 
_struct_ref_seq.seq_align_beg                 3 
_struct_ref_seq.pdbx_seq_align_beg_ins_code   ? 
_struct_ref_seq.seq_align_end                 115 
_struct_ref_seq.pdbx_seq_align_end_ins_code   ? 
_struct_ref_seq.pdbx_db_accession             Q8IYW5 
_struct_ref_seq.db_align_beg                  1 
_struct_ref_seq.pdbx_db_align_beg_ins_code    ? 
_struct_ref_seq.db_align_end                  113 
_struct_ref_seq.pdbx_db_align_end_ins_code    ? 
_struct_ref_seq.pdbx_auth_seq_align_beg       1 
_struct_ref_seq.pdbx_auth_seq_align_end       113 
# 
loop_
_struct_ref_seq_dif.align_id 
_struct_ref_seq_dif.pdbx_pdb_id_code 
_struct_ref_seq_dif.mon_id 
_struct_ref_seq_dif.pdbx_pdb_strand_id 
_struct_ref_seq_dif.seq_num 
_struct_ref_seq_dif.pdbx_pdb_ins_code 
_struct_ref_seq_dif.pdbx_seq_db_name 
_struct_ref_seq_dif.pdbx_seq_db_accession_code 
_struct_ref_seq_dif.db_mon_id 
_struct_ref_seq_dif.pdbx_seq_db_seq_num 
_struct_ref_seq_dif.details 
_struct_ref_seq_dif.pdbx_auth_seq_num 
_struct_ref_seq_dif.pdbx_ordinal 
1 3L11 GLY A 1 ? UNP Q8IYW5 ? ? 'expression tag' -1 1 
1 3L11 SER A 2 ? UNP Q8IYW5 ? ? 'expression tag' 0  2 
# 
loop_
_chem_comp.id 
_chem_comp.type 
_chem_comp.mon_nstd_flag 
_chem_comp.name 
_chem_comp.pdbx_synonyms 
_chem_comp.formula 
_chem_comp.formula_weight 
ALA 'L-peptide linking' y ALANINE         ? 'C3 H7 N O2'     89.093  
ARG 'L-peptide linking' y ARGININE        ? 'C6 H15 N4 O2 1' 175.209 
ASN 'L-peptide linking' y ASPARAGINE      ? 'C4 H8 N2 O3'    132.118 
ASP 'L-peptide linking' y 'ASPARTIC ACID' ? 'C4 H7 N O4'     133.103 
CYS 'L-peptide linking' y CYSTEINE        ? 'C3 H7 N O2 S'   121.158 
GLN 'L-peptide linking' y GLUTAMINE       ? 'C5 H10 N2 O3'   146.144 
GLU 'L-peptide linking' y 'GLUTAMIC ACID' ? 'C5 H9 N O4'     147.129 
GLY 'peptide linking'   y GLYCINE         ? 'C2 H5 N O2'     75.067  
HIS 'L-peptide linking' y HISTIDINE       ? 'C6 H10 N3 O2 1' 156.162 
HOH non-polymer         . WATER           ? 'H2 O'           18.015  
ILE 'L-peptide linking' y ISOLEUCINE      ? 'C6 H13 N O2'    131.173 
LEU 'L-peptide linking' y LEUCINE         ? 'C6 H13 N O2'    131.173 
LYS 'L-peptide linking' y LYSINE          ? 'C6 H15 N2 O2 1' 147.195 
MET 'L-peptide linking' y METHIONINE      ? 'C5 H11 N O2 S'  149.211 
MLI non-polymer         . 'MALONATE ION'  ? 'C3 H2 O4 -2'    102.046 
PHE 'L-peptide linking' y PHENYLALANINE   ? 'C9 H11 N O2'    165.189 
PRO 'L-peptide linking' y PROLINE         ? 'C5 H9 N O2'     115.130 
SER 'L-peptide linking' y SERINE          ? 'C3 H7 N O3'     105.093 
THR 'L-peptide linking' y THREONINE       ? 'C4 H9 N O3'     119.119 
TRP 'L-peptide linking' y TRYPTOPHAN      ? 'C11 H12 N2 O2'  204.225 
TYR 'L-peptide linking' y TYROSINE        ? 'C9 H11 N O3'    181.189 
VAL 'L-peptide linking' y VALINE          ? 'C5 H11 N O2'    117.146 
ZN  non-polymer         . 'ZINC ION'      ? 'Zn 2'           65.409  
# 
_exptl.entry_id          3L11 
_exptl.method            'X-RAY DIFFRACTION' 
_exptl.crystals_number   1 
# 
_exptl_crystal.id                    1 
_exptl_crystal.density_meas          ? 
_exptl_crystal.density_Matthews      2.59 
_exptl_crystal.density_percent_sol   52.52 
_exptl_crystal.description           ? 
_exptl_crystal.F_000                 ? 
_exptl_crystal.preparation           ? 
# 
_exptl_crystal_grow.crystal_id      1 
_exptl_crystal_grow.method          'VAPOR DIFFUSION, HANGING DROP' 
_exptl_crystal_grow.temp            291 
_exptl_crystal_grow.temp_details    ? 
_exptl_crystal_grow.pH              7.3 
_exptl_crystal_grow.pdbx_details    '1.5 M NaMalonate, pH 7.3, VAPOR DIFFUSION, HANGING DROP, temperature 291K' 
_exptl_crystal_grow.pdbx_pH_range   ? 
# 
_diffrn.id                     1 
_diffrn.ambient_temp           100 
_diffrn.ambient_temp_details   ? 
_diffrn.crystal_id             1 
# 
_diffrn_detector.diffrn_id              1 
_diffrn_detector.detector               CCD 
_diffrn_detector.type                   'RIGAKU SATURN A200' 
_diffrn_detector.pdbx_collection_date   2009-11-11 
_diffrn_detector.details                ? 
# 
_diffrn_radiation.diffrn_id                        1 
_diffrn_radiation.wavelength_id                    1 
_diffrn_radiation.pdbx_monochromatic_or_laue_m_l   M 
_diffrn_radiation.monochromator                    ? 
_diffrn_radiation.pdbx_diffrn_protocol             'SINGLE WAVELENGTH' 
_diffrn_radiation.pdbx_scattering_type             x-ray 
# 
_diffrn_radiation_wavelength.id           1 
_diffrn_radiation_wavelength.wavelength   1.54 
_diffrn_radiation_wavelength.wt           1.0 
# 
_diffrn_source.diffrn_id                   1 
_diffrn_source.source                      'ROTATING ANODE' 
_diffrn_source.type                        'RIGAKU FR-E SUPERBRIGHT' 
_diffrn_source.pdbx_synchrotron_site       ? 
_diffrn_source.pdbx_synchrotron_beamline   ? 
_diffrn_source.pdbx_wavelength             ? 
_diffrn_source.pdbx_wavelength_list        1.54 
# 
_reflns.entry_id                     3L11 
_reflns.observed_criterion_sigma_I   0 
_reflns.observed_criterion_sigma_F   0 
_reflns.d_resolution_low             45.31 
_reflns.d_resolution_high            2.12 
_reflns.number_obs                   8384 
_reflns.number_all                   8436 
_reflns.percent_possible_obs         99.4 
_reflns.pdbx_Rmerge_I_obs            0.1238 
_reflns.pdbx_Rsym_value              ? 
_reflns.pdbx_netI_over_sigmaI        40.1 
_reflns.B_iso_Wilson_estimate        ? 
_reflns.pdbx_redundancy              53.39 
_reflns.R_free_details               ? 
_reflns.limit_h_max                  ? 
_reflns.limit_h_min                  ? 
_reflns.limit_k_max                  ? 
_reflns.limit_k_min                  ? 
_reflns.limit_l_max                  ? 
_reflns.limit_l_min                  ? 
_reflns.observed_criterion_F_max     ? 
_reflns.observed_criterion_F_min     ? 
_reflns.pdbx_chi_squared             ? 
_reflns.pdbx_scaling_rejects         ? 
_reflns.pdbx_ordinal                 1 
_reflns.pdbx_diffrn_id               1 
# 
_reflns_shell.d_res_high             2.12 
_reflns_shell.d_res_low              2.22 
_reflns_shell.percent_possible_all   99.7 
_reflns_shell.Rmerge_I_obs           0.6495 
_reflns_shell.pdbx_Rsym_value        ? 
_reflns_shell.meanI_over_sigI_obs    5.17 
_reflns_shell.pdbx_redundancy        54.28 
_reflns_shell.percent_possible_obs   ? 
_reflns_shell.number_unique_all      1047 
_reflns_shell.number_measured_all    ? 
_reflns_shell.number_measured_obs    ? 
_reflns_shell.number_unique_obs      ? 
_reflns_shell.pdbx_chi_squared       ? 
_reflns_shell.pdbx_ordinal           1 
_reflns_shell.pdbx_diffrn_id         1 
# 
_refine.entry_id                                 3L11 
_refine.ls_number_reflns_obs                     7964 
_refine.ls_number_reflns_all                     8384 
_refine.pdbx_ls_sigma_I                          ? 
_refine.pdbx_ls_sigma_F                          0 
_refine.pdbx_data_cutoff_high_absF               ? 
_refine.pdbx_data_cutoff_low_absF                ? 
_refine.pdbx_data_cutoff_high_rms_absF           ? 
_refine.ls_d_res_low                             45.49 
_refine.ls_d_res_high                            2.12 
_refine.ls_percent_reflns_obs                    100.00 
_refine.ls_R_factor_obs                          0.18870 
_refine.ls_R_factor_all                          0.1887 
_refine.ls_R_factor_R_work                       0.18734 
_refine.ls_R_factor_R_free                       0.21477 
_refine.ls_R_factor_R_free_error                 ? 
_refine.ls_R_factor_R_free_error_details         ? 
_refine.ls_percent_reflns_R_free                 5.0 
_refine.ls_number_reflns_R_free                  420 
_refine.ls_number_parameters                     ? 
_refine.ls_number_restraints                     ? 
_refine.occupancy_min                            ? 
_refine.occupancy_max                            ? 
_refine.correlation_coeff_Fo_to_Fc               0.955 
_refine.correlation_coeff_Fo_to_Fc_free          0.940 
_refine.B_iso_mean                               33.912 
_refine.aniso_B[1][1]                            1.38 
_refine.aniso_B[2][2]                            1.38 
_refine.aniso_B[3][3]                            -2.76 
_refine.aniso_B[1][2]                            0.00 
_refine.aniso_B[1][3]                            0.00 
_refine.aniso_B[2][3]                            0.00 
_refine.solvent_model_details                    MASK 
_refine.solvent_model_param_ksol                 ? 
_refine.solvent_model_param_bsol                 ? 
_refine.pdbx_solvent_vdw_probe_radii             1.20 
_refine.pdbx_solvent_ion_probe_radii             0.80 
_refine.pdbx_solvent_shrinkage_radii             0.80 
_refine.pdbx_ls_cross_valid_method               THROUGHOUT 
_refine.details                                  
'ATOM RECORD CONTAINS SUM OF TLS AND RESIDUAL B FACTORS. ANISOU RECORD CONTAINS SUM OF TLS AND RESIDUAL U FACTORS.' 
_refine.pdbx_starting_model                      3FL2 
_refine.pdbx_method_to_determine_struct          'S-SAD coupled with molecular replacement' 
_refine.pdbx_isotropic_thermal_model             ? 
_refine.pdbx_stereochemistry_target_values       'MAXIMUM LIKELIHOOD' 
_refine.pdbx_stereochem_target_val_spec_case     ? 
_refine.pdbx_R_Free_selection_details            RANDOM 
_refine.pdbx_overall_ESU_R                       0.182 
_refine.pdbx_overall_ESU_R_Free                  0.155 
_refine.overall_SU_ML                            0.104 
_refine.overall_SU_B                             7.525 
_refine.ls_redundancy_reflns_obs                 ? 
_refine.B_iso_min                                ? 
_refine.B_iso_max                                ? 
_refine.overall_SU_R_Cruickshank_DPI             ? 
_refine.overall_SU_R_free                        ? 
_refine.ls_wR_factor_R_free                      ? 
_refine.ls_wR_factor_R_work                      ? 
_refine.overall_FOM_free_R_set                   ? 
_refine.overall_FOM_work_R_set                   ? 
_refine.pdbx_overall_phase_error                 ? 
_refine.pdbx_refine_id                           'X-RAY DIFFRACTION' 
_refine.pdbx_diffrn_id                           1 
_refine.pdbx_TLS_residual_ADP_flag               ? 
_refine.pdbx_overall_SU_R_free_Cruickshank_DPI   ? 
_refine.pdbx_overall_SU_R_Blow_DPI               ? 
_refine.pdbx_overall_SU_R_free_Blow_DPI          ? 
# 
_refine_hist.pdbx_refine_id                   'X-RAY DIFFRACTION' 
_refine_hist.cycle_id                         LAST 
_refine_hist.pdbx_number_atoms_protein        830 
_refine_hist.pdbx_number_atoms_nucleic_acid   0 
_refine_hist.pdbx_number_atoms_ligand         16 
_refine_hist.number_atoms_solvent             34 
_refine_hist.number_atoms_total               880 
_refine_hist.d_res_high                       2.12 
_refine_hist.d_res_low                        45.49 
# 
loop_
_refine_ls_restr.type 
_refine_ls_restr.dev_ideal 
_refine_ls_restr.dev_ideal_target 
_refine_ls_restr.weight 
_refine_ls_restr.number 
_refine_ls_restr.pdbx_refine_id 
_refine_ls_restr.pdbx_restraint_function 
r_bond_refined_d             0.024  0.022  ? 872  'X-RAY DIFFRACTION' ? 
r_bond_other_d               ?      ?      ? ?    'X-RAY DIFFRACTION' ? 
r_angle_refined_deg          2.423  1.987  ? 1178 'X-RAY DIFFRACTION' ? 
r_angle_other_deg            ?      ?      ? ?    'X-RAY DIFFRACTION' ? 
r_dihedral_angle_1_deg       5.952  5.000  ? 104  'X-RAY DIFFRACTION' ? 
r_dihedral_angle_2_deg       33.781 21.176 ? 34   'X-RAY DIFFRACTION' ? 
r_dihedral_angle_3_deg       20.948 15.000 ? 159  'X-RAY DIFFRACTION' ? 
r_dihedral_angle_4_deg       17.034 15.000 ? 10   'X-RAY DIFFRACTION' ? 
r_chiral_restr               0.215  0.200  ? 132  'X-RAY DIFFRACTION' ? 
r_gen_planes_refined         0.011  0.021  ? 646  'X-RAY DIFFRACTION' ? 
r_gen_planes_other           ?      ?      ? ?    'X-RAY DIFFRACTION' ? 
r_nbd_refined                ?      ?      ? ?    'X-RAY DIFFRACTION' ? 
r_nbd_other                  ?      ?      ? ?    'X-RAY DIFFRACTION' ? 
r_nbtor_refined              ?      ?      ? ?    'X-RAY DIFFRACTION' ? 
r_nbtor_other                ?      ?      ? ?    'X-RAY DIFFRACTION' ? 
r_xyhbond_nbd_refined        ?      ?      ? ?    'X-RAY DIFFRACTION' ? 
r_xyhbond_nbd_other          ?      ?      ? ?    'X-RAY DIFFRACTION' ? 
r_metal_ion_refined          ?      ?      ? ?    'X-RAY DIFFRACTION' ? 
r_metal_ion_other            ?      ?      ? ?    'X-RAY DIFFRACTION' ? 
r_symmetry_vdw_refined       ?      ?      ? ?    'X-RAY DIFFRACTION' ? 
r_symmetry_vdw_other         ?      ?      ? ?    'X-RAY DIFFRACTION' ? 
r_symmetry_hbond_refined     ?      ?      ? ?    'X-RAY DIFFRACTION' ? 
r_symmetry_hbond_other       ?      ?      ? ?    'X-RAY DIFFRACTION' ? 
r_symmetry_metal_ion_refined ?      ?      ? ?    'X-RAY DIFFRACTION' ? 
r_symmetry_metal_ion_other   ?      ?      ? ?    'X-RAY DIFFRACTION' ? 
r_mcbond_it                  0.055  0.200  ? 5045 'X-RAY DIFFRACTION' ? 
r_mcbond_other               ?      ?      ? ?    'X-RAY DIFFRACTION' ? 
r_mcangle_it                 ?      ?      ? ?    'X-RAY DIFFRACTION' ? 
r_scbond_it                  ?      ?      ? ?    'X-RAY DIFFRACTION' ? 
r_scangle_it                 ?      ?      ? ?    'X-RAY DIFFRACTION' ? 
r_rigid_bond_restr           ?      ?      ? ?    'X-RAY DIFFRACTION' ? 
r_sphericity_free            ?      ?      ? ?    'X-RAY DIFFRACTION' ? 
r_sphericity_bonded          ?      ?      ? ?    'X-RAY DIFFRACTION' ? 
# 
_refine_ls_shell.pdbx_total_number_of_bins_used   20 
_refine_ls_shell.d_res_high                       2.120 
_refine_ls_shell.d_res_low                        2.175 
_refine_ls_shell.number_reflns_R_work             574 
_refine_ls_shell.R_factor_R_work                  0.228 
_refine_ls_shell.percent_reflns_obs               100.00 
_refine_ls_shell.R_factor_R_free                  0.368 
_refine_ls_shell.R_factor_R_free_error            ? 
_refine_ls_shell.percent_reflns_R_free            ? 
_refine_ls_shell.number_reflns_R_free             31 
_refine_ls_shell.number_reflns_all                ? 
_refine_ls_shell.R_factor_all                     ? 
_refine_ls_shell.number_reflns_obs                ? 
_refine_ls_shell.redundancy_reflns_obs            ? 
_refine_ls_shell.pdbx_refine_id                   'X-RAY DIFFRACTION' 
# 
_struct.entry_id                  3L11 
_struct.title                     'Crystal Structure of the Ring Domain of RNF168' 
_struct.pdbx_model_details        ? 
_struct.pdbx_CASP_flag            ? 
_struct.pdbx_model_type_details   ? 
# 
_struct_keywords.entry_id        3L11 
_struct_keywords.pdbx_keywords   LIGASE 
_struct_keywords.text            
;E3 Ligase, RING domain, DNA damage, Chromatin regulator, Chromosomal protein, DNA repair, Ligase, Metal-binding, Nucleus, Phosphoprotein, Ubl conjugation pathway, Zinc-finger, Structural Genomics, Structural Genomics Consortium, SGC
;
# 
loop_
_struct_asym.id 
_struct_asym.pdbx_blank_PDB_chainid_flag 
_struct_asym.pdbx_modified 
_struct_asym.entity_id 
_struct_asym.details 
A N N 1 ? 
B N N 2 ? 
C N N 2 ? 
D N N 3 ? 
E N N 3 ? 
F N N 4 ? 
# 
_struct_biol.id        1 
_struct_biol.details   ? 
# 
loop_
_struct_conf.conf_type_id 
_struct_conf.id 
_struct_conf.pdbx_PDB_helix_id 
_struct_conf.beg_label_comp_id 
_struct_conf.beg_label_asym_id 
_struct_conf.beg_label_seq_id 
_struct_conf.pdbx_beg_PDB_ins_code 
_struct_conf.end_label_comp_id 
_struct_conf.end_label_asym_id 
_struct_conf.end_label_seq_id 
_struct_conf.pdbx_end_PDB_ins_code 
_struct_conf.beg_auth_comp_id 
_struct_conf.beg_auth_asym_id 
_struct_conf.beg_auth_seq_id 
_struct_conf.end_auth_comp_id 
_struct_conf.end_auth_asym_id 
_struct_conf.end_auth_seq_id 
_struct_conf.pdbx_PDB_helix_class 
_struct_conf.details 
_struct_conf.pdbx_PDB_helix_length 
HELX_P HELX_P1 1 SER A 12 ? GLN A 17 ? SER A 10 GLN A 15 1 ? 6  
HELX_P HELX_P2 2 CYS A 38 ? VAL A 46 ? CYS A 36 VAL A 44 1 ? 9  
HELX_P HELX_P3 3 VAL A 60 ? ARG A 70 ? VAL A 58 ARG A 68 1 ? 11 
HELX_P HELX_P4 4 ASN A 75 ? TYR A 86 ? ASN A 73 TYR A 84 1 ? 12 
HELX_P HELX_P5 5 TYR A 86 ? GLY A 96 ? TYR A 84 GLY A 94 1 ? 11 
# 
_struct_conf_type.id          HELX_P 
_struct_conf_type.criteria    ? 
_struct_conf_type.reference   ? 
# 
loop_
_struct_conn.id 
_struct_conn.conn_type_id 
_struct_conn.pdbx_leaving_atom_flag 
_struct_conn.pdbx_PDB_id 
_struct_conn.ptnr1_label_asym_id 
_struct_conn.ptnr1_label_comp_id 
_struct_conn.ptnr1_label_seq_id 
_struct_conn.ptnr1_label_atom_id 
_struct_conn.pdbx_ptnr1_label_alt_id 
_struct_conn.pdbx_ptnr1_PDB_ins_code 
_struct_conn.pdbx_ptnr1_standard_comp_id 
_struct_conn.ptnr1_symmetry 
_struct_conn.ptnr2_label_asym_id 
_struct_conn.ptnr2_label_comp_id 
_struct_conn.ptnr2_label_seq_id 
_struct_conn.ptnr2_label_atom_id 
_struct_conn.pdbx_ptnr2_label_alt_id 
_struct_conn.pdbx_ptnr2_PDB_ins_code 
_struct_conn.ptnr1_auth_asym_id 
_struct_conn.ptnr1_auth_comp_id 
_struct_conn.ptnr1_auth_seq_id 
_struct_conn.ptnr2_auth_asym_id 
_struct_conn.ptnr2_auth_comp_id 
_struct_conn.ptnr2_auth_seq_id 
_struct_conn.ptnr2_symmetry 
_struct_conn.pdbx_ptnr3_label_atom_id 
_struct_conn.pdbx_ptnr3_label_seq_id 
_struct_conn.pdbx_ptnr3_label_comp_id 
_struct_conn.pdbx_ptnr3_label_asym_id 
_struct_conn.pdbx_ptnr3_label_alt_id 
_struct_conn.pdbx_ptnr3_PDB_ins_code 
_struct_conn.details 
_struct_conn.pdbx_dist_value 
_struct_conn.pdbx_value_order 
_struct_conn.pdbx_role 
metalc1 metalc ? ? A CYS 18 SG  ? ? ? 1_555 C ZN . ZN ? ? A CYS 16 A ZN 602 1_555 ? ? ? ? ? ? ? 2.312 ? ? 
metalc2 metalc ? ? A CYS 21 SG  ? ? ? 1_555 C ZN . ZN ? ? A CYS 19 A ZN 602 1_555 ? ? ? ? ? ? ? 2.360 ? ? 
metalc3 metalc ? ? A CYS 33 SG  ? ? ? 1_555 B ZN . ZN ? ? A CYS 31 A ZN 601 1_555 ? ? ? ? ? ? ? 2.215 ? ? 
metalc4 metalc ? ? A HIS 35 ND1 ? ? ? 1_555 B ZN . ZN ? ? A HIS 33 A ZN 601 1_555 ? ? ? ? ? ? ? 2.033 ? ? 
metalc5 metalc ? ? A CYS 38 SG  ? ? ? 1_555 C ZN . ZN ? ? A CYS 36 A ZN 602 1_555 ? ? ? ? ? ? ? 2.193 ? ? 
metalc6 metalc ? ? A CYS 41 SG  ? ? ? 1_555 C ZN . ZN ? ? A CYS 39 A ZN 602 1_555 ? ? ? ? ? ? ? 2.370 ? ? 
metalc7 metalc ? ? A CYS 53 SG  ? ? ? 1_555 B ZN . ZN ? ? A CYS 51 A ZN 601 1_555 ? ? ? ? ? ? ? 2.272 ? ? 
metalc8 metalc ? ? A CYS 56 SG  ? ? ? 1_555 B ZN . ZN ? ? A CYS 54 A ZN 601 1_555 ? ? ? ? ? ? ? 2.247 ? ? 
# 
_struct_conn_type.id          metalc 
_struct_conn_type.criteria    ? 
_struct_conn_type.reference   ? 
# 
_struct_sheet.id               A 
_struct_sheet.type             ? 
_struct_sheet.number_strands   2 
_struct_sheet.details          ? 
# 
_struct_sheet_order.sheet_id     A 
_struct_sheet_order.range_id_1   1 
_struct_sheet_order.range_id_2   2 
_struct_sheet_order.offset       ? 
_struct_sheet_order.sense        anti-parallel 
# 
loop_
_struct_sheet_range.sheet_id 
_struct_sheet_range.id 
_struct_sheet_range.beg_label_comp_id 
_struct_sheet_range.beg_label_asym_id 
_struct_sheet_range.beg_label_seq_id 
_struct_sheet_range.pdbx_beg_PDB_ins_code 
_struct_sheet_range.end_label_comp_id 
_struct_sheet_range.end_label_asym_id 
_struct_sheet_range.end_label_seq_id 
_struct_sheet_range.pdbx_end_PDB_ins_code 
_struct_sheet_range.beg_auth_comp_id 
_struct_sheet_range.beg_auth_asym_id 
_struct_sheet_range.beg_auth_seq_id 
_struct_sheet_range.end_auth_comp_id 
_struct_sheet_range.end_auth_asym_id 
_struct_sheet_range.end_auth_seq_id 
A 1 VAL A 29 ? THR A 30 ? VAL A 27 THR A 28 
A 2 THR A 36 ? LEU A 37 ? THR A 34 LEU A 35 
# 
_pdbx_struct_sheet_hbond.sheet_id                A 
_pdbx_struct_sheet_hbond.range_id_1              1 
_pdbx_struct_sheet_hbond.range_id_2              2 
_pdbx_struct_sheet_hbond.range_1_label_atom_id   N 
_pdbx_struct_sheet_hbond.range_1_label_comp_id   VAL 
_pdbx_struct_sheet_hbond.range_1_label_asym_id   A 
_pdbx_struct_sheet_hbond.range_1_label_seq_id    29 
_pdbx_struct_sheet_hbond.range_1_PDB_ins_code    ? 
_pdbx_struct_sheet_hbond.range_1_auth_atom_id    N 
_pdbx_struct_sheet_hbond.range_1_auth_comp_id    VAL 
_pdbx_struct_sheet_hbond.range_1_auth_asym_id    A 
_pdbx_struct_sheet_hbond.range_1_auth_seq_id     27 
_pdbx_struct_sheet_hbond.range_2_label_atom_id   O 
_pdbx_struct_sheet_hbond.range_2_label_comp_id   LEU 
_pdbx_struct_sheet_hbond.range_2_label_asym_id   A 
_pdbx_struct_sheet_hbond.range_2_label_seq_id    37 
_pdbx_struct_sheet_hbond.range_2_PDB_ins_code    ? 
_pdbx_struct_sheet_hbond.range_2_auth_atom_id    O 
_pdbx_struct_sheet_hbond.range_2_auth_comp_id    LEU 
_pdbx_struct_sheet_hbond.range_2_auth_asym_id    A 
_pdbx_struct_sheet_hbond.range_2_auth_seq_id     35 
# 
loop_
_struct_site.id 
_struct_site.pdbx_evidence_code 
_struct_site.pdbx_auth_asym_id 
_struct_site.pdbx_auth_comp_id 
_struct_site.pdbx_auth_seq_id 
_struct_site.pdbx_auth_ins_code 
_struct_site.pdbx_num_residues 
_struct_site.details 
AC1 Software A ZN  601 ? 4  'BINDING SITE FOR RESIDUE ZN A 601'  
AC2 Software A ZN  602 ? 4  'BINDING SITE FOR RESIDUE ZN A 602'  
AC3 Software A MLI 701 ? 10 'BINDING SITE FOR RESIDUE MLI A 701' 
AC4 Software A MLI 702 ? 4  'BINDING SITE FOR RESIDUE MLI A 702' 
# 
loop_
_struct_site_gen.id 
_struct_site_gen.site_id 
_struct_site_gen.pdbx_num_res 
_struct_site_gen.label_comp_id 
_struct_site_gen.label_asym_id 
_struct_site_gen.label_seq_id 
_struct_site_gen.pdbx_auth_ins_code 
_struct_site_gen.auth_comp_id 
_struct_site_gen.auth_asym_id 
_struct_site_gen.auth_seq_id 
_struct_site_gen.label_atom_id 
_struct_site_gen.label_alt_id 
_struct_site_gen.symmetry 
_struct_site_gen.details 
1  AC1 4  CYS A 33 ? CYS A 31  . ? 1_555 ? 
2  AC1 4  HIS A 35 ? HIS A 33  . ? 1_555 ? 
3  AC1 4  CYS A 53 ? CYS A 51  . ? 1_555 ? 
4  AC1 4  CYS A 56 ? CYS A 54  . ? 1_555 ? 
5  AC2 4  CYS A 18 ? CYS A 16  . ? 1_555 ? 
6  AC2 4  CYS A 21 ? CYS A 19  . ? 1_555 ? 
7  AC2 4  CYS A 38 ? CYS A 36  . ? 1_555 ? 
8  AC2 4  CYS A 41 ? CYS A 39  . ? 1_555 ? 
9  AC3 10 SER A 12 ? SER A 10  . ? 1_555 ? 
10 AC3 10 LEU A 13 ? LEU A 11  . ? 1_555 ? 
11 AC3 10 ARG A 57 ? ARG A 55  . ? 6_455 ? 
12 AC3 10 ARG A 59 ? ARG A 57  . ? 4_455 ? 
13 AC3 10 VAL A 60 ? VAL A 58  . ? 4_455 ? 
14 AC3 10 SER A 61 ? SER A 59  . ? 4_455 ? 
15 AC3 10 SER A 62 ? SER A 60  . ? 4_455 ? 
16 AC3 10 TRP A 63 ? TRP A 61  . ? 4_455 ? 
17 AC3 10 HOH F .  ? HOH A 139 . ? 1_555 ? 
18 AC3 10 HOH F .  ? HOH A 140 . ? 1_555 ? 
19 AC4 4  HIS A 35 ? HIS A 33  . ? 1_555 ? 
20 AC4 4  THR A 36 ? THR A 34  . ? 1_555 ? 
21 AC4 4  PHE A 55 ? PHE A 53  . ? 1_555 ? 
22 AC4 4  HOH F .  ? HOH A 116 . ? 1_555 ? 
# 
_atom_sites.entry_id                    3L11 
_atom_sites.fract_transf_matrix[1][1]   0.01396277 
_atom_sites.fract_transf_matrix[1][2]   0.00802814 
_atom_sites.fract_transf_matrix[1][3]   0.01205504 
_atom_sites.fract_transf_matrix[2][1]   -0.01321487 
_atom_sites.fract_transf_matrix[2][2]   0.01391501 
_atom_sites.fract_transf_matrix[2][3]   0.00603934 
_atom_sites.fract_transf_matrix[3][1]   -0.00267528 
_atom_sites.fract_transf_matrix[3][2]   -0.00546515 
_atom_sites.fract_transf_matrix[3][3]   0.00673819 
_atom_sites.fract_transf_vector[1]      0.207577 
_atom_sites.fract_transf_vector[2]      0.425478 
_atom_sites.fract_transf_vector[3]      0.133943 
# 
loop_
_atom_type.symbol 
C  
N  
O  
S  
ZN 
# 
loop_
_atom_site.group_PDB 
_atom_site.id 
_atom_site.type_symbol 
_atom_site.label_atom_id 
_atom_site.label_alt_id 
_atom_site.label_comp_id 
_atom_site.label_asym_id 
_atom_site.label_entity_id 
_atom_site.label_seq_id 
_atom_site.pdbx_PDB_ins_code 
_atom_site.Cartn_x 
_atom_site.Cartn_y 
_atom_site.Cartn_z 
_atom_site.occupancy 
_atom_site.B_iso_or_equiv 
_atom_site.pdbx_formal_charge 
_atom_site.auth_seq_id 
_atom_site.auth_comp_id 
_atom_site.auth_asym_id 
_atom_site.auth_atom_id 
_atom_site.pdbx_PDB_model_num 
ATOM   1   N  N   . SER A 1 2   ? 2.717   -7.657  -9.497  1.00 53.71 ? 0   SER A N   1 
ATOM   2   C  CA  . SER A 1 2   ? 3.264   -7.538  -10.916 1.00 49.25 ? 0   SER A CA  1 
ATOM   3   C  C   . SER A 1 2   ? 2.207   -7.091  -11.935 1.00 50.02 ? 0   SER A C   1 
ATOM   4   O  O   . SER A 1 2   ? 2.159   -5.932  -12.270 1.00 51.68 ? 0   SER A O   1 
ATOM   5   C  CB  . SER A 1 2   ? 3.945   -8.833  -11.427 1.00 61.49 ? 0   SER A CB  1 
ATOM   6   O  OG  . SER A 1 2   ? 5.115   -9.180  -10.706 1.00 60.31 ? 0   SER A OG  1 
ATOM   7   N  N   . MET A 1 3   ? 1.360   -7.984  -12.460 1.00 49.94 ? 1   MET A N   1 
ATOM   8   C  CA  . MET A 1 3   ? 0.416   -7.540  -13.525 1.00 46.64 ? 1   MET A CA  1 
ATOM   9   C  C   . MET A 1 3   ? -1.077  -7.446  -13.118 1.00 42.69 ? 1   MET A C   1 
ATOM   10  O  O   . MET A 1 3   ? -1.464  -7.870  -12.008 1.00 38.88 ? 1   MET A O   1 
ATOM   11  C  CB  . MET A 1 3   ? 0.569   -8.393  -14.787 1.00 47.60 ? 1   MET A CB  1 
ATOM   12  C  CG  . MET A 1 3   ? 0.141   -9.832  -14.558 1.00 48.96 ? 1   MET A CG  1 
ATOM   13  S  SD  . MET A 1 3   ? 0.216   -10.604 -16.141 1.00 64.58 ? 1   MET A SD  1 
ATOM   14  C  CE  . MET A 1 3   ? -0.798  -9.467  -17.143 1.00 50.21 ? 1   MET A CE  1 
ATOM   15  N  N   . ALA A 1 4   ? -1.890  -6.911  -14.042 1.00 42.33 ? 2   ALA A N   1 
ATOM   16  C  CA  . ALA A 1 4   ? -3.329  -6.811  -13.928 1.00 38.06 ? 2   ALA A CA  1 
ATOM   17  C  C   . ALA A 1 4   ? -3.936  -8.144  -13.458 1.00 38.11 ? 2   ALA A C   1 
ATOM   18  O  O   . ALA A 1 4   ? -3.569  -9.222  -13.932 1.00 34.60 ? 2   ALA A O   1 
ATOM   19  C  CB  . ALA A 1 4   ? -3.929  -6.387  -15.244 1.00 36.99 ? 2   ALA A CB  1 
ATOM   20  N  N   . LEU A 1 5   ? -4.831  -8.043  -12.480 1.00 34.30 ? 3   LEU A N   1 
ATOM   21  C  CA  . LEU A 1 5   ? -5.611  -9.207  -12.045 1.00 34.70 ? 3   LEU A CA  1 
ATOM   22  C  C   . LEU A 1 5   ? -6.709  -9.343  -13.075 1.00 34.41 ? 3   LEU A C   1 
ATOM   23  O  O   . LEU A 1 5   ? -7.424  -8.372  -13.300 1.00 32.93 ? 3   LEU A O   1 
ATOM   24  C  CB  . LEU A 1 5   ? -6.265  -8.960  -10.675 1.00 33.57 ? 3   LEU A CB  1 
ATOM   25  C  CG  . LEU A 1 5   ? -7.043  -10.131 -10.064 1.00 31.76 ? 3   LEU A CG  1 
ATOM   26  C  CD1 . LEU A 1 5   ? -6.076  -11.283 -9.655  1.00 28.18 ? 3   LEU A CD1 1 
ATOM   27  C  CD2 . LEU A 1 5   ? -7.929  -9.620  -8.926  1.00 31.11 ? 3   LEU A CD2 1 
ATOM   28  N  N   . PRO A 1 6   ? -6.859  -10.541 -13.680 1.00 33.93 ? 4   PRO A N   1 
ATOM   29  C  CA  . PRO A 1 6   ? -7.890  -10.783 -14.694 1.00 33.67 ? 4   PRO A CA  1 
ATOM   30  C  C   . PRO A 1 6   ? -9.251  -10.541 -14.028 1.00 36.40 ? 4   PRO A C   1 
ATOM   31  O  O   . PRO A 1 6   ? -9.356  -10.655 -12.802 1.00 34.47 ? 4   PRO A O   1 
ATOM   32  C  CB  . PRO A 1 6   ? -7.715  -12.267 -15.018 1.00 33.97 ? 4   PRO A CB  1 
ATOM   33  C  CG  . PRO A 1 6   ? -6.270  -12.621 -14.580 1.00 33.35 ? 4   PRO A CG  1 
ATOM   34  C  CD  . PRO A 1 6   ? -6.072  -11.754 -13.363 1.00 35.43 ? 4   PRO A CD  1 
ATOM   35  N  N   . LYS A 1 7   ? -10.265 -10.200 -14.798 1.00 37.41 ? 5   LYS A N   1 
ATOM   36  C  CA  . LYS A 1 7   ? -11.614 -9.874  -14.273 1.00 41.68 ? 5   LYS A CA  1 
ATOM   37  C  C   . LYS A 1 7   ? -12.154 -11.061 -13.441 1.00 39.30 ? 5   LYS A C   1 
ATOM   38  O  O   . LYS A 1 7   ? -12.045 -12.221 -13.862 1.00 39.84 ? 5   LYS A O   1 
ATOM   39  C  CB  . LYS A 1 7   ? -12.587 -9.514  -15.428 1.00 44.47 ? 5   LYS A CB  1 
ATOM   40  C  CG  . LYS A 1 7   ? -14.108 -9.774  -15.103 1.00 48.16 ? 5   LYS A CG  1 
ATOM   41  C  CD  . LYS A 1 7   ? -15.112 -9.311  -16.214 1.00 57.02 ? 5   LYS A CD  1 
ATOM   42  C  CE  . LYS A 1 7   ? -15.902 -8.063  -15.761 1.00 58.42 ? 5   LYS A CE  1 
ATOM   43  N  NZ  . LYS A 1 7   ? -14.996 -7.137  -14.968 1.00 61.82 ? 5   LYS A NZ  1 
ATOM   44  N  N   . ASP A 1 8   ? -12.677 -10.768 -12.255 1.00 38.36 ? 6   ASP A N   1 
ATOM   45  C  CA  . ASP A 1 8   ? -13.243 -11.787 -11.360 1.00 40.83 ? 6   ASP A CA  1 
ATOM   46  C  C   . ASP A 1 8   ? -12.200 -12.803 -10.834 1.00 36.03 ? 6   ASP A C   1 
ATOM   47  O  O   . ASP A 1 8   ? -12.585 -13.748 -10.242 1.00 35.59 ? 6   ASP A O   1 
ATOM   48  C  CB  . ASP A 1 8   ? -14.355 -12.604 -12.040 1.00 41.59 ? 6   ASP A CB  1 
ATOM   49  C  CG  . ASP A 1 8   ? -15.525 -11.743 -12.496 1.00 47.72 ? 6   ASP A CG  1 
ATOM   50  O  OD1 . ASP A 1 8   ? -15.828 -10.708 -11.840 1.00 51.08 ? 6   ASP A OD1 1 
ATOM   51  O  OD2 . ASP A 1 8   ? -16.098 -12.073 -13.545 1.00 49.99 ? 6   ASP A OD2 1 
ATOM   52  N  N   . ALA A 1 9   ? -10.912 -12.629 -11.075 1.00 33.73 ? 7   ALA A N   1 
ATOM   53  C  CA  . ALA A 1 9   ? -9.979  -13.618 -10.600 1.00 30.38 ? 7   ALA A CA  1 
ATOM   54  C  C   . ALA A 1 9   ? -9.817  -13.400 -9.107  1.00 29.74 ? 7   ALA A C   1 
ATOM   55  O  O   . ALA A 1 9   ? -9.895  -12.271 -8.617  1.00 30.40 ? 7   ALA A O   1 
ATOM   56  C  CB  . ALA A 1 9   ? -8.666  -13.493 -11.298 1.00 29.47 ? 7   ALA A CB  1 
ATOM   57  N  N   . ILE A 1 10  ? -9.576  -14.479 -8.393  1.00 28.29 ? 8   ILE A N   1 
ATOM   58  C  CA  . ILE A 1 10  ? -9.189  -14.431 -6.967  1.00 26.55 ? 8   ILE A CA  1 
ATOM   59  C  C   . ILE A 1 10  ? -7.673  -14.141 -6.858  1.00 26.47 ? 8   ILE A C   1 
ATOM   60  O  O   . ILE A 1 10  ? -6.859  -14.921 -7.338  1.00 26.28 ? 8   ILE A O   1 
ATOM   61  C  CB  . ILE A 1 10  ? -9.603  -15.772 -6.243  1.00 26.00 ? 8   ILE A CB  1 
ATOM   62  C  CG1 . ILE A 1 10  ? -11.105 -16.043 -6.436  1.00 26.93 ? 8   ILE A CG1 1 
ATOM   63  C  CG2 . ILE A 1 10  ? -9.166  -15.753 -4.756  1.00 26.05 ? 8   ILE A CG2 1 
ATOM   64  C  CD1 . ILE A 1 10  ? -11.599 -17.360 -5.738  1.00 28.57 ? 8   ILE A CD1 1 
ATOM   65  N  N   . PRO A 1 11  ? -7.288  -13.033 -6.216  1.00 25.27 ? 9   PRO A N   1 
ATOM   66  C  CA  . PRO A 1 11  ? -5.853  -12.741 -6.132  1.00 25.22 ? 9   PRO A CA  1 
ATOM   67  C  C   . PRO A 1 11  ? -5.167  -13.610 -5.059  1.00 27.29 ? 9   PRO A C   1 
ATOM   68  O  O   . PRO A 1 11  ? -5.837  -14.071 -4.084  1.00 26.59 ? 9   PRO A O   1 
ATOM   69  C  CB  . PRO A 1 11  ? -5.838  -11.247 -5.825  1.00 24.97 ? 9   PRO A CB  1 
ATOM   70  C  CG  . PRO A 1 11  ? -7.106  -11.057 -4.915  1.00 25.20 ? 9   PRO A CG  1 
ATOM   71  C  CD  . PRO A 1 11  ? -8.127  -12.010 -5.584  1.00 25.94 ? 9   PRO A CD  1 
ATOM   72  N  N   . SER A 1 12  ? -3.879  -13.943 -5.235  1.00 27.69 ? 10  SER A N   1 
ATOM   73  C  CA  . SER A 1 12  ? -3.200  -14.675 -4.160  1.00 29.72 ? 10  SER A CA  1 
ATOM   74  C  C   . SER A 1 12  ? -3.063  -13.768 -2.916  1.00 29.70 ? 10  SER A C   1 
ATOM   75  O  O   . SER A 1 12  ? -3.019  -12.537 -3.028  1.00 27.94 ? 10  SER A O   1 
ATOM   76  C  CB  . SER A 1 12  ? -1.808  -15.169 -4.590  1.00 33.67 ? 10  SER A CB  1 
ATOM   77  O  OG  . SER A 1 12  ? -1.053  -14.044 -4.752  1.00 33.54 ? 10  SER A OG  1 
ATOM   78  N  N   . LEU A 1 13  ? -3.040  -14.394 -1.738  1.00 29.60 ? 11  LEU A N   1 
ATOM   79  C  CA  . LEU A 1 13  ? -2.780  -13.675 -0.523  1.00 30.74 ? 11  LEU A CA  1 
ATOM   80  C  C   . LEU A 1 13  ? -1.533  -12.837 -0.675  1.00 28.74 ? 11  LEU A C   1 
ATOM   81  O  O   . LEU A 1 13  ? -1.502  -11.687 -0.285  1.00 27.39 ? 11  LEU A O   1 
ATOM   82  C  CB  . LEU A 1 13  ? -2.498  -14.618 0.636   1.00 29.26 ? 11  LEU A CB  1 
ATOM   83  C  CG  . LEU A 1 13  ? -3.173  -14.273 1.966   1.00 34.03 ? 11  LEU A CG  1 
ATOM   84  C  CD1 . LEU A 1 13  ? -2.379  -14.997 3.029   1.00 28.17 ? 11  LEU A CD1 1 
ATOM   85  C  CD2 . LEU A 1 13  ? -3.465  -12.816 2.283   1.00 27.08 ? 11  LEU A CD2 1 
ATOM   86  N  N   . SER A 1 14  ? -0.516  -13.436 -1.243  1.00 29.11 ? 12  SER A N   1 
ATOM   87  C  CA  . SER A 1 14  ? 0.787   -12.816 -1.232  1.00 31.64 ? 12  SER A CA  1 
ATOM   88  C  C   . SER A 1 14  ? 0.823   -11.512 -2.073  1.00 30.81 ? 12  SER A C   1 
ATOM   89  O  O   . SER A 1 14  ? 1.458   -10.538 -1.685  1.00 32.26 ? 12  SER A O   1 
ATOM   90  C  CB  . SER A 1 14  ? 1.796   -13.884 -1.587  1.00 32.50 ? 12  SER A CB  1 
ATOM   91  O  OG  . SER A 1 14  ? 2.675   -13.340 -2.465  1.00 39.78 ? 12  SER A OG  1 
ATOM   92  N  N   . GLU A 1 15  ? -0.004  -11.435 -3.117  1.00 30.85 ? 13  GLU A N   1 
ATOM   93  C  CA  . GLU A 1 15  ? -0.234  -10.202 -3.843  1.00 30.07 ? 13  GLU A CA  1 
ATOM   94  C  C   . GLU A 1 15  ? -0.973  -9.184  -3.002  1.00 29.98 ? 13  GLU A C   1 
ATOM   95  O  O   . GLU A 1 15  ? -0.848  -7.981  -3.281  1.00 28.83 ? 13  GLU A O   1 
ATOM   96  C  CB  . GLU A 1 15  ? -1.032  -10.426 -5.152  1.00 31.71 ? 13  GLU A CB  1 
ATOM   97  C  CG  . GLU A 1 15  ? -0.171  -11.164 -6.235  1.00 33.47 ? 13  GLU A CG  1 
ATOM   98  C  CD  . GLU A 1 15  ? 0.980   -10.245 -6.713  1.00 43.18 ? 13  GLU A CD  1 
ATOM   99  O  OE1 . GLU A 1 15  ? 0.719   -9.255  -7.462  1.00 41.74 ? 13  GLU A OE1 1 
ATOM   100 O  OE2 . GLU A 1 15  ? 2.144   -10.505 -6.306  1.00 41.25 ? 13  GLU A OE2 1 
ATOM   101 N  N   . CYS A 1 16  ? -1.769  -9.642  -2.027  1.00 26.92 ? 14  CYS A N   1 
ATOM   102 C  CA  . CYS A 1 16  ? -2.609  -8.732  -1.217  1.00 26.78 ? 14  CYS A CA  1 
ATOM   103 C  C   . CYS A 1 16  ? -1.901  -8.280  0.049   1.00 26.11 ? 14  CYS A C   1 
ATOM   104 O  O   . CYS A 1 16  ? -2.475  -7.552  0.813   1.00 27.13 ? 14  CYS A O   1 
ATOM   105 C  CB  . CYS A 1 16  ? -3.948  -9.384  -0.863  1.00 24.74 ? 14  CYS A CB  1 
ATOM   106 S  SG  . CYS A 1 16  ? -4.981  -9.642  -2.357  1.00 24.93 ? 14  CYS A SG  1 
ATOM   107 N  N   . GLN A 1 17  ? -0.678  -8.727  0.280   1.00 26.04 ? 15  GLN A N   1 
ATOM   108 C  CA  . GLN A 1 17  ? 0.085   -8.320  1.467   1.00 27.30 ? 15  GLN A CA  1 
ATOM   109 C  C   . GLN A 1 17  ? 0.884   -7.039  1.163   1.00 29.21 ? 15  GLN A C   1 
ATOM   110 O  O   . GLN A 1 17  ? 1.361   -6.860  0.049   1.00 26.71 ? 15  GLN A O   1 
ATOM   111 C  CB  . GLN A 1 17  ? 1.067   -9.408  1.868   1.00 27.46 ? 15  GLN A CB  1 
ATOM   112 C  CG  . GLN A 1 17  ? 0.392   -10.592 2.574   1.00 32.08 ? 15  GLN A CG  1 
ATOM   113 C  CD  . GLN A 1 17  ? 1.405   -11.639 2.848   1.00 36.87 ? 15  GLN A CD  1 
ATOM   114 O  OE1 . GLN A 1 17  ? 1.522   -12.540 2.046   1.00 39.05 ? 15  GLN A OE1 1 
ATOM   115 N  NE2 . GLN A 1 17  ? 2.206   -11.498 3.946   1.00 31.23 ? 15  GLN A NE2 1 
ATOM   116 N  N   . CYS A 1 18  ? 1.054   -6.174  2.178   1.00 28.04 ? 16  CYS A N   1 
ATOM   117 C  CA  . CYS A 1 18  ? 1.806   -4.995  1.997   1.00 26.17 ? 16  CYS A CA  1 
ATOM   118 C  C   . CYS A 1 18  ? 3.270   -5.471  1.902   1.00 27.72 ? 16  CYS A C   1 
ATOM   119 O  O   . CYS A 1 18  ? 3.718   -6.243  2.720   1.00 28.12 ? 16  CYS A O   1 
ATOM   120 C  CB  . CYS A 1 18  ? 1.589   -4.138  3.198   1.00 28.30 ? 16  CYS A CB  1 
ATOM   121 S  SG  . CYS A 1 18  ? 2.656   -2.685  3.128   1.00 26.97 ? 16  CYS A SG  1 
ATOM   122 N  N   . GLY A 1 19  ? 4.000   -5.043  0.878   1.00 27.42 ? 17  GLY A N   1 
ATOM   123 C  CA  . GLY A 1 19  ? 5.428   -5.430  0.722   1.00 26.66 ? 17  GLY A CA  1 
ATOM   124 C  C   . GLY A 1 19  ? 6.335   -4.752  1.719   1.00 28.57 ? 17  GLY A C   1 
ATOM   125 O  O   . GLY A 1 19  ? 7.508   -5.047  1.783   1.00 28.58 ? 17  GLY A O   1 
ATOM   126 N  N   . ILE A 1 20  ? 5.816   -3.844  2.534   1.00 27.98 ? 18  ILE A N   1 
ATOM   127 C  CA  . ILE A 1 20  ? 6.663   -3.291  3.544   1.00 29.40 ? 18  ILE A CA  1 
ATOM   128 C  C   . ILE A 1 20  ? 6.518   -4.062  4.847   1.00 30.56 ? 18  ILE A C   1 
ATOM   129 O  O   . ILE A 1 20  ? 7.491   -4.434  5.460   1.00 31.12 ? 18  ILE A O   1 
ATOM   130 C  CB  . ILE A 1 20  ? 6.412   -1.769  3.701   1.00 29.79 ? 18  ILE A CB  1 
ATOM   131 C  CG1 . ILE A 1 20  ? 6.893   -1.057  2.441   1.00 30.17 ? 18  ILE A CG1 1 
ATOM   132 C  CG2 . ILE A 1 20  ? 7.121   -1.154  4.963   1.00 29.91 ? 18  ILE A CG2 1 
ATOM   133 C  CD1 . ILE A 1 20  ? 6.204   0.136   2.400   1.00 31.51 ? 18  ILE A CD1 1 
ATOM   134 N  N   . CYS A 1 21  ? 5.299   -4.320  5.281   1.00 30.56 ? 19  CYS A N   1 
ATOM   135 C  CA  . CYS A 1 21  ? 5.138   -4.769  6.639   1.00 30.84 ? 19  CYS A CA  1 
ATOM   136 C  C   . CYS A 1 21  ? 4.656   -6.220  6.600   1.00 32.47 ? 19  CYS A C   1 
ATOM   137 O  O   . CYS A 1 21  ? 4.534   -6.796  7.636   1.00 31.33 ? 19  CYS A O   1 
ATOM   138 C  CB  . CYS A 1 21  ? 4.151   -3.860  7.397   1.00 30.73 ? 19  CYS A CB  1 
ATOM   139 S  SG  . CYS A 1 21  ? 2.423   -4.015  6.693   1.00 29.45 ? 19  CYS A SG  1 
ATOM   140 N  N   . MET A 1 22  ? 4.388   -6.783  5.406   1.00 31.51 ? 20  MET A N   1 
ATOM   141 C  CA  . MET A 1 22  ? 3.842   -8.147  5.229   1.00 32.29 ? 20  MET A CA  1 
ATOM   142 C  C   . MET A 1 22  ? 2.449   -8.393  5.795   1.00 32.45 ? 20  MET A C   1 
ATOM   143 O  O   . MET A 1 22  ? 1.995   -9.520  5.739   1.00 31.96 ? 20  MET A O   1 
ATOM   144 C  CB  . MET A 1 22  ? 4.689   -9.271  5.850   1.00 33.15 ? 20  MET A CB  1 
ATOM   145 C  CG  . MET A 1 22  ? 6.082   -9.567  5.285   1.00 37.98 ? 20  MET A CG  1 
ATOM   146 S  SD  . MET A 1 22  ? 6.353   -8.870  3.671   1.00 52.39 ? 20  MET A SD  1 
ATOM   147 C  CE  . MET A 1 22  ? 5.371   -9.746  2.419   1.00 35.99 ? 20  MET A CE  1 
ATOM   148 N  N   . GLU A 1 23  ? 1.775   -7.411  6.385   1.00 31.29 ? 21  GLU A N   1 
ATOM   149 C  CA  . GLU A 1 23  ? 0.378   -7.613  6.795   1.00 30.28 ? 21  GLU A CA  1 
ATOM   150 C  C   . GLU A 1 23  ? -0.488  -7.507  5.529   1.00 29.23 ? 21  GLU A C   1 
ATOM   151 O  O   . GLU A 1 23  ? -0.062  -6.888  4.555   1.00 27.77 ? 21  GLU A O   1 
ATOM   152 C  CB  . GLU A 1 23  ? -0.047  -6.554  7.808   1.00 31.28 ? 21  GLU A CB  1 
ATOM   153 C  CG  . GLU A 1 23  ? 0.860   -6.512  9.057   1.00 32.56 ? 21  GLU A CG  1 
ATOM   154 C  CD  . GLU A 1 23  ? 0.790   -7.825  9.851   1.00 36.39 ? 21  GLU A CD  1 
ATOM   155 O  OE1 . GLU A 1 23  ? -0.238  -8.534  9.829   1.00 38.73 ? 21  GLU A OE1 1 
ATOM   156 O  OE2 . GLU A 1 23  ? 1.768   -8.168  10.496  1.00 39.17 ? 21  GLU A OE2 1 
ATOM   157 N  N   . ILE A 1 24  ? -1.693  -8.088  5.549   1.00 29.01 ? 22  ILE A N   1 
ATOM   158 C  CA  . ILE A 1 24  ? -2.710  -7.787  4.518   1.00 26.05 ? 22  ILE A CA  1 
ATOM   159 C  C   . ILE A 1 24  ? -2.749  -6.235  4.284   1.00 28.72 ? 22  ILE A C   1 
ATOM   160 O  O   . ILE A 1 24  ? -2.672  -5.419  5.219   1.00 29.63 ? 22  ILE A O   1 
ATOM   161 C  CB  . ILE A 1 24  ? -4.116  -8.326  4.912   1.00 28.41 ? 22  ILE A CB  1 
ATOM   162 C  CG1 . ILE A 1 24  ? -5.102  -8.268  3.737   1.00 27.24 ? 22  ILE A CG1 1 
ATOM   163 C  CG2 . ILE A 1 24  ? -4.753  -7.546  6.042   1.00 26.82 ? 22  ILE A CG2 1 
ATOM   164 C  CD1 . ILE A 1 24  ? -5.028  -9.479  2.841   1.00 27.59 ? 22  ILE A CD1 1 
ATOM   165 N  N   . LEU A 1 25  ? -2.852  -5.834  3.022   1.00 28.73 ? 23  LEU A N   1 
ATOM   166 C  CA  . LEU A 1 25  ? -2.931  -4.460  2.633   1.00 29.40 ? 23  LEU A CA  1 
ATOM   167 C  C   . LEU A 1 25  ? -4.229  -3.862  3.185   1.00 30.16 ? 23  LEU A C   1 
ATOM   168 O  O   . LEU A 1 25  ? -5.315  -4.368  2.894   1.00 35.69 ? 23  LEU A O   1 
ATOM   169 C  CB  . LEU A 1 25  ? -2.974  -4.498  1.113   1.00 29.54 ? 23  LEU A CB  1 
ATOM   170 C  CG  . LEU A 1 25  ? -2.042  -3.811  0.135   1.00 30.55 ? 23  LEU A CG  1 
ATOM   171 C  CD1 . LEU A 1 25  ? -0.774  -3.139  0.702   1.00 27.92 ? 23  LEU A CD1 1 
ATOM   172 C  CD2 . LEU A 1 25  ? -1.832  -4.617  -1.148  1.00 27.67 ? 23  LEU A CD2 1 
ATOM   173 N  N   . VAL A 1 26  ? -4.158  -2.821  4.001   1.00 29.67 ? 24  VAL A N   1 
ATOM   174 C  CA  . VAL A 1 26  ? -5.361  -2.149  4.478   1.00 30.46 ? 24  VAL A CA  1 
ATOM   175 C  C   . VAL A 1 26  ? -5.355  -0.719  3.879   1.00 29.51 ? 24  VAL A C   1 
ATOM   176 O  O   . VAL A 1 26  ? -4.290  -0.077  3.885   1.00 27.96 ? 24  VAL A O   1 
ATOM   177 C  CB  . VAL A 1 26  ? -5.432  -2.205  6.033   1.00 29.70 ? 24  VAL A CB  1 
ATOM   178 C  CG1 . VAL A 1 26  ? -6.363  -1.129  6.576   1.00 34.14 ? 24  VAL A CG1 1 
ATOM   179 C  CG2 . VAL A 1 26  ? -5.933  -3.641  6.462   1.00 32.81 ? 24  VAL A CG2 1 
ATOM   180 N  N   . GLU A 1 27  ? -6.507  -0.250  3.343   1.00 28.28 ? 25  GLU A N   1 
ATOM   181 C  CA  . GLU A 1 27  ? -6.603  1.077   2.729   1.00 28.15 ? 25  GLU A CA  1 
ATOM   182 C  C   . GLU A 1 27  ? -5.375  1.292   1.848   1.00 26.77 ? 25  GLU A C   1 
ATOM   183 O  O   . GLU A 1 27  ? -4.581  2.199   2.078   1.00 27.48 ? 25  GLU A O   1 
ATOM   184 C  CB  . GLU A 1 27  ? -6.703  2.121   3.828   1.00 30.63 ? 25  GLU A CB  1 
ATOM   185 C  CG  . GLU A 1 27  ? -8.086  2.122   4.444   1.00 34.98 ? 25  GLU A CG  1 
ATOM   186 C  CD  . GLU A 1 27  ? -8.217  3.209   5.478   1.00 38.68 ? 25  GLU A CD  1 
ATOM   187 O  OE1 . GLU A 1 27  ? -7.387  3.256   6.396   1.00 42.87 ? 25  GLU A OE1 1 
ATOM   188 O  OE2 . GLU A 1 27  ? -9.135  4.033   5.382   1.00 45.77 ? 25  GLU A OE2 1 
ATOM   189 N  N   . PRO A 1 28  ? -5.179  0.410   0.851   1.00 25.75 ? 26  PRO A N   1 
ATOM   190 C  CA  . PRO A 1 28  ? -3.950  0.458   0.076   1.00 24.96 ? 26  PRO A CA  1 
ATOM   191 C  C   . PRO A 1 28  ? -3.771  1.829   -0.631  1.00 25.04 ? 26  PRO A C   1 
ATOM   192 O  O   . PRO A 1 28  ? -4.739  2.382   -1.147  1.00 24.95 ? 26  PRO A O   1 
ATOM   193 C  CB  . PRO A 1 28  ? -4.148  -0.683  -0.971  1.00 25.70 ? 26  PRO A CB  1 
ATOM   194 C  CG  . PRO A 1 28  ? -5.568  -0.974  -0.974  1.00 23.64 ? 26  PRO A CG  1 
ATOM   195 C  CD  . PRO A 1 28  ? -6.075  -0.667  0.386   1.00 25.27 ? 26  PRO A CD  1 
ATOM   196 N  N   . VAL A 1 29  ? -2.540  2.347   -0.595  1.00 23.54 ? 27  VAL A N   1 
ATOM   197 C  CA  . VAL A 1 29  ? -2.154  3.547   -1.309  1.00 23.01 ? 27  VAL A CA  1 
ATOM   198 C  C   . VAL A 1 29  ? -1.247  3.136   -2.473  1.00 21.94 ? 27  VAL A C   1 
ATOM   199 O  O   . VAL A 1 29  ? -0.221  2.502   -2.258  1.00 22.47 ? 27  VAL A O   1 
ATOM   200 C  CB  . VAL A 1 29  ? -1.393  4.533   -0.359  1.00 23.38 ? 27  VAL A CB  1 
ATOM   201 C  CG1 . VAL A 1 29  ? -0.965  5.755   -1.168  1.00 23.59 ? 27  VAL A CG1 1 
ATOM   202 C  CG2 . VAL A 1 29  ? -2.315  4.993   0.758   1.00 23.06 ? 27  VAL A CG2 1 
ATOM   203 N  N   . THR A 1 30  ? -1.656  3.458   -3.687  1.00 21.47 ? 28  THR A N   1 
ATOM   204 C  CA  . THR A 1 30  ? -0.854  3.143   -4.877  1.00 22.45 ? 28  THR A CA  1 
ATOM   205 C  C   . THR A 1 30  ? -0.248  4.468   -5.343  1.00 22.49 ? 28  THR A C   1 
ATOM   206 O  O   . THR A 1 30  ? -0.983  5.444   -5.673  1.00 21.57 ? 28  THR A O   1 
ATOM   207 C  CB  . THR A 1 30  ? -1.773  2.512   -6.006  1.00 22.47 ? 28  THR A CB  1 
ATOM   208 O  OG1 . THR A 1 30  ? -2.298  1.289   -5.497  1.00 23.63 ? 28  THR A OG1 1 
ATOM   209 C  CG2 . THR A 1 30  ? -0.994  2.207   -7.349  1.00 22.26 ? 28  THR A CG2 1 
ATOM   210 N  N   . LEU A 1 31  ? 1.073   4.486   -5.340  1.00 21.83 ? 29  LEU A N   1 
ATOM   211 C  CA  . LEU A 1 31  ? 1.859   5.632   -5.712  1.00 21.46 ? 29  LEU A CA  1 
ATOM   212 C  C   . LEU A 1 31  ? 1.811   5.738   -7.219  1.00 22.31 ? 29  LEU A C   1 
ATOM   213 O  O   . LEU A 1 31  ? 1.399   4.799   -7.866  1.00 22.19 ? 29  LEU A O   1 
ATOM   214 C  CB  . LEU A 1 31  ? 3.274   5.458   -5.228  1.00 20.91 ? 29  LEU A CB  1 
ATOM   215 C  CG  . LEU A 1 31  ? 3.272   5.353   -3.689  1.00 23.69 ? 29  LEU A CG  1 
ATOM   216 C  CD1 . LEU A 1 31  ? 4.681   5.299   -3.070  1.00 22.03 ? 29  LEU A CD1 1 
ATOM   217 C  CD2 . LEU A 1 31  ? 2.516   6.531   -3.120  1.00 21.74 ? 29  LEU A CD2 1 
ATOM   218 N  N   . PRO A 1 32  ? 2.209   6.898   -7.792  1.00 22.09 ? 30  PRO A N   1 
ATOM   219 C  CA  . PRO A 1 32  ? 1.975   7.008   -9.216  1.00 22.98 ? 30  PRO A CA  1 
ATOM   220 C  C   . PRO A 1 32  ? 2.952   6.178   -10.072 1.00 23.97 ? 30  PRO A C   1 
ATOM   221 O  O   . PRO A 1 32  ? 2.675   5.989   -11.234 1.00 22.87 ? 30  PRO A O   1 
ATOM   222 C  CB  . PRO A 1 32  ? 2.084   8.519   -9.502  1.00 23.99 ? 30  PRO A CB  1 
ATOM   223 C  CG  . PRO A 1 32  ? 3.032   9.016   -8.442  1.00 22.54 ? 30  PRO A CG  1 
ATOM   224 C  CD  . PRO A 1 32  ? 2.570   8.189   -7.177  1.00 23.10 ? 30  PRO A CD  1 
ATOM   225 N  N   . CYS A 1 33  ? 4.049   5.699   -9.468  1.00 23.66 ? 31  CYS A N   1 
ATOM   226 C  CA  . CYS A 1 33  ? 4.904   4.701   -10.031 1.00 23.94 ? 31  CYS A CA  1 
ATOM   227 C  C   . CYS A 1 33  ? 4.299   3.266   -9.991  1.00 26.37 ? 31  CYS A C   1 
ATOM   228 O  O   . CYS A 1 33  ? 4.937   2.322   -10.389 1.00 27.34 ? 31  CYS A O   1 
ATOM   229 C  CB  . CYS A 1 33  ? 6.196   4.750   -9.242  1.00 25.55 ? 31  CYS A CB  1 
ATOM   230 S  SG  . CYS A 1 33  ? 5.874   4.454   -7.452  1.00 23.47 ? 31  CYS A SG  1 
ATOM   231 N  N   . ASN A 1 34  ? 3.048   3.130   -9.547  1.00 26.39 ? 32  ASN A N   1 
ATOM   232 C  CA  . ASN A 1 34  ? 2.316   1.877   -9.421  1.00 27.56 ? 32  ASN A CA  1 
ATOM   233 C  C   . ASN A 1 34  ? 2.779   0.950   -8.341  1.00 27.13 ? 32  ASN A C   1 
ATOM   234 O  O   . ASN A 1 34  ? 2.359   -0.170  -8.338  1.00 27.14 ? 32  ASN A O   1 
ATOM   235 C  CB  . ASN A 1 34  ? 2.160   1.128   -10.729 1.00 28.23 ? 32  ASN A CB  1 
ATOM   236 C  CG  . ASN A 1 34  ? 1.469   1.949   -11.704 1.00 35.06 ? 32  ASN A CG  1 
ATOM   237 O  OD1 . ASN A 1 34  ? 2.066   2.335   -12.731 1.00 37.59 ? 32  ASN A OD1 1 
ATOM   238 N  ND2 . ASN A 1 34  ? 0.258   2.406   -11.338 1.00 33.88 ? 32  ASN A ND2 1 
ATOM   239 N  N   . HIS A 1 35  ? 3.572   1.432   -7.392  1.00 26.48 ? 33  HIS A N   1 
ATOM   240 C  CA  . HIS A 1 35  ? 3.852   0.598   -6.226  1.00 26.39 ? 33  HIS A CA  1 
ATOM   241 C  C   . HIS A 1 35  ? 2.801   0.893   -5.183  1.00 25.27 ? 33  HIS A C   1 
ATOM   242 O  O   . HIS A 1 35  ? 2.353   2.038   -5.014  1.00 22.99 ? 33  HIS A O   1 
ATOM   243 C  CB  . HIS A 1 35  ? 5.259   0.847   -5.728  1.00 24.21 ? 33  HIS A CB  1 
ATOM   244 C  CG  . HIS A 1 35  ? 6.302   0.462   -6.727  1.00 26.65 ? 33  HIS A CG  1 
ATOM   245 N  ND1 . HIS A 1 35  ? 7.172   1.369   -7.305  1.00 25.46 ? 33  HIS A ND1 1 
ATOM   246 C  CD2 . HIS A 1 35  ? 6.591   -0.741  -7.288  1.00 27.11 ? 33  HIS A CD2 1 
ATOM   247 C  CE1 . HIS A 1 35  ? 7.928   0.754   -8.192  1.00 27.63 ? 33  HIS A CE1 1 
ATOM   248 N  NE2 . HIS A 1 35  ? 7.581   -0.521  -8.219  1.00 30.38 ? 33  HIS A NE2 1 
ATOM   249 N  N   . THR A 1 36  ? 2.424   -0.139  -4.457  1.00 25.23 ? 34  THR A N   1 
ATOM   250 C  CA  . THR A 1 36  ? 1.398   -0.025  -3.462  1.00 24.53 ? 34  THR A CA  1 
ATOM   251 C  C   . THR A 1 36  ? 1.920   -0.380  -2.076  1.00 23.19 ? 34  THR A C   1 
ATOM   252 O  O   . THR A 1 36  ? 2.808   -1.219  -1.923  1.00 24.67 ? 34  THR A O   1 
ATOM   253 C  CB  . THR A 1 36  ? 0.225   -0.921  -3.870  1.00 23.74 ? 34  THR A CB  1 
ATOM   254 O  OG1 . THR A 1 36  ? -0.355  -0.304  -5.016  1.00 22.95 ? 34  THR A OG1 1 
ATOM   255 C  CG2 . THR A 1 36  ? -0.838  -0.878  -2.868  1.00 23.02 ? 34  THR A CG2 1 
ATOM   256 N  N   . LEU A 1 37  ? 1.399   0.293   -1.078  1.00 22.91 ? 35  LEU A N   1 
ATOM   257 C  CA  . LEU A 1 37  ? 1.676   -0.092  0.298   1.00 23.93 ? 35  LEU A CA  1 
ATOM   258 C  C   . LEU A 1 37  ? 0.451   0.237   1.200   1.00 24.42 ? 35  LEU A C   1 
ATOM   259 O  O   . LEU A 1 37  ? -0.459  0.991   0.780   1.00 23.93 ? 35  LEU A O   1 
ATOM   260 C  CB  . LEU A 1 37  ? 2.975   0.596   0.793   1.00 25.27 ? 35  LEU A CB  1 
ATOM   261 C  CG  . LEU A 1 37  ? 2.863   2.064   1.176   1.00 24.99 ? 35  LEU A CG  1 
ATOM   262 C  CD1 . LEU A 1 37  ? 4.139   2.563   1.821   1.00 27.25 ? 35  LEU A CD1 1 
ATOM   263 C  CD2 . LEU A 1 37  ? 2.643   2.871   -0.149  1.00 25.70 ? 35  LEU A CD2 1 
ATOM   264 N  N   . CYS A 1 38  ? 0.358   -0.341  2.403   1.00 24.30 ? 36  CYS A N   1 
ATOM   265 C  CA  . CYS A 1 38  ? -0.860  -0.118  3.181   1.00 24.46 ? 36  CYS A CA  1 
ATOM   266 C  C   . CYS A 1 38  ? -0.820  1.332   3.676   1.00 27.79 ? 36  CYS A C   1 
ATOM   267 O  O   . CYS A 1 38  ? 0.268   1.921   3.785   1.00 26.44 ? 36  CYS A O   1 
ATOM   268 C  CB  . CYS A 1 38  ? -0.977  -1.096  4.363   1.00 25.27 ? 36  CYS A CB  1 
ATOM   269 S  SG  . CYS A 1 38  ? 0.401   -0.979  5.595   1.00 26.67 ? 36  CYS A SG  1 
ATOM   270 N  N   . LYS A 1 39  ? -1.981  1.901   4.016   1.00 26.85 ? 37  LYS A N   1 
ATOM   271 C  CA  . LYS A 1 39  ? -2.006  3.274   4.499   1.00 28.81 ? 37  LYS A CA  1 
ATOM   272 C  C   . LYS A 1 39  ? -1.134  3.474   5.759   1.00 29.06 ? 37  LYS A C   1 
ATOM   273 O  O   . LYS A 1 39  ? -0.333  4.425   5.789   1.00 31.58 ? 37  LYS A O   1 
ATOM   274 C  CB  . LYS A 1 39  ? -3.453  3.733   4.696   1.00 30.58 ? 37  LYS A CB  1 
ATOM   275 C  CG  . LYS A 1 39  ? -3.619  5.080   5.317   1.00 32.35 ? 37  LYS A CG  1 
ATOM   276 C  CD  . LYS A 1 39  ? -4.142  6.071   4.347   1.00 34.91 ? 37  LYS A CD  1 
ATOM   277 C  CE  . LYS A 1 39  ? -5.422  6.683   5.012   1.00 46.41 ? 37  LYS A CE  1 
ATOM   278 N  NZ  . LYS A 1 39  ? -6.065  7.857   4.251   1.00 45.51 ? 37  LYS A NZ  1 
ATOM   279 N  N   . PRO A 1 40  ? -1.258  2.598   6.796   1.00 30.33 ? 38  PRO A N   1 
ATOM   280 C  CA  . PRO A 1 40  ? -0.275  2.771   7.880   1.00 30.74 ? 38  PRO A CA  1 
ATOM   281 C  C   . PRO A 1 40  ? 1.197   2.840   7.422   1.00 30.59 ? 38  PRO A C   1 
ATOM   282 O  O   . PRO A 1 40  ? 1.949   3.709   7.889   1.00 32.14 ? 38  PRO A O   1 
ATOM   283 C  CB  . PRO A 1 40  ? -0.508  1.561   8.787   1.00 29.77 ? 38  PRO A CB  1 
ATOM   284 C  CG  . PRO A 1 40  ? -2.008  1.268   8.614   1.00 31.38 ? 38  PRO A CG  1 
ATOM   285 C  CD  . PRO A 1 40  ? -2.279  1.557   7.123   1.00 28.65 ? 38  PRO A CD  1 
ATOM   286 N  N   . CYS A 1 41  ? 1.647   1.944   6.566   1.00 28.98 ? 39  CYS A N   1 
ATOM   287 C  CA  . CYS A 1 41  ? 3.022   2.059   6.040   1.00 28.48 ? 39  CYS A CA  1 
ATOM   288 C  C   . CYS A 1 41  ? 3.303   3.346   5.269   1.00 30.69 ? 39  CYS A C   1 
ATOM   289 O  O   . CYS A 1 41  ? 4.396   3.929   5.362   1.00 31.04 ? 39  CYS A O   1 
ATOM   290 C  CB  . CYS A 1 41  ? 3.402   0.858   5.197   1.00 29.20 ? 39  CYS A CB  1 
ATOM   291 S  SG  . CYS A 1 41  ? 3.824   -0.565  6.258   1.00 30.20 ? 39  CYS A SG  1 
ATOM   292 N  N   . PHE A 1 42  ? 2.333   3.796   4.494   1.00 29.37 ? 40  PHE A N   1 
ATOM   293 C  CA  . PHE A 1 42  ? 2.491   5.033   3.757   1.00 29.39 ? 40  PHE A CA  1 
ATOM   294 C  C   . PHE A 1 42  ? 2.719   6.164   4.748   1.00 31.66 ? 40  PHE A C   1 
ATOM   295 O  O   . PHE A 1 42  ? 3.528   7.027   4.485   1.00 31.25 ? 40  PHE A O   1 
ATOM   296 C  CB  . PHE A 1 42  ? 1.243   5.299   2.920   1.00 28.13 ? 40  PHE A CB  1 
ATOM   297 C  CG  . PHE A 1 42  ? 1.223   6.636   2.289   1.00 29.15 ? 40  PHE A CG  1 
ATOM   298 C  CD1 . PHE A 1 42  ? 1.952   6.883   1.114   1.00 28.55 ? 40  PHE A CD1 1 
ATOM   299 C  CD2 . PHE A 1 42  ? 0.493   7.696   2.866   1.00 30.00 ? 40  PHE A CD2 1 
ATOM   300 C  CE1 . PHE A 1 42  ? 1.946   8.154   0.491   1.00 28.23 ? 40  PHE A CE1 1 
ATOM   301 C  CE2 . PHE A 1 42  ? 0.472   8.977   2.195   1.00 30.33 ? 40  PHE A CE2 1 
ATOM   302 C  CZ  . PHE A 1 42  ? 1.217   9.182   1.047   1.00 26.86 ? 40  PHE A CZ  1 
ATOM   303 N  N   . GLN A 1 43  ? 1.983   6.179   5.862   1.00 32.55 ? 41  GLN A N   1 
ATOM   304 C  CA  . GLN A 1 43  ? 2.107   7.295   6.780   1.00 35.73 ? 41  GLN A CA  1 
ATOM   305 C  C   . GLN A 1 43  ? 3.535   7.254   7.387   1.00 37.60 ? 41  GLN A C   1 
ATOM   306 O  O   . GLN A 1 43  ? 4.253   8.262   7.378   1.00 40.21 ? 41  GLN A O   1 
ATOM   307 C  CB  . GLN A 1 43  ? 0.986   7.284   7.809   1.00 38.18 ? 41  GLN A CB  1 
ATOM   308 C  CG  . GLN A 1 43  ? -0.396  7.658   7.165   1.00 39.12 ? 41  GLN A CG  1 
ATOM   309 C  CD  . GLN A 1 43  ? -1.624  7.163   7.980   1.00 40.99 ? 41  GLN A CD  1 
ATOM   310 O  OE1 . GLN A 1 43  ? -1.548  6.164   8.703   1.00 45.16 ? 41  GLN A OE1 1 
ATOM   311 N  NE2 . GLN A 1 43  ? -2.776  7.795   7.778   1.00 40.81 ? 41  GLN A NE2 1 
ATOM   312 N  N   . SER A 1 44  ? 4.010   6.070   7.756   1.00 35.44 ? 42  SER A N   1 
ATOM   313 C  CA  . SER A 1 44  ? 5.329   5.919   8.363   1.00 38.42 ? 42  SER A CA  1 
ATOM   314 C  C   . SER A 1 44  ? 6.542   6.007   7.475   1.00 37.28 ? 42  SER A C   1 
ATOM   315 O  O   . SER A 1 44  ? 7.598   6.519   7.889   1.00 39.85 ? 42  SER A O   1 
ATOM   316 C  CB  . SER A 1 44  ? 5.440   4.540   8.995   1.00 38.48 ? 42  SER A CB  1 
ATOM   317 O  OG  . SER A 1 44  ? 4.466   4.435   9.964   1.00 42.66 ? 42  SER A OG  1 
ATOM   318 N  N   . THR A 1 45  ? 6.474   5.365   6.333   1.00 34.37 ? 43  THR A N   1 
ATOM   319 C  CA  . THR A 1 45  ? 7.668   5.224   5.542   1.00 35.16 ? 43  THR A CA  1 
ATOM   320 C  C   . THR A 1 45  ? 7.664   6.279   4.468   1.00 37.04 ? 43  THR A C   1 
ATOM   321 O  O   . THR A 1 45  ? 8.673   6.417   3.761   1.00 33.45 ? 43  THR A O   1 
ATOM   322 C  CB  . THR A 1 45  ? 7.816   3.798   4.900   1.00 36.13 ? 43  THR A CB  1 
ATOM   323 O  OG1 . THR A 1 45  ? 6.732   3.569   4.005   1.00 36.90 ? 43  THR A OG1 1 
ATOM   324 C  CG2 . THR A 1 45  ? 7.723   2.756   5.943   1.00 36.34 ? 43  THR A CG2 1 
ATOM   325 N  N   . VAL A 1 46  ? 6.554   7.019   4.311   1.00 34.19 ? 44  VAL A N   1 
ATOM   326 C  CA  . VAL A 1 46  ? 6.495   7.979   3.185   1.00 32.15 ? 44  VAL A CA  1 
ATOM   327 C  C   . VAL A 1 46  ? 6.109   9.385   3.669   1.00 35.96 ? 44  VAL A C   1 
ATOM   328 O  O   . VAL A 1 46  ? 6.880   10.325  3.534   1.00 37.68 ? 44  VAL A O   1 
ATOM   329 C  CB  . VAL A 1 46  ? 5.525   7.525   2.035   1.00 31.33 ? 44  VAL A CB  1 
ATOM   330 C  CG1 . VAL A 1 46  ? 5.443   8.574   0.961   1.00 30.39 ? 44  VAL A CG1 1 
ATOM   331 C  CG2 . VAL A 1 46  ? 5.970   6.228   1.402   1.00 29.71 ? 44  VAL A CG2 1 
ATOM   332 N  N   . GLU A 1 47  ? 4.902   9.503   4.203   1.00 35.18 ? 45  GLU A N   1 
ATOM   333 C  CA  . GLU A 1 47  ? 4.265   10.773  4.474   1.00 40.52 ? 45  GLU A CA  1 
ATOM   334 C  C   . GLU A 1 47  ? 5.036   11.467  5.585   1.00 43.59 ? 45  GLU A C   1 
ATOM   335 O  O   . GLU A 1 47  ? 5.301   12.657  5.494   1.00 43.45 ? 45  GLU A O   1 
ATOM   336 C  CB  . GLU A 1 47  ? 2.818   10.532  4.842   1.00 39.56 ? 45  GLU A CB  1 
ATOM   337 C  CG  . GLU A 1 47  ? 2.110   11.767  5.275   1.00 49.18 ? 45  GLU A CG  1 
ATOM   338 C  CD  . GLU A 1 47  ? 0.578   11.664  5.106   1.00 54.72 ? 45  GLU A CD  1 
ATOM   339 O  OE1 . GLU A 1 47  ? -0.038  10.626  5.456   1.00 55.66 ? 45  GLU A OE1 1 
ATOM   340 O  OE2 . GLU A 1 47  ? -0.030  12.632  4.597   1.00 62.68 ? 45  GLU A OE2 1 
ATOM   341 N  N   . LYS A 1 48  ? 5.469   10.676  6.572   1.00 42.16 ? 46  LYS A N   1 
ATOM   342 C  CA  . LYS A 1 48  ? 6.197   11.174  7.703   1.00 49.49 ? 46  LYS A CA  1 
ATOM   343 C  C   . LYS A 1 48  ? 7.728   10.944  7.582   1.00 50.83 ? 46  LYS A C   1 
ATOM   344 O  O   . LYS A 1 48  ? 8.470   11.228  8.524   1.00 52.49 ? 46  LYS A O   1 
ATOM   345 C  CB  . LYS A 1 48  ? 5.586   10.631  9.036   1.00 47.31 ? 46  LYS A CB  1 
ATOM   346 C  CG  . LYS A 1 48  ? 5.003   11.728  9.969   1.00 58.02 ? 46  LYS A CG  1 
ATOM   347 C  CD  . LYS A 1 48  ? 6.191   12.615  10.643  1.00 65.38 ? 46  LYS A CD  1 
ATOM   348 C  CE  . LYS A 1 48  ? 5.798   13.525  11.834  1.00 65.20 ? 46  LYS A CE  1 
ATOM   349 N  NZ  . LYS A 1 48  ? 5.267   12.740  12.984  1.00 66.08 ? 46  LYS A NZ  1 
ATOM   350 N  N   . ALA A 1 49  ? 8.203   10.431  6.447   1.00 45.89 ? 47  ALA A N   1 
ATOM   351 C  CA  . ALA A 1 49  ? 9.661   10.297  6.205   1.00 45.64 ? 47  ALA A CA  1 
ATOM   352 C  C   . ALA A 1 49  ? 10.055  11.145  5.006   1.00 44.12 ? 47  ALA A C   1 
ATOM   353 O  O   . ALA A 1 49  ? 9.834   12.340  5.023   1.00 42.20 ? 47  ALA A O   1 
ATOM   354 C  CB  . ALA A 1 49  ? 10.112  8.827   6.032   1.00 43.75 ? 47  ALA A CB  1 
ATOM   355 N  N   . SER A 1 50  ? 10.643  10.573  3.967   1.00 41.19 ? 48  SER A N   1 
ATOM   356 C  CA  . SER A 1 50  ? 11.104  11.505  2.951   1.00 43.80 ? 48  SER A CA  1 
ATOM   357 C  C   . SER A 1 50  ? 10.263  11.614  1.702   1.00 36.52 ? 48  SER A C   1 
ATOM   358 O  O   . SER A 1 50  ? 10.747  12.143  0.739   1.00 36.59 ? 48  SER A O   1 
ATOM   359 C  CB  . SER A 1 50  ? 12.624  11.476  2.669   1.00 43.42 ? 48  SER A CB  1 
ATOM   360 O  OG  . SER A 1 50  ? 12.952  10.308  1.914   1.00 50.69 ? 48  SER A OG  1 
ATOM   361 N  N   . LEU A 1 51  ? 9.012   11.166  1.743   1.00 34.56 ? 49  LEU A N   1 
ATOM   362 C  CA  . LEU A 1 51  ? 8.071   11.427  0.643   1.00 33.47 ? 49  LEU A CA  1 
ATOM   363 C  C   . LEU A 1 51  ? 8.603   10.930  -0.722  1.00 30.11 ? 49  LEU A C   1 
ATOM   364 O  O   . LEU A 1 51  ? 8.562   11.669  -1.707  1.00 28.78 ? 49  LEU A O   1 
ATOM   365 C  CB  . LEU A 1 51  ? 7.712   12.946  0.587   1.00 31.45 ? 49  LEU A CB  1 
ATOM   366 C  CG  . LEU A 1 51  ? 6.722   13.395  1.707   1.00 35.29 ? 49  LEU A CG  1 
ATOM   367 C  CD1 . LEU A 1 51  ? 6.766   14.877  1.781   1.00 34.58 ? 49  LEU A CD1 1 
ATOM   368 C  CD2 . LEU A 1 51  ? 5.286   12.871  1.495   1.00 30.71 ? 49  LEU A CD2 1 
ATOM   369 N  N   . CYS A 1 52  ? 9.165   9.732   -0.724  1.00 28.42 ? 50  CYS A N   1 
ATOM   370 C  CA  . CYS A 1 52  ? 9.624   8.981   -1.930  1.00 27.58 ? 50  CYS A CA  1 
ATOM   371 C  C   . CYS A 1 52  ? 8.969   7.602   -1.815  1.00 25.50 ? 50  CYS A C   1 
ATOM   372 O  O   . CYS A 1 52  ? 8.740   7.089   -0.694  1.00 26.19 ? 50  CYS A O   1 
ATOM   373 C  CB  . CYS A 1 52  ? 11.158  8.745   -1.882  1.00 27.39 ? 50  CYS A CB  1 
ATOM   374 S  SG  . CYS A 1 52  ? 11.983  10.256  -1.889  1.00 45.16 ? 50  CYS A SG  1 
ATOM   375 N  N   . CYS A 1 53  ? 8.707   6.989   -2.949  1.00 24.70 ? 51  CYS A N   1 
ATOM   376 C  CA  . CYS A 1 53  ? 8.227   5.626   -2.962  1.00 23.96 ? 51  CYS A CA  1 
ATOM   377 C  C   . CYS A 1 53  ? 9.313   4.752   -2.263  1.00 23.86 ? 51  CYS A C   1 
ATOM   378 O  O   . CYS A 1 53  ? 10.519  4.832   -2.596  1.00 23.53 ? 51  CYS A O   1 
ATOM   379 C  CB  . CYS A 1 53  ? 7.992   5.173   -4.399  1.00 23.01 ? 51  CYS A CB  1 
ATOM   380 S  SG  . CYS A 1 53  ? 7.590   3.391   -4.449  1.00 23.53 ? 51  CYS A SG  1 
ATOM   381 N  N   . PRO A 1 54  ? 8.915   3.958   -1.262  1.00 24.57 ? 52  PRO A N   1 
ATOM   382 C  CA  . PRO A 1 54  ? 9.930   3.097   -0.682  1.00 25.74 ? 52  PRO A CA  1 
ATOM   383 C  C   . PRO A 1 54  ? 10.420  1.961   -1.568  1.00 24.10 ? 52  PRO A C   1 
ATOM   384 O  O   . PRO A 1 54  ? 11.355  1.308   -1.157  1.00 24.98 ? 52  PRO A O   1 
ATOM   385 C  CB  . PRO A 1 54  ? 9.256   2.496   0.578   1.00 25.84 ? 52  PRO A CB  1 
ATOM   386 C  CG  . PRO A 1 54  ? 7.883   2.893   0.526   1.00 27.82 ? 52  PRO A CG  1 
ATOM   387 C  CD  . PRO A 1 54  ? 7.563   3.628   -0.762  1.00 24.90 ? 52  PRO A CD  1 
ATOM   388 N  N   . PHE A 1 55  ? 9.786   1.715   -2.709  1.00 23.76 ? 53  PHE A N   1 
ATOM   389 C  CA  . PHE A 1 55  ? 10.235  0.694   -3.664  1.00 24.88 ? 53  PHE A CA  1 
ATOM   390 C  C   . PHE A 1 55  ? 11.142  1.217   -4.762  1.00 25.37 ? 53  PHE A C   1 
ATOM   391 O  O   . PHE A 1 55  ? 12.059  0.522   -5.145  1.00 26.07 ? 53  PHE A O   1 
ATOM   392 C  CB  . PHE A 1 55  ? 9.074   -0.101  -4.278  1.00 23.74 ? 53  PHE A CB  1 
ATOM   393 C  CG  . PHE A 1 55  ? 8.154   -0.683  -3.252  1.00 25.90 ? 53  PHE A CG  1 
ATOM   394 C  CD1 . PHE A 1 55  ? 8.373   -1.954  -2.739  1.00 28.74 ? 53  PHE A CD1 1 
ATOM   395 C  CD2 . PHE A 1 55  ? 7.052   0.053   -2.791  1.00 27.42 ? 53  PHE A CD2 1 
ATOM   396 C  CE1 . PHE A 1 55  ? 7.501   -2.477  -1.788  1.00 31.61 ? 53  PHE A CE1 1 
ATOM   397 C  CE2 . PHE A 1 55  ? 6.173   -0.471  -1.817  1.00 27.38 ? 53  PHE A CE2 1 
ATOM   398 C  CZ  . PHE A 1 55  ? 6.409   -1.758  -1.340  1.00 29.24 ? 53  PHE A CZ  1 
ATOM   399 N  N   . CYS A 1 56  ? 10.918  2.422   -5.267  1.00 23.41 ? 54  CYS A N   1 
ATOM   400 C  CA  . CYS A 1 56  ? 11.722  2.889   -6.379  1.00 24.77 ? 54  CYS A CA  1 
ATOM   401 C  C   . CYS A 1 56  ? 12.259  4.264   -6.171  1.00 23.09 ? 54  CYS A C   1 
ATOM   402 O  O   . CYS A 1 56  ? 12.980  4.775   -7.025  1.00 23.41 ? 54  CYS A O   1 
ATOM   403 C  CB  . CYS A 1 56  ? 10.952  2.847   -7.694  1.00 23.43 ? 54  CYS A CB  1 
ATOM   404 S  SG  . CYS A 1 56  ? 9.496   3.997   -7.672  1.00 23.43 ? 54  CYS A SG  1 
ATOM   405 N  N   . ARG A 1 57  ? 11.916  4.884   -5.053  1.00 23.49 ? 55  ARG A N   1 
ATOM   406 C  CA  . ARG A 1 57  ? 12.475  6.238   -4.704  1.00 23.82 ? 55  ARG A CA  1 
ATOM   407 C  C   . ARG A 1 57  ? 11.931  7.363   -5.586  1.00 23.76 ? 55  ARG A C   1 
ATOM   408 O  O   . ARG A 1 57  ? 12.414  8.524   -5.589  1.00 23.39 ? 55  ARG A O   1 
ATOM   409 C  CB  . ARG A 1 57  ? 13.980  6.294   -4.720  1.00 24.66 ? 55  ARG A CB  1 
ATOM   410 C  CG  . ARG A 1 57  ? 14.715  5.214   -3.917  1.00 27.86 ? 55  ARG A CG  1 
ATOM   411 C  CD  . ARG A 1 57  ? 14.276  5.049   -2.459  1.00 29.26 ? 55  ARG A CD  1 
ATOM   412 N  NE  . ARG A 1 57  ? 14.377  6.316   -1.719  1.00 31.82 ? 55  ARG A NE  1 
ATOM   413 C  CZ  . ARG A 1 57  ? 13.840  6.431   -0.494  1.00 34.54 ? 55  ARG A CZ  1 
ATOM   414 N  NH1 . ARG A 1 57  ? 13.917  7.600   0.149   1.00 34.79 ? 55  ARG A NH1 1 
ATOM   415 N  NH2 . ARG A 1 57  ? 13.203  5.358   0.078   1.00 32.17 ? 55  ARG A NH2 1 
ATOM   416 N  N   . ARG A 1 58  ? 10.910  7.036   -6.347  1.00 22.90 ? 56  ARG A N   1 
ATOM   417 C  CA  . ARG A 1 58  ? 10.151  8.084   -7.015  1.00 24.70 ? 56  ARG A CA  1 
ATOM   418 C  C   . ARG A 1 58  ? 9.661   9.181   -6.009  1.00 24.67 ? 56  ARG A C   1 
ATOM   419 O  O   . ARG A 1 58  ? 9.029   8.833   -4.994  1.00 24.18 ? 56  ARG A O   1 
ATOM   420 C  CB  . ARG A 1 58  ? 8.967   7.392   -7.655  1.00 24.35 ? 56  ARG A CB  1 
ATOM   421 C  CG  . ARG A 1 58  ? 7.764   8.204   -8.006  1.00 27.46 ? 56  ARG A CG  1 
ATOM   422 C  CD  . ARG A 1 58  ? 7.925   8.672   -9.342  1.00 27.82 ? 56  ARG A CD  1 
ATOM   423 N  NE  . ARG A 1 58  ? 6.887   9.632   -9.756  1.00 31.79 ? 56  ARG A NE  1 
ATOM   424 C  CZ  . ARG A 1 58  ? 6.049   9.352   -10.693 1.00 28.08 ? 56  ARG A CZ  1 
ATOM   425 N  NH1 . ARG A 1 58  ? 6.159   8.125   -11.203 1.00 31.49 ? 56  ARG A NH1 1 
ATOM   426 N  NH2 . ARG A 1 58  ? 5.154   10.257  -11.135 1.00 28.77 ? 56  ARG A NH2 1 
ATOM   427 N  N   A ARG A 1 59  ? 9.901   10.460  -6.318  0.50 25.00 ? 57  ARG A N   1 
ATOM   428 N  N   B ARG A 1 59  ? 9.881   10.459  -6.342  0.50 24.96 ? 57  ARG A N   1 
ATOM   429 C  CA  A ARG A 1 59  ? 9.456   11.575  -5.437  0.50 25.82 ? 57  ARG A CA  1 
ATOM   430 C  CA  B ARG A 1 59  ? 9.446   11.595  -5.485  0.50 25.80 ? 57  ARG A CA  1 
ATOM   431 C  C   A ARG A 1 59  ? 7.949   11.601  -5.493  0.50 25.79 ? 57  ARG A C   1 
ATOM   432 C  C   B ARG A 1 59  ? 7.934   11.647  -5.509  0.50 25.81 ? 57  ARG A C   1 
ATOM   433 O  O   A ARG A 1 59  ? 7.387   11.428  -6.580  0.50 26.12 ? 57  ARG A O   1 
ATOM   434 O  O   B ARG A 1 59  ? 7.350   11.538  -6.587  0.50 26.14 ? 57  ARG A O   1 
ATOM   435 C  CB  A ARG A 1 59  ? 10.021  12.924  -5.889  0.50 26.13 ? 57  ARG A CB  1 
ATOM   436 C  CB  B ARG A 1 59  ? 10.028  12.924  -5.977  0.50 26.08 ? 57  ARG A CB  1 
ATOM   437 C  CG  A ARG A 1 59  ? 9.623   14.166  -5.038  0.50 27.23 ? 57  ARG A CG  1 
ATOM   438 C  CG  B ARG A 1 59  ? 9.708   14.159  -5.108  0.50 27.21 ? 57  ARG A CG  1 
ATOM   439 C  CD  A ARG A 1 59  ? 9.825   15.373  -5.899  0.50 27.86 ? 57  ARG A CD  1 
ATOM   440 C  CD  B ARG A 1 59  ? 10.058  13.924  -3.645  0.50 27.55 ? 57  ARG A CD  1 
ATOM   441 N  NE  A ARG A 1 59  ? 9.595   16.686  -5.316  0.50 30.29 ? 57  ARG A NE  1 
ATOM   442 N  NE  B ARG A 1 59  ? 10.003  15.186  -2.898  0.50 28.94 ? 57  ARG A NE  1 
ATOM   443 C  CZ  A ARG A 1 59  ? 8.664   17.541  -5.755  0.50 31.55 ? 57  ARG A CZ  1 
ATOM   444 C  CZ  B ARG A 1 59  ? 10.438  15.321  -1.658  0.50 29.18 ? 57  ARG A CZ  1 
ATOM   445 N  NH1 A ARG A 1 59  ? 8.520   18.751  -5.189  0.50 32.30 ? 57  ARG A NH1 1 
ATOM   446 N  NH1 B ARG A 1 59  ? 10.358  16.510  -1.057  0.50 29.37 ? 57  ARG A NH1 1 
ATOM   447 N  NH2 A ARG A 1 59  ? 7.863   17.207  -6.744  0.50 29.47 ? 57  ARG A NH2 1 
ATOM   448 N  NH2 B ARG A 1 59  ? 10.967  14.267  -1.039  0.50 29.77 ? 57  ARG A NH2 1 
ATOM   449 N  N   . VAL A 1 60  ? 7.298   11.782  -4.343  1.00 24.79 ? 58  VAL A N   1 
ATOM   450 C  CA  . VAL A 1 60  ? 5.855   11.736  -4.245  1.00 24.81 ? 58  VAL A CA  1 
ATOM   451 C  C   . VAL A 1 60  ? 5.263   12.840  -3.311  1.00 26.96 ? 58  VAL A C   1 
ATOM   452 O  O   . VAL A 1 60  ? 4.132   12.742  -2.791  1.00 27.07 ? 58  VAL A O   1 
ATOM   453 C  CB  . VAL A 1 60  ? 5.613   10.261  -3.849  1.00 26.91 ? 58  VAL A CB  1 
ATOM   454 C  CG1 . VAL A 1 60  ? 5.310   9.949   -2.419  1.00 25.00 ? 58  VAL A CG1 1 
ATOM   455 C  CG2 . VAL A 1 60  ? 5.174   9.376   -5.022  1.00 24.63 ? 58  VAL A CG2 1 
ATOM   456 N  N   . SER A 1 61  ? 6.022   13.907  -3.116  1.00 27.72 ? 59  SER A N   1 
ATOM   457 C  CA  . SER A 1 61  ? 5.590   15.027  -2.256  1.00 29.21 ? 59  SER A CA  1 
ATOM   458 C  C   . SER A 1 61  ? 4.429   15.825  -2.848  1.00 28.96 ? 59  SER A C   1 
ATOM   459 O  O   . SER A 1 61  ? 3.498   16.085  -2.132  1.00 29.23 ? 59  SER A O   1 
ATOM   460 C  CB  . SER A 1 61  ? 6.758   15.941  -1.868  1.00 27.82 ? 59  SER A CB  1 
ATOM   461 O  OG  . SER A 1 61  ? 7.487   16.247  -3.011  1.00 30.30 ? 59  SER A OG  1 
ATOM   462 N  N   . SER A 1 62  ? 4.475   16.200  -4.133  1.00 28.88 ? 60  SER A N   1 
ATOM   463 C  CA  . SER A 1 62  ? 3.341   16.878  -4.752  1.00 31.09 ? 60  SER A CA  1 
ATOM   464 C  C   . SER A 1 62  ? 2.199   15.921  -4.886  1.00 27.88 ? 60  SER A C   1 
ATOM   465 O  O   . SER A 1 62  ? 1.060   16.303  -4.694  1.00 28.51 ? 60  SER A O   1 
ATOM   466 C  CB  . SER A 1 62  ? 3.616   17.388  -6.176  1.00 28.83 ? 60  SER A CB  1 
ATOM   467 O  OG  . SER A 1 62  ? 4.760   18.169  -6.145  1.00 39.58 ? 60  SER A OG  1 
ATOM   468 N  N   . TRP A 1 63  ? 2.486   14.701  -5.322  1.00 27.01 ? 61  TRP A N   1 
ATOM   469 C  CA  . TRP A 1 63  ? 1.393   13.711  -5.395  1.00 25.33 ? 61  TRP A CA  1 
ATOM   470 C  C   . TRP A 1 63  ? 0.684   13.575  -4.021  1.00 26.00 ? 61  TRP A C   1 
ATOM   471 O  O   . TRP A 1 63  ? -0.542  13.454  -3.924  1.00 26.74 ? 61  TRP A O   1 
ATOM   472 C  CB  . TRP A 1 63  ? 1.950   12.364  -5.869  1.00 23.91 ? 61  TRP A CB  1 
ATOM   473 C  CG  . TRP A 1 63  ? 0.922   11.302  -6.012  1.00 23.40 ? 61  TRP A CG  1 
ATOM   474 C  CD1 . TRP A 1 63  ? 0.248   10.963  -7.159  1.00 22.79 ? 61  TRP A CD1 1 
ATOM   475 C  CD2 . TRP A 1 63  ? 0.460   10.415  -4.995  1.00 23.62 ? 61  TRP A CD2 1 
ATOM   476 N  NE1 . TRP A 1 63  ? -0.638  9.946   -6.896  1.00 23.05 ? 61  TRP A NE1 1 
ATOM   477 C  CE2 . TRP A 1 63  ? -0.533  9.583   -5.584  1.00 23.77 ? 61  TRP A CE2 1 
ATOM   478 C  CE3 . TRP A 1 63  ? 0.744   10.266  -3.625  1.00 24.22 ? 61  TRP A CE3 1 
ATOM   479 C  CZ2 . TRP A 1 63  ? -1.227  8.591   -4.858  1.00 23.36 ? 61  TRP A CZ2 1 
ATOM   480 C  CZ3 . TRP A 1 63  ? 0.043   9.280   -2.897  1.00 24.97 ? 61  TRP A CZ3 1 
ATOM   481 C  CH2 . TRP A 1 63  ? -0.936  8.477   -3.516  1.00 24.18 ? 61  TRP A CH2 1 
ATOM   482 N  N   . THR A 1 64  ? 1.458   13.563  -2.940  1.00 26.24 ? 62  THR A N   1 
ATOM   483 C  CA  . THR A 1 64  ? 0.881   13.421  -1.599  1.00 26.95 ? 62  THR A CA  1 
ATOM   484 C  C   . THR A 1 64  ? 0.068   14.670  -1.212  1.00 28.50 ? 62  THR A C   1 
ATOM   485 O  O   . THR A 1 64  ? -1.020  14.514  -0.689  1.00 29.21 ? 62  THR A O   1 
ATOM   486 C  CB  . THR A 1 64  ? 1.950   13.134  -0.549  1.00 27.30 ? 62  THR A CB  1 
ATOM   487 O  OG1 . THR A 1 64  ? 2.614   11.929  -0.926  1.00 25.98 ? 62  THR A OG1 1 
ATOM   488 C  CG2 . THR A 1 64  ? 1.334   13.028  0.848   1.00 27.43 ? 62  THR A CG2 1 
ATOM   489 N  N   . ARG A 1 65  ? 0.556   15.874  -1.478  1.00 29.69 ? 63  ARG A N   1 
ATOM   490 C  CA  . ARG A 1 65  ? -0.272  17.065  -1.185  1.00 32.17 ? 63  ARG A CA  1 
ATOM   491 C  C   . ARG A 1 65  ? -1.560  16.997  -1.977  1.00 30.96 ? 63  ARG A C   1 
ATOM   492 O  O   . ARG A 1 65  ? -2.640  17.171  -1.436  1.00 31.58 ? 63  ARG A O   1 
ATOM   493 C  CB  . ARG A 1 65  ? 0.449   18.367  -1.517  1.00 33.11 ? 63  ARG A CB  1 
ATOM   494 C  CG  . ARG A 1 65  ? 1.781   18.476  -0.741  1.00 40.20 ? 63  ARG A CG  1 
ATOM   495 C  CD  . ARG A 1 65  ? 2.462   19.935  -0.717  1.00 45.31 ? 63  ARG A CD  1 
ATOM   496 N  NE  . ARG A 1 65  ? 2.703   20.425  -2.077  1.00 44.55 ? 63  ARG A NE  1 
ATOM   497 C  CZ  . ARG A 1 65  ? 3.803   20.230  -2.823  1.00 51.43 ? 63  ARG A CZ  1 
ATOM   498 N  NH1 . ARG A 1 65  ? 4.859   19.532  -2.388  1.00 45.27 ? 63  ARG A NH1 1 
ATOM   499 N  NH2 . ARG A 1 65  ? 3.856   20.749  -4.055  1.00 49.87 ? 63  ARG A NH2 1 
ATOM   500 N  N   . TYR A 1 66  ? -1.434  16.649  -3.255  1.00 30.89 ? 64  TYR A N   1 
ATOM   501 C  CA  . TYR A 1 66  ? -2.580  16.672  -4.186  1.00 30.68 ? 64  TYR A CA  1 
ATOM   502 C  C   . TYR A 1 66  ? -3.720  15.845  -3.640  1.00 29.44 ? 64  TYR A C   1 
ATOM   503 O  O   . TYR A 1 66  ? -4.856  16.281  -3.546  1.00 29.82 ? 64  TYR A O   1 
ATOM   504 C  CB  . TYR A 1 66  ? -2.166  16.173  -5.560  1.00 27.60 ? 64  TYR A CB  1 
ATOM   505 C  CG  . TYR A 1 66  ? -3.281  16.245  -6.596  1.00 28.86 ? 64  TYR A CG  1 
ATOM   506 C  CD1 . TYR A 1 66  ? -4.131  15.157  -6.824  1.00 27.61 ? 64  TYR A CD1 1 
ATOM   507 C  CD2 . TYR A 1 66  ? -3.427  17.372  -7.412  1.00 28.42 ? 64  TYR A CD2 1 
ATOM   508 C  CE1 . TYR A 1 66  ? -5.134  15.213  -7.846  1.00 28.69 ? 64  TYR A CE1 1 
ATOM   509 C  CE2 . TYR A 1 66  ? -4.467  17.451  -8.376  1.00 29.09 ? 64  TYR A CE2 1 
ATOM   510 C  CZ  . TYR A 1 66  ? -5.277  16.364  -8.595  1.00 28.01 ? 64  TYR A CZ  1 
ATOM   511 O  OH  . TYR A 1 66  ? -6.238  16.462  -9.554  1.00 28.67 ? 64  TYR A OH  1 
ATOM   512 N  N   . HIS A 1 67  ? -3.388  14.613  -3.320  1.00 28.38 ? 65  HIS A N   1 
ATOM   513 C  CA  . HIS A 1 67  ? -4.403  13.645  -2.880  1.00 29.87 ? 65  HIS A CA  1 
ATOM   514 C  C   . HIS A 1 67  ? -4.829  13.737  -1.407  1.00 30.45 ? 65  HIS A C   1 
ATOM   515 O  O   . HIS A 1 67  ? -5.921  13.245  -1.025  1.00 31.56 ? 65  HIS A O   1 
ATOM   516 C  CB  . HIS A 1 67  ? -3.911  12.209  -3.152  1.00 27.77 ? 65  HIS A CB  1 
ATOM   517 C  CG  . HIS A 1 67  ? -3.874  11.886  -4.593  1.00 26.13 ? 65  HIS A CG  1 
ATOM   518 N  ND1 . HIS A 1 67  ? -5.007  11.614  -5.303  1.00 27.36 ? 65  HIS A ND1 1 
ATOM   519 C  CD2 . HIS A 1 67  ? -2.851  11.810  -5.462  1.00 25.78 ? 65  HIS A CD2 1 
ATOM   520 C  CE1 . HIS A 1 67  ? -4.700  11.425  -6.571  1.00 27.29 ? 65  HIS A CE1 1 
ATOM   521 N  NE2 . HIS A 1 67  ? -3.393  11.564  -6.699  1.00 25.44 ? 65  HIS A NE2 1 
ATOM   522 N  N   . THR A 1 68  ? -3.965  14.296  -0.581  1.00 30.24 ? 66  THR A N   1 
ATOM   523 C  CA  . THR A 1 68  ? -4.322  14.470  0.828   1.00 32.21 ? 66  THR A CA  1 
ATOM   524 C  C   . THR A 1 68  ? -5.427  15.510  0.798   1.00 34.60 ? 66  THR A C   1 
ATOM   525 O  O   . THR A 1 68  ? -6.433  15.338  1.420   1.00 35.44 ? 66  THR A O   1 
ATOM   526 C  CB  . THR A 1 68  ? -3.143  15.021  1.621   1.00 32.13 ? 66  THR A CB  1 
ATOM   527 O  OG1 . THR A 1 68  ? -2.146  13.994  1.651   1.00 31.74 ? 66  THR A OG1 1 
ATOM   528 C  CG2 . THR A 1 68  ? -3.596  15.387  3.070   1.00 34.97 ? 66  THR A CG2 1 
ATOM   529 N  N   . ARG A 1 69  ? -5.250  16.542  -0.025  1.00 34.94 ? 67  ARG A N   1 
ATOM   530 C  CA  . ARG A 1 69  ? -6.199  17.630  -0.134  1.00 37.66 ? 67  ARG A CA  1 
ATOM   531 C  C   . ARG A 1 69  ? -7.490  17.152  -0.700  1.00 37.12 ? 67  ARG A C   1 
ATOM   532 O  O   . ARG A 1 69  ? -8.528  17.701  -0.387  1.00 38.06 ? 67  ARG A O   1 
ATOM   533 C  CB  . ARG A 1 69  ? -5.670  18.734  -1.039  1.00 39.86 ? 67  ARG A CB  1 
ATOM   534 C  CG  . ARG A 1 69  ? -5.131  19.906  -0.358  1.00 47.93 ? 67  ARG A CG  1 
ATOM   535 C  CD  . ARG A 1 69  ? -5.445  21.014  -1.303  1.00 58.34 ? 67  ARG A CD  1 
ATOM   536 N  NE  . ARG A 1 69  ? -4.867  22.304  -0.952  1.00 69.34 ? 67  ARG A NE  1 
ATOM   537 C  CZ  . ARG A 1 69  ? -3.643  22.688  -1.312  1.00 74.62 ? 67  ARG A CZ  1 
ATOM   538 N  NH1 . ARG A 1 69  ? -2.837  21.863  -1.994  1.00 65.74 ? 67  ARG A NH1 1 
ATOM   539 N  NH2 . ARG A 1 69  ? -3.219  23.899  -0.973  1.00 72.16 ? 67  ARG A NH2 1 
ATOM   540 N  N   . ARG A 1 70  ? -7.456  16.132  -1.534  1.00 35.21 ? 68  ARG A N   1 
ATOM   541 C  CA  . ARG A 1 70  ? -8.697  15.686  -2.163  1.00 34.18 ? 68  ARG A CA  1 
ATOM   542 C  C   . ARG A 1 70  ? -9.187  14.448  -1.470  1.00 34.55 ? 68  ARG A C   1 
ATOM   543 O  O   . ARG A 1 70  ? -10.084 13.796  -1.970  1.00 33.12 ? 68  ARG A O   1 
ATOM   544 C  CB  . ARG A 1 70  ? -8.520  15.431  -3.653  1.00 30.65 ? 68  ARG A CB  1 
ATOM   545 C  CG  . ARG A 1 70  ? -8.489  16.704  -4.466  1.00 33.23 ? 68  ARG A CG  1 
ATOM   546 C  CD  . ARG A 1 70  ? -7.557  16.638  -5.676  1.00 32.28 ? 68  ARG A CD  1 
ATOM   547 N  NE  . ARG A 1 70  ? -7.346  17.958  -6.307  1.00 31.86 ? 68  ARG A NE  1 
ATOM   548 C  CZ  . ARG A 1 70  ? -6.402  18.830  -5.920  1.00 34.23 ? 68  ARG A CZ  1 
ATOM   549 N  NH1 . ARG A 1 70  ? -5.615  18.566  -4.876  1.00 32.95 ? 68  ARG A NH1 1 
ATOM   550 N  NH2 . ARG A 1 70  ? -6.259  20.008  -6.542  1.00 34.59 ? 68  ARG A NH2 1 
ATOM   551 N  N   . ASN A 1 71  ? -8.570  14.113  -0.341  1.00 34.95 ? 69  ASN A N   1 
ATOM   552 C  CA  . ASN A 1 71  ? -8.823  12.840  0.357   1.00 34.81 ? 69  ASN A CA  1 
ATOM   553 C  C   . ASN A 1 71  ? -8.923  11.672  -0.565  1.00 34.52 ? 69  ASN A C   1 
ATOM   554 O  O   . ASN A 1 71  ? -9.884  10.874  -0.431  1.00 33.95 ? 69  ASN A O   1 
ATOM   555 C  CB  . ASN A 1 71  ? -10.102 12.842  1.189   1.00 37.43 ? 69  ASN A CB  1 
ATOM   556 C  CG  . ASN A 1 71  ? -10.163 14.011  2.124   1.00 42.00 ? 69  ASN A CG  1 
ATOM   557 O  OD1 . ASN A 1 71  ? -11.167 14.689  2.179   1.00 46.14 ? 69  ASN A OD1 1 
ATOM   558 N  ND2 . ASN A 1 71  ? -9.061  14.302  2.813   1.00 42.19 ? 69  ASN A ND2 1 
ATOM   559 N  N   . SER A 1 72  ? -7.943  11.518  -1.474  1.00 32.00 ? 70  SER A N   1 
ATOM   560 C  CA  . SER A 1 72  ? -8.021  10.413  -2.414  1.00 29.64 ? 70  SER A CA  1 
ATOM   561 C  C   . SER A 1 72  ? -6.744  9.587   -2.415  1.00 30.19 ? 70  SER A C   1 
ATOM   562 O  O   . SER A 1 72  ? -6.287  9.097   -3.476  1.00 27.85 ? 70  SER A O   1 
ATOM   563 C  CB  . SER A 1 72  ? -8.343  10.967  -3.814  1.00 29.57 ? 70  SER A CB  1 
ATOM   564 O  OG  . SER A 1 72  ? -7.547  12.134  -4.107  1.00 29.31 ? 70  SER A OG  1 
ATOM   565 N  N   . LEU A 1 73  ? -6.140  9.430   -1.248  1.00 28.86 ? 71  LEU A N   1 
ATOM   566 C  CA  . LEU A 1 73  ? -4.885  8.676   -1.182  1.00 29.50 ? 71  LEU A CA  1 
ATOM   567 C  C   . LEU A 1 73  ? -5.093  7.176   -1.478  1.00 29.17 ? 71  LEU A C   1 
ATOM   568 O  O   . LEU A 1 73  ? -4.232  6.539   -2.143  1.00 26.94 ? 71  LEU A O   1 
ATOM   569 C  CB  . LEU A 1 73  ? -4.257  8.787   0.198   1.00 29.53 ? 71  LEU A CB  1 
ATOM   570 C  CG  . LEU A 1 73  ? -3.055  9.628   0.616   1.00 31.78 ? 71  LEU A CG  1 
ATOM   571 C  CD1 . LEU A 1 73  ? -2.441  10.560  -0.373  1.00 26.96 ? 71  LEU A CD1 1 
ATOM   572 C  CD2 . LEU A 1 73  ? -3.228  10.248  2.095   1.00 30.63 ? 71  LEU A CD2 1 
ATOM   573 N  N   . VAL A 1 74  ? -6.235  6.646   -1.017  1.00 28.54 ? 72  VAL A N   1 
ATOM   574 C  CA  . VAL A 1 74  ? -6.514  5.207   -1.077  1.00 28.09 ? 72  VAL A CA  1 
ATOM   575 C  C   . VAL A 1 74  ? -6.923  4.821   -2.469  1.00 26.99 ? 72  VAL A C   1 
ATOM   576 O  O   . VAL A 1 74  ? -7.781  5.433   -3.067  1.00 27.90 ? 72  VAL A O   1 
ATOM   577 C  CB  . VAL A 1 74  ? -7.627  4.758   0.005   1.00 28.62 ? 72  VAL A CB  1 
ATOM   578 C  CG1 . VAL A 1 74  ? -7.920  3.260   -0.027  1.00 27.67 ? 72  VAL A CG1 1 
ATOM   579 C  CG2 . VAL A 1 74  ? -7.163  5.114   1.420   1.00 29.21 ? 72  VAL A CG2 1 
ATOM   580 N  N   . ASN A 1 75  ? -6.351  3.741   -2.947  1.00 26.58 ? 73  ASN A N   1 
ATOM   581 C  CA  . ASN A 1 75  ? -6.715  3.199   -4.237  1.00 26.50 ? 73  ASN A CA  1 
ATOM   582 C  C   . ASN A 1 75  ? -8.019  2.434   -3.980  1.00 28.65 ? 73  ASN A C   1 
ATOM   583 O  O   . ASN A 1 75  ? -7.998  1.324   -3.449  1.00 27.19 ? 73  ASN A O   1 
ATOM   584 C  CB  . ASN A 1 75  ? -5.545  2.324   -4.709  1.00 25.23 ? 73  ASN A CB  1 
ATOM   585 C  CG  . ASN A 1 75  ? -5.836  1.621   -6.062  1.00 25.56 ? 73  ASN A CG  1 
ATOM   586 O  OD1 . ASN A 1 75  ? -6.954  1.545   -6.457  1.00 24.98 ? 73  ASN A OD1 1 
ATOM   587 N  ND2 . ASN A 1 75  ? -4.819  1.049   -6.692  1.00 21.92 ? 73  ASN A ND2 1 
ATOM   588 N  N   . VAL A 1 76  ? -9.161  3.042   -4.283  1.00 29.00 ? 74  VAL A N   1 
ATOM   589 C  CA  . VAL A 1 76  ? -10.450 2.453   -3.850  1.00 31.16 ? 74  VAL A CA  1 
ATOM   590 C  C   . VAL A 1 76  ? -10.767 1.164   -4.559  1.00 31.47 ? 74  VAL A C   1 
ATOM   591 O  O   . VAL A 1 76  ? -11.322 0.278   -3.929  1.00 31.68 ? 74  VAL A O   1 
ATOM   592 C  CB  . VAL A 1 76  ? -11.654 3.456   -3.933  1.00 33.50 ? 74  VAL A CB  1 
ATOM   593 C  CG1 . VAL A 1 76  ? -13.026 2.746   -4.113  1.00 31.81 ? 74  VAL A CG1 1 
ATOM   594 C  CG2 . VAL A 1 76  ? -11.672 4.367   -2.672  1.00 34.14 ? 74  VAL A CG2 1 
ATOM   595 N  N   . GLU A 1 77  ? -10.436 1.017   -5.838  1.00 32.48 ? 75  GLU A N   1 
ATOM   596 C  CA  . GLU A 1 77  ? -10.785 -0.246  -6.535  1.00 35.20 ? 75  GLU A CA  1 
ATOM   597 C  C   . GLU A 1 77  ? -9.982  -1.389  -6.041  1.00 31.44 ? 75  GLU A C   1 
ATOM   598 O  O   . GLU A 1 77  ? -10.482 -2.507  -5.939  1.00 31.18 ? 75  GLU A O   1 
ATOM   599 C  CB  . GLU A 1 77  ? -10.487 -0.206  -7.996  1.00 38.05 ? 75  GLU A CB  1 
ATOM   600 C  CG  . GLU A 1 77  ? -11.266 0.820   -8.663  1.00 49.44 ? 75  GLU A CG  1 
ATOM   601 C  CD  . GLU A 1 77  ? -10.348 1.595   -9.545  1.00 65.57 ? 75  GLU A CD  1 
ATOM   602 O  OE1 . GLU A 1 77  ? -10.715 2.716   -10.005 1.00 68.41 ? 75  GLU A OE1 1 
ATOM   603 O  OE2 . GLU A 1 77  ? -9.224  1.052   -9.752  1.00 66.53 ? 75  GLU A OE2 1 
ATOM   604 N  N   . LEU A 1 78  ? -8.702  -1.143  -5.771  1.00 28.49 ? 76  LEU A N   1 
ATOM   605 C  CA  . LEU A 1 78  ? -7.872  -2.183  -5.170  1.00 27.87 ? 76  LEU A CA  1 
ATOM   606 C  C   . LEU A 1 78  ? -8.373  -2.527  -3.732  1.00 27.34 ? 76  LEU A C   1 
ATOM   607 O  O   . LEU A 1 78  ? -8.418  -3.697  -3.308  1.00 28.38 ? 76  LEU A O   1 
ATOM   608 C  CB  . LEU A 1 78  ? -6.396  -1.707  -5.148  1.00 26.47 ? 76  LEU A CB  1 
ATOM   609 C  CG  . LEU A 1 78  ? -5.452  -2.682  -4.448  1.00 27.69 ? 76  LEU A CG  1 
ATOM   610 C  CD1 . LEU A 1 78  ? -5.501  -3.986  -5.265  1.00 25.67 ? 76  LEU A CD1 1 
ATOM   611 C  CD2 . LEU A 1 78  ? -4.055  -2.077  -4.451  1.00 25.08 ? 76  LEU A CD2 1 
ATOM   612 N  N   . TRP A 1 79  ? -8.743  -1.511  -2.977  1.00 27.62 ? 77  TRP A N   1 
ATOM   613 C  CA  . TRP A 1 79  ? -9.225  -1.719  -1.615  1.00 27.97 ? 77  TRP A CA  1 
ATOM   614 C  C   . TRP A 1 79  ? -10.504 -2.525  -1.646  1.00 28.82 ? 77  TRP A C   1 
ATOM   615 O  O   . TRP A 1 79  ? -10.673 -3.455  -0.844  1.00 28.21 ? 77  TRP A O   1 
ATOM   616 C  CB  . TRP A 1 79  ? -9.450  -0.390  -0.917  1.00 27.27 ? 77  TRP A CB  1 
ATOM   617 C  CG  . TRP A 1 79  ? -9.811  -0.405  0.534   1.00 26.50 ? 77  TRP A CG  1 
ATOM   618 C  CD1 . TRP A 1 79  ? -10.548 0.553   1.162   1.00 28.30 ? 77  TRP A CD1 1 
ATOM   619 C  CD2 . TRP A 1 79  ? -9.415  -1.362  1.577   1.00 27.75 ? 77  TRP A CD2 1 
ATOM   620 N  NE1 . TRP A 1 79  ? -10.653 0.258   2.493   1.00 30.40 ? 77  TRP A NE1 1 
ATOM   621 C  CE2 . TRP A 1 79  ? -9.974  -0.909  2.775   1.00 27.96 ? 77  TRP A CE2 1 
ATOM   622 C  CE3 . TRP A 1 79  ? -8.647  -2.560  1.592   1.00 27.19 ? 77  TRP A CE3 1 
ATOM   623 C  CZ2 . TRP A 1 79  ? -9.798  -1.583  3.990   1.00 27.86 ? 77  TRP A CZ2 1 
ATOM   624 C  CZ3 . TRP A 1 79  ? -8.478  -3.253  2.807   1.00 26.96 ? 77  TRP A CZ3 1 
ATOM   625 C  CH2 . TRP A 1 79  ? -9.069  -2.777  3.978   1.00 28.59 ? 77  TRP A CH2 1 
ATOM   626 N  N   . THR A 1 80  ? -11.387 -2.222  -2.599  1.00 29.76 ? 78  THR A N   1 
ATOM   627 C  CA  . THR A 1 80  ? -12.570 -3.068  -2.808  1.00 30.56 ? 78  THR A CA  1 
ATOM   628 C  C   . THR A 1 80  ? -12.259 -4.563  -2.994  1.00 29.64 ? 78  THR A C   1 
ATOM   629 O  O   . THR A 1 80  ? -12.862 -5.422  -2.363  1.00 29.11 ? 78  THR A O   1 
ATOM   630 C  CB  . THR A 1 80  ? -13.467 -2.508  -3.934  1.00 32.11 ? 78  THR A CB  1 
ATOM   631 O  OG1 . THR A 1 80  ? -13.732 -1.146  -3.611  1.00 34.19 ? 78  THR A OG1 1 
ATOM   632 C  CG2 . THR A 1 80  ? -14.845 -3.221  -3.993  1.00 32.12 ? 78  THR A CG2 1 
ATOM   633 N  N   . ILE A 1 81  ? -11.311 -4.846  -3.875  1.00 30.06 ? 79  ILE A N   1 
ATOM   634 C  CA  . ILE A 1 81  ? -10.898 -6.197  -4.199  1.00 28.67 ? 79  ILE A CA  1 
ATOM   635 C  C   . ILE A 1 81  ? -10.262 -6.943  -3.039  1.00 28.87 ? 79  ILE A C   1 
ATOM   636 O  O   . ILE A 1 81  ? -10.568 -8.109  -2.795  1.00 27.71 ? 79  ILE A O   1 
ATOM   637 C  CB  . ILE A 1 81  ? -10.032 -6.157  -5.442  1.00 30.10 ? 79  ILE A CB  1 
ATOM   638 C  CG1 . ILE A 1 81  ? -10.998 -6.005  -6.648  1.00 33.83 ? 79  ILE A CG1 1 
ATOM   639 C  CG2 . ILE A 1 81  ? -9.155  -7.418  -5.579  1.00 27.58 ? 79  ILE A CG2 1 
ATOM   640 C  CD1 . ILE A 1 81  ? -10.268 -5.588  -7.883  1.00 33.68 ? 79  ILE A CD1 1 
ATOM   641 N  N   . ILE A 1 82  ? -9.423  -6.262  -2.271  1.00 28.09 ? 80  ILE A N   1 
ATOM   642 C  CA  . ILE A 1 82  ? -8.859  -6.885  -1.090  1.00 26.10 ? 80  ILE A CA  1 
ATOM   643 C  C   . ILE A 1 82  ? -9.919  -7.305  -0.066  1.00 28.69 ? 80  ILE A C   1 
ATOM   644 O  O   . ILE A 1 82  ? -9.890  -8.443  0.376   1.00 25.94 ? 80  ILE A O   1 
ATOM   645 C  CB  . ILE A 1 82  ? -7.717  -6.042  -0.511  1.00 26.58 ? 80  ILE A CB  1 
ATOM   646 C  CG1 . ILE A 1 82  ? -6.658  -5.961  -1.617  1.00 26.00 ? 80  ILE A CG1 1 
ATOM   647 C  CG2 . ILE A 1 82  ? -7.028  -6.767  0.681   1.00 27.44 ? 80  ILE A CG2 1 
ATOM   648 C  CD1 . ILE A 1 82  ? -5.709  -5.025  -1.432  1.00 27.68 ? 80  ILE A CD1 1 
ATOM   649 N  N   . GLN A 1 83  ? -10.846 -6.408  0.275   1.00 26.57 ? 81  GLN A N   1 
ATOM   650 C  CA  . GLN A 1 83  ? -11.888 -6.714  1.248   1.00 29.24 ? 81  GLN A CA  1 
ATOM   651 C  C   . GLN A 1 83  ? -12.868 -7.767  0.730   1.00 29.13 ? 81  GLN A C   1 
ATOM   652 O  O   . GLN A 1 83  ? -13.413 -8.535  1.517   1.00 28.98 ? 81  GLN A O   1 
ATOM   653 C  CB  . GLN A 1 83  ? -12.713 -5.462  1.569   1.00 28.76 ? 81  GLN A CB  1 
ATOM   654 C  CG  . GLN A 1 83  ? -11.942 -4.422  2.305   1.00 29.26 ? 81  GLN A CG  1 
ATOM   655 C  CD  . GLN A 1 83  ? -12.753 -3.179  2.406   1.00 32.04 ? 81  GLN A CD  1 
ATOM   656 O  OE1 . GLN A 1 83  ? -12.854 -2.402  1.446   1.00 32.43 ? 81  GLN A OE1 1 
ATOM   657 N  NE2 . GLN A 1 83  ? -13.346 -2.967  3.536   1.00 31.94 ? 81  GLN A NE2 1 
ATOM   658 N  N   . LYS A 1 84  ? -13.062 -7.813  -0.578  1.00 28.46 ? 82  LYS A N   1 
ATOM   659 C  CA  . LYS A 1 84  ? -13.902 -8.853  -1.171  1.00 30.10 ? 82  LYS A CA  1 
ATOM   660 C  C   . LYS A 1 84  ? -13.281 -10.232 -1.019  1.00 28.89 ? 82  LYS A C   1 
ATOM   661 O  O   . LYS A 1 84  ? -13.953 -11.171 -0.696  1.00 27.66 ? 82  LYS A O   1 
ATOM   662 C  CB  . LYS A 1 84  ? -14.120 -8.572  -2.651  1.00 30.26 ? 82  LYS A CB  1 
ATOM   663 C  CG  . LYS A 1 84  ? -14.953 -9.576  -3.388  1.00 33.09 ? 82  LYS A CG  1 
ATOM   664 C  CD  . LYS A 1 84  ? -15.573 -8.790  -4.536  1.00 39.28 ? 82  LYS A CD  1 
ATOM   665 C  CE  . LYS A 1 84  ? -15.830 -9.637  -5.770  1.00 43.35 ? 82  LYS A CE  1 
ATOM   666 N  NZ  . LYS A 1 84  ? -16.470 -10.908 -5.250  1.00 45.35 ? 82  LYS A NZ  1 
ATOM   667 N  N   . HIS A 1 85  ? -11.985 -10.366 -1.272  1.00 28.18 ? 83  HIS A N   1 
ATOM   668 C  CA  . HIS A 1 85  ? -11.397 -11.687 -1.269  1.00 26.66 ? 83  HIS A CA  1 
ATOM   669 C  C   . HIS A 1 85  ? -10.732 -12.118 0.011   1.00 25.93 ? 83  HIS A C   1 
ATOM   670 O  O   . HIS A 1 85  ? -10.571 -13.293 0.238   1.00 26.15 ? 83  HIS A O   1 
ATOM   671 C  CB  . HIS A 1 85  ? -10.411 -11.777 -2.446  1.00 25.77 ? 83  HIS A CB  1 
ATOM   672 C  CG  . HIS A 1 85  ? -11.106 -11.655 -3.767  1.00 27.04 ? 83  HIS A CG  1 
ATOM   673 N  ND1 . HIS A 1 85  ? -11.848 -12.683 -4.322  1.00 26.93 ? 83  HIS A ND1 1 
ATOM   674 C  CD2 . HIS A 1 85  ? -11.212 -10.611 -4.618  1.00 26.91 ? 83  HIS A CD2 1 
ATOM   675 C  CE1 . HIS A 1 85  ? -12.344 -12.283 -5.482  1.00 27.96 ? 83  HIS A CE1 1 
ATOM   676 N  NE2 . HIS A 1 85  ? -11.978 -11.030 -5.681  1.00 27.46 ? 83  HIS A NE2 1 
ATOM   677 N  N   . TYR A 1 86  ? -10.300 -11.167 0.831   1.00 25.42 ? 84  TYR A N   1 
ATOM   678 C  CA  . TYR A 1 86  ? -9.664  -11.484 2.105   1.00 25.05 ? 84  TYR A CA  1 
ATOM   679 C  C   . TYR A 1 86  ? -10.319 -10.698 3.225   1.00 25.59 ? 84  TYR A C   1 
ATOM   680 O  O   . TYR A 1 86  ? -9.642  -9.988  3.982   1.00 25.90 ? 84  TYR A O   1 
ATOM   681 C  CB  . TYR A 1 86  ? -8.135  -11.324 2.051   1.00 24.62 ? 84  TYR A CB  1 
ATOM   682 C  CG  . TYR A 1 86  ? -7.526  -12.324 1.091   1.00 24.80 ? 84  TYR A CG  1 
ATOM   683 C  CD1 . TYR A 1 86  ? -7.423  -13.666 1.441   1.00 24.25 ? 84  TYR A CD1 1 
ATOM   684 C  CD2 . TYR A 1 86  ? -7.090  -11.916 -0.181  1.00 24.44 ? 84  TYR A CD2 1 
ATOM   685 C  CE1 . TYR A 1 86  ? -6.949  -14.569 0.574   1.00 25.32 ? 84  TYR A CE1 1 
ATOM   686 C  CE2 . TYR A 1 86  ? -6.601  -12.803 -1.068  1.00 25.08 ? 84  TYR A CE2 1 
ATOM   687 C  CZ  . TYR A 1 86  ? -6.511  -14.136 -0.711  1.00 25.57 ? 84  TYR A CZ  1 
ATOM   688 O  OH  . TYR A 1 86  ? -5.941  -15.049 -1.583  1.00 26.71 ? 84  TYR A OH  1 
ATOM   689 N  N   . PRO A 1 87  ? -11.657 -10.850 3.365   1.00 27.39 ? 85  PRO A N   1 
ATOM   690 C  CA  . PRO A 1 87  ? -12.359 -9.977  4.309   1.00 26.75 ? 85  PRO A CA  1 
ATOM   691 C  C   . PRO A 1 87  ? -11.964 -10.226 5.760   1.00 27.87 ? 85  PRO A C   1 
ATOM   692 O  O   . PRO A 1 87  ? -11.901 -9.302  6.558   1.00 29.68 ? 85  PRO A O   1 
ATOM   693 C  CB  . PRO A 1 87  ? -13.844 -10.311 4.098   1.00 28.66 ? 85  PRO A CB  1 
ATOM   694 C  CG  . PRO A 1 87  ? -13.855 -11.637 3.218   1.00 27.55 ? 85  PRO A CG  1 
ATOM   695 C  CD  . PRO A 1 87  ? -12.558 -11.735 2.571   1.00 27.04 ? 85  PRO A CD  1 
ATOM   696 N  N   . ARG A 1 88  ? -11.642 -11.468 6.085   1.00 28.56 ? 86  ARG A N   1 
ATOM   697 C  CA  . ARG A 1 88  ? -11.358 -11.836 7.450   1.00 28.64 ? 86  ARG A CA  1 
ATOM   698 C  C   . ARG A 1 88  ? -10.005 -11.310 7.829   1.00 28.65 ? 86  ARG A C   1 
ATOM   699 O  O   . ARG A 1 88  ? -9.811  -10.822 8.949   1.00 30.59 ? 86  ARG A O   1 
ATOM   700 C  CB  . ARG A 1 88  ? -11.422 -13.341 7.555   1.00 29.24 ? 86  ARG A CB  1 
ATOM   701 C  CG  . ARG A 1 88  ? -11.290 -13.817 8.940   1.00 30.93 ? 86  ARG A CG  1 
ATOM   702 C  CD  . ARG A 1 88  ? -11.380 -15.378 8.957   1.00 29.54 ? 86  ARG A CD  1 
ATOM   703 N  NE  . ARG A 1 88  ? -10.879 -15.704 10.250  1.00 30.53 ? 86  ARG A NE  1 
ATOM   704 C  CZ  . ARG A 1 88  ? -9.662  -16.169 10.511  1.00 30.78 ? 86  ARG A CZ  1 
ATOM   705 N  NH1 . ARG A 1 88  ? -8.774  -16.517 9.564   1.00 28.54 ? 86  ARG A NH1 1 
ATOM   706 N  NH2 . ARG A 1 88  ? -9.405  -16.356 11.758  1.00 27.71 ? 86  ARG A NH2 1 
ATOM   707 N  N   . GLU A 1 89  ? -9.083  -11.383 6.880   1.00 27.36 ? 87  GLU A N   1 
ATOM   708 C  CA  . GLU A 1 89  ? -7.770  -10.797 7.032   1.00 27.96 ? 87  GLU A CA  1 
ATOM   709 C  C   . GLU A 1 89  ? -7.894  -9.304  7.309   1.00 28.09 ? 87  GLU A C   1 
ATOM   710 O  O   . GLU A 1 89  ? -7.256  -8.785  8.238   1.00 29.15 ? 87  GLU A O   1 
ATOM   711 C  CB  . GLU A 1 89  ? -6.885  -11.049 5.795   1.00 25.59 ? 87  GLU A CB  1 
ATOM   712 C  CG  . GLU A 1 89  ? -6.407  -12.503 5.629   1.00 24.92 ? 87  GLU A CG  1 
ATOM   713 C  CD  . GLU A 1 89  ? -7.537  -13.442 5.246   1.00 26.60 ? 87  GLU A CD  1 
ATOM   714 O  OE1 . GLU A 1 89  ? -8.619  -12.977 4.783   1.00 26.19 ? 87  GLU A OE1 1 
ATOM   715 O  OE2 . GLU A 1 89  ? -7.365  -14.680 5.360   1.00 28.96 ? 87  GLU A OE2 1 
ATOM   716 N  N   . CYS A 1 90  ? -8.678  -8.607  6.486   1.00 29.07 ? 88  CYS A N   1 
ATOM   717 C  CA  . CYS A 1 90  ? -8.926  -7.177  6.719   1.00 30.98 ? 88  CYS A CA  1 
ATOM   718 C  C   . CYS A 1 90  ? -9.509  -6.932  8.086   1.00 31.82 ? 88  CYS A C   1 
ATOM   719 O  O   . CYS A 1 90  ? -9.097  -5.994  8.698   1.00 35.06 ? 88  CYS A O   1 
ATOM   720 C  CB  . CYS A 1 90  ? -9.754  -6.480  5.602   1.00 30.14 ? 88  CYS A CB  1 
ATOM   721 S  SG  . CYS A 1 90  ? -8.944  -6.754  3.965   1.00 29.29 ? 88  CYS A SG  1 
ATOM   722 N  N   . LYS A 1 91  ? -10.445 -7.746  8.580   1.00 33.28 ? 89  LYS A N   1 
ATOM   723 C  CA  . LYS A 1 91  ? -10.982 -7.587  9.962   1.00 35.75 ? 89  LYS A CA  1 
ATOM   724 C  C   . LYS A 1 91  ? -9.950  -7.777  11.055  1.00 36.40 ? 89  LYS A C   1 
ATOM   725 O  O   . LYS A 1 91  ? -9.899  -7.010  12.009  1.00 39.23 ? 89  LYS A O   1 
ATOM   726 C  CB  . LYS A 1 91  ? -12.102 -8.602  10.277  1.00 38.16 ? 89  LYS A CB  1 
ATOM   727 C  CG  . LYS A 1 91  ? -13.495 -8.026  10.152  1.00 44.21 ? 89  LYS A CG  1 
ATOM   728 C  CD  . LYS A 1 91  ? -13.987 -8.325  8.733   1.00 49.83 ? 89  LYS A CD  1 
ATOM   729 C  CE  . LYS A 1 91  ? -14.892 -7.220  8.104   1.00 50.10 ? 89  LYS A CE  1 
ATOM   730 N  NZ  . LYS A 1 91  ? -16.284 -7.574  8.515   1.00 58.17 ? 89  LYS A NZ  1 
ATOM   731 N  N   . LEU A 1 92  ? -9.180  -8.865  10.949  1.00 33.47 ? 90  LEU A N   1 
ATOM   732 C  CA  . LEU A 1 92  ? -8.166  -9.152  11.922  1.00 34.81 ? 90  LEU A CA  1 
ATOM   733 C  C   . LEU A 1 92  ? -7.188  -7.963  12.020  1.00 36.64 ? 90  LEU A C   1 
ATOM   734 O  O   . LEU A 1 92  ? -6.642  -7.695  13.055  1.00 38.29 ? 90  LEU A O   1 
ATOM   735 C  CB  . LEU A 1 92  ? -7.426  -10.437 11.525  1.00 31.58 ? 90  LEU A CB  1 
ATOM   736 C  CG  . LEU A 1 92  ? -8.330  -11.687 11.613  1.00 34.57 ? 90  LEU A CG  1 
ATOM   737 C  CD1 . LEU A 1 92  ? -7.686  -12.929 10.986  1.00 33.56 ? 90  LEU A CD1 1 
ATOM   738 C  CD2 . LEU A 1 92  ? -8.824  -12.034 13.053  1.00 35.52 ? 90  LEU A CD2 1 
ATOM   739 N  N   . ARG A 1 93  ? -6.935  -7.286  10.904  1.00 35.17 ? 91  ARG A N   1 
ATOM   740 C  CA  . ARG A 1 93  ? -5.964  -6.250  10.958  1.00 37.27 ? 91  ARG A CA  1 
ATOM   741 C  C   . ARG A 1 93  ? -6.586  -5.051  11.617  1.00 41.33 ? 91  ARG A C   1 
ATOM   742 O  O   . ARG A 1 93  ? -5.980  -4.516  12.520  1.00 43.27 ? 91  ARG A O   1 
ATOM   743 C  CB  . ARG A 1 93  ? -5.437  -5.875  9.590   1.00 38.13 ? 91  ARG A CB  1 
ATOM   744 C  CG  . ARG A 1 93  ? -4.200  -5.007  9.810   1.00 39.06 ? 91  ARG A CG  1 
ATOM   745 C  CD  . ARG A 1 93  ? -3.380  -4.897  8.610   1.00 33.67 ? 91  ARG A CD  1 
ATOM   746 N  NE  . ARG A 1 93  ? -2.479  -3.834  8.939   1.00 35.74 ? 91  ARG A NE  1 
ATOM   747 C  CZ  . ARG A 1 93  ? -1.658  -3.197  8.122   1.00 35.75 ? 91  ARG A CZ  1 
ATOM   748 N  NH1 . ARG A 1 93  ? -1.552  -3.504  6.810   1.00 29.13 ? 91  ARG A NH1 1 
ATOM   749 N  NH2 . ARG A 1 93  ? -0.953  -2.219  8.663   1.00 32.23 ? 91  ARG A NH2 1 
ATOM   750 N  N   . ALA A 1 94  ? -7.814  -4.689  11.191  1.00 39.71 ? 92  ALA A N   1 
ATOM   751 C  CA  . ALA A 1 94  ? -8.588  -3.614  11.799  1.00 43.63 ? 92  ALA A CA  1 
ATOM   752 C  C   . ALA A 1 94  ? -8.736  -3.789  13.309  1.00 48.39 ? 92  ALA A C   1 
ATOM   753 O  O   . ALA A 1 94  ? -8.991  -2.807  13.967  1.00 55.05 ? 92  ALA A O   1 
ATOM   754 C  CB  . ALA A 1 94  ? -9.951  -3.464  11.127  1.00 43.46 ? 92  ALA A CB  1 
ATOM   755 N  N   . SER A 1 95  ? -8.617  -5.025  13.842  1.00 48.93 ? 93  SER A N   1 
ATOM   756 C  CA  . SER A 1 95  ? -8.489  -5.317  15.308  1.00 55.65 ? 93  SER A CA  1 
ATOM   757 C  C   . SER A 1 95  ? -7.088  -5.108  15.943  1.00 60.79 ? 93  SER A C   1 
ATOM   758 O  O   . SER A 1 95  ? -7.000  -4.984  17.176  1.00 63.53 ? 93  SER A O   1 
ATOM   759 C  CB  . SER A 1 95  ? -8.893  -6.754  15.612  1.00 53.09 ? 93  SER A CB  1 
ATOM   760 O  OG  . SER A 1 95  ? -10.197 -6.964  15.122  1.00 59.03 ? 93  SER A OG  1 
ATOM   761 N  N   . GLY A 1 96  ? -6.014  -5.111  15.137  1.00 56.28 ? 94  GLY A N   1 
ATOM   762 C  CA  . GLY A 1 96  ? -4.641  -4.767  15.621  1.00 62.99 ? 94  GLY A CA  1 
ATOM   763 C  C   . GLY A 1 96  ? -3.814  -5.940  16.137  1.00 61.78 ? 94  GLY A C   1 
ATOM   764 O  O   . GLY A 1 96  ? -3.892  -7.060  15.591  1.00 66.32 ? 94  GLY A O   1 
ATOM   765 N  N   . TYR A 1 106 ? 14.684  -13.431 9.884   1.00 53.52 ? 104 TYR A N   1 
ATOM   766 C  CA  . TYR A 1 106 ? 15.972  -12.725 9.987   1.00 62.38 ? 104 TYR A CA  1 
ATOM   767 C  C   . TYR A 1 106 ? 16.377  -11.900 8.734   1.00 62.18 ? 104 TYR A C   1 
ATOM   768 O  O   . TYR A 1 106 ? 16.443  -12.433 7.606   1.00 57.12 ? 104 TYR A O   1 
ATOM   769 C  CB  . TYR A 1 106 ? 17.090  -13.693 10.366  1.00 56.65 ? 104 TYR A CB  1 
ATOM   770 C  CG  . TYR A 1 106 ? 18.433  -13.439 9.667   1.00 61.57 ? 104 TYR A CG  1 
ATOM   771 C  CD1 . TYR A 1 106 ? 19.356  -12.464 10.150  1.00 60.15 ? 104 TYR A CD1 1 
ATOM   772 C  CD2 . TYR A 1 106 ? 18.798  -14.197 8.537   1.00 57.87 ? 104 TYR A CD2 1 
ATOM   773 C  CE1 . TYR A 1 106 ? 20.610  -12.255 9.495   1.00 63.65 ? 104 TYR A CE1 1 
ATOM   774 C  CE2 . TYR A 1 106 ? 20.035  -14.013 7.896   1.00 57.21 ? 104 TYR A CE2 1 
ATOM   775 C  CZ  . TYR A 1 106 ? 20.931  -13.054 8.357   1.00 60.66 ? 104 TYR A CZ  1 
ATOM   776 O  OH  . TYR A 1 106 ? 22.116  -12.899 7.660   1.00 56.13 ? 104 TYR A OH  1 
ATOM   777 N  N   . GLN A 1 107 ? 16.710  -10.626 8.961   1.00 60.04 ? 105 GLN A N   1 
ATOM   778 C  CA  . GLN A 1 107 ? 16.984  -9.709  7.857   1.00 54.85 ? 105 GLN A CA  1 
ATOM   779 C  C   . GLN A 1 107 ? 18.418  -9.128  7.755   1.00 53.88 ? 105 GLN A C   1 
ATOM   780 O  O   . GLN A 1 107 ? 18.787  -8.187  8.483   1.00 53.41 ? 105 GLN A O   1 
ATOM   781 C  CB  . GLN A 1 107 ? 15.901  -8.613  7.732   1.00 63.53 ? 105 GLN A CB  1 
ATOM   782 C  CG  . GLN A 1 107 ? 14.869  -8.521  8.885   1.00 65.45 ? 105 GLN A CG  1 
ATOM   783 C  CD  . GLN A 1 107 ? 13.565  -9.311  8.614   1.00 70.80 ? 105 GLN A CD  1 
ATOM   784 O  OE1 . GLN A 1 107 ? 13.013  -9.928  9.532   1.00 69.49 ? 105 GLN A OE1 1 
ATOM   785 N  NE2 . GLN A 1 107 ? 13.063  -9.279  7.359   1.00 63.01 ? 105 GLN A NE2 1 
ATOM   786 N  N   . PRO A 1 108 ? 19.220  -9.659  6.812   1.00 51.64 ? 106 PRO A N   1 
ATOM   787 C  CA  . PRO A 1 108 ? 20.611  -9.182  6.591   1.00 50.29 ? 106 PRO A CA  1 
ATOM   788 C  C   . PRO A 1 108 ? 20.727  -7.808  5.901   1.00 47.34 ? 106 PRO A C   1 
ATOM   789 O  O   . PRO A 1 108 ? 21.831  -7.237  5.868   1.00 43.99 ? 106 PRO A O   1 
ATOM   790 C  CB  . PRO A 1 108 ? 21.216  -10.257 5.666   1.00 50.07 ? 106 PRO A CB  1 
ATOM   791 C  CG  . PRO A 1 108 ? 20.010  -11.200 5.266   1.00 48.43 ? 106 PRO A CG  1 
ATOM   792 C  CD  . PRO A 1 108 ? 18.763  -10.589 5.756   1.00 49.25 ? 106 PRO A CD  1 
ATOM   793 N  N   . VAL A 1 109 ? 19.605  -7.330  5.356   1.00 43.35 ? 107 VAL A N   1 
ATOM   794 C  CA  . VAL A 1 109 ? 19.522  -6.146  4.512   1.00 42.95 ? 107 VAL A CA  1 
ATOM   795 C  C   . VAL A 1 109 ? 18.485  -5.159  5.075   1.00 42.53 ? 107 VAL A C   1 
ATOM   796 O  O   . VAL A 1 109 ? 17.340  -5.134  4.639   1.00 39.90 ? 107 VAL A O   1 
ATOM   797 C  CB  . VAL A 1 109 ? 19.169  -6.541  3.036   1.00 41.66 ? 107 VAL A CB  1 
ATOM   798 C  CG1 . VAL A 1 109 ? 19.161  -5.295  2.145   1.00 40.34 ? 107 VAL A CG1 1 
ATOM   799 C  CG2 . VAL A 1 109 ? 20.246  -7.578  2.506   1.00 43.38 ? 107 VAL A CG2 1 
ATOM   800 N  N   . ARG A 1 110 ? 18.896  -4.378  6.075   1.00 43.84 ? 108 ARG A N   1 
ATOM   801 C  CA  . ARG A 1 110 ? 18.012  -3.367  6.684   1.00 43.72 ? 108 ARG A CA  1 
ATOM   802 C  C   . ARG A 1 110 ? 18.287  -1.997  6.088   1.00 43.02 ? 108 ARG A C   1 
ATOM   803 O  O   . ARG A 1 110 ? 19.144  -1.248  6.609   1.00 43.40 ? 108 ARG A O   1 
ATOM   804 C  CB  . ARG A 1 110 ? 18.255  -3.277  8.171   1.00 45.02 ? 108 ARG A CB  1 
ATOM   805 C  CG  . ARG A 1 110 ? 17.218  -3.944  8.904   1.00 51.96 ? 108 ARG A CG  1 
ATOM   806 C  CD  . ARG A 1 110 ? 17.569  -5.343  8.949   1.00 50.33 ? 108 ARG A CD  1 
ATOM   807 N  NE  . ARG A 1 110 ? 18.136  -5.635  10.247  1.00 54.65 ? 108 ARG A NE  1 
ATOM   808 C  CZ  . ARG A 1 110 ? 17.626  -6.538  11.081  1.00 61.91 ? 108 ARG A CZ  1 
ATOM   809 N  NH1 . ARG A 1 110 ? 16.525  -7.227  10.729  1.00 62.37 ? 108 ARG A NH1 1 
ATOM   810 N  NH2 . ARG A 1 110 ? 18.209  -6.767  12.249  1.00 62.35 ? 108 ARG A NH2 1 
ATOM   811 N  N   . LEU A 1 111 ? 17.599  -1.694  4.980   1.00 40.30 ? 109 LEU A N   1 
ATOM   812 C  CA  . LEU A 1 111 ? 17.883  -0.474  4.192   1.00 39.16 ? 109 LEU A CA  1 
ATOM   813 C  C   . LEU A 1 111 ? 16.639  0.422   3.929   1.00 39.33 ? 109 LEU A C   1 
ATOM   814 O  O   . LEU A 1 111 ? 16.646  1.334   3.064   1.00 37.30 ? 109 LEU A O   1 
ATOM   815 C  CB  . LEU A 1 111 ? 18.627  -0.851  2.907   1.00 36.70 ? 109 LEU A CB  1 
ATOM   816 C  CG  . LEU A 1 111 ? 20.062  -1.360  3.000   1.00 40.23 ? 109 LEU A CG  1 
ATOM   817 C  CD1 . LEU A 1 111 ? 20.614  -1.420  1.584   1.00 39.79 ? 109 LEU A CD1 1 
ATOM   818 C  CD2 . LEU A 1 111 ? 20.982  -0.480  3.881   1.00 37.79 ? 109 LEU A CD2 1 
ATOM   819 N  N   . LEU A 1 112 ? 15.577  0.182   4.705   1.00 38.76 ? 110 LEU A N   1 
ATOM   820 C  CA  . LEU A 1 112 ? 14.350  1.001   4.599   1.00 41.80 ? 110 LEU A CA  1 
ATOM   821 C  C   . LEU A 1 112 ? 14.161  1.771   5.908   1.00 42.90 ? 110 LEU A C   1 
ATOM   822 O  O   . LEU A 1 112 ? 14.097  1.174   6.994   1.00 41.03 ? 110 LEU A O   1 
ATOM   823 C  CB  . LEU A 1 112 ? 13.124  0.150   4.238   1.00 37.36 ? 110 LEU A CB  1 
ATOM   824 C  CG  . LEU A 1 112 ? 11.836  0.688   3.564   1.00 42.20 ? 110 LEU A CG  1 
ATOM   825 C  CD1 . LEU A 1 112 ? 10.574  0.292   4.299   1.00 34.58 ? 110 LEU A CD1 1 
ATOM   826 C  CD2 . LEU A 1 112 ? 11.883  2.182   3.101   1.00 36.20 ? 110 LEU A CD2 1 
ATOM   827 N  N   . SER A 1 113 ? 14.087  3.097   5.794   1.00 43.46 ? 111 SER A N   1 
ATOM   828 C  CA  . SER A 1 113 ? 14.046  3.923   7.002   1.00 50.13 ? 111 SER A CA  1 
ATOM   829 C  C   . SER A 1 113 ? 12.652  3.921   7.709   1.00 51.06 ? 111 SER A C   1 
ATOM   830 O  O   . SER A 1 113 ? 11.619  4.129   7.051   1.00 53.45 ? 111 SER A O   1 
ATOM   831 C  CB  . SER A 1 113 ? 14.557  5.339   6.699   1.00 50.43 ? 111 SER A CB  1 
ATOM   832 O  OG  . SER A 1 113 ? 14.123  6.211   7.713   1.00 53.55 ? 111 SER A OG  1 
ATOM   833 N  N   . LYS A 1 114 ? 12.683  3.712   9.038   1.00 59.60 ? 112 LYS A N   1 
ATOM   834 C  CA  . LYS A 1 114 ? 11.515  3.537   9.967   1.00 63.77 ? 112 LYS A CA  1 
ATOM   835 C  C   . LYS A 1 114 ? 10.283  2.972   9.310   1.00 58.24 ? 112 LYS A C   1 
ATOM   836 O  O   . LYS A 1 114 ? 9.646   2.093   9.890   1.00 68.37 ? 112 LYS A O   1 
ATOM   837 C  CB  . LYS A 1 114 ? 11.139  4.802   10.788  1.00 60.21 ? 112 LYS A CB  1 
ATOM   838 C  CG  . LYS A 1 114 ? 12.318  5.662   11.319  1.00 63.30 ? 112 LYS A CG  1 
ATOM   839 C  CD  . LYS A 1 114 ? 11.877  7.097   11.729  1.00 59.94 ? 112 LYS A CD  1 
ATOM   840 C  CE  . LYS A 1 114 ? 10.630  7.573   11.010  1.00 60.19 ? 112 LYS A CE  1 
ATOM   841 N  NZ  . LYS A 1 114 ? 10.502  7.033   9.597   1.00 57.00 ? 112 LYS A NZ  1 
HETATM 842 ZN ZN  . ZN  B 2 .   ? 7.595   3.269   -6.719  1.00 24.90 ? 601 ZN  A ZN  1 
HETATM 843 ZN ZN  . ZN  C 2 .   ? 2.271   -2.094  5.330   1.00 29.65 ? 602 ZN  A ZN  1 
HETATM 844 C  C1  . MLI D 3 .   ? -2.939  -19.561 -2.241  1.00 38.32 ? 701 MLI A C1  1 
HETATM 845 C  C2  . MLI D 3 .   ? -2.289  -19.907 -0.936  1.00 33.07 ? 701 MLI A C2  1 
HETATM 846 C  C3  . MLI D 3 .   ? -2.444  -18.217 -2.761  1.00 43.85 ? 701 MLI A C3  1 
HETATM 847 O  O6  . MLI D 3 .   ? -2.785  -19.541 0.184   1.00 29.82 ? 701 MLI A O6  1 
HETATM 848 O  O7  . MLI D 3 .   ? -1.251  -20.583 -1.067  1.00 47.01 ? 701 MLI A O7  1 
HETATM 849 O  O8  . MLI D 3 .   ? -2.541  -17.149 -2.033  1.00 37.47 ? 701 MLI A O8  1 
HETATM 850 O  O9  . MLI D 3 .   ? -1.987  -18.260 -3.935  1.00 40.28 ? 701 MLI A O9  1 
HETATM 851 C  C1  . MLI E 3 .   ? 5.263   -2.954  -4.250  1.00 34.38 ? 702 MLI A C1  1 
HETATM 852 C  C2  . MLI E 3 .   ? 4.237   -3.192  -5.328  1.00 44.50 ? 702 MLI A C2  1 
HETATM 853 C  C3  . MLI E 3 .   ? 5.760   -4.355  -3.825  1.00 43.62 ? 702 MLI A C3  1 
HETATM 854 O  O6  . MLI E 3 .   ? 4.541   -4.022  -6.210  1.00 57.11 ? 702 MLI A O6  1 
HETATM 855 O  O7  . MLI E 3 .   ? 3.133   -2.598  -5.300  1.00 34.65 ? 702 MLI A O7  1 
HETATM 856 O  O8  . MLI E 3 .   ? 6.830   -4.730  -4.386  1.00 44.35 ? 702 MLI A O8  1 
HETATM 857 O  O9  . MLI E 3 .   ? 5.101   -5.068  -2.969  1.00 38.82 ? 702 MLI A O9  1 
HETATM 858 O  O   . HOH F 4 .   ? -3.803  5.272   -4.506  1.00 14.48 ? 114 HOH A O   1 
HETATM 859 O  O   . HOH F 4 .   ? -6.942  10.311  1.493   1.00 21.09 ? 115 HOH A O   1 
HETATM 860 O  O   . HOH F 4 .   ? 3.189   -3.748  -1.426  1.00 23.00 ? 116 HOH A O   1 
HETATM 861 O  O   . HOH F 4 .   ? 3.417   9.108   -13.161 1.00 19.87 ? 117 HOH A O   1 
HETATM 862 O  O   . HOH F 4 .   ? -11.687 -15.157 1.613   1.00 19.71 ? 118 HOH A O   1 
HETATM 863 O  O   . HOH F 4 .   ? -9.096  -16.089 6.885   1.00 20.42 ? 119 HOH A O   1 
HETATM 864 O  O   . HOH F 4 .   ? -12.558 -14.825 -3.155  1.00 22.39 ? 120 HOH A O   1 
HETATM 865 O  O   . HOH F 4 .   ? -11.249 -14.035 4.448   1.00 17.44 ? 121 HOH A O   1 
HETATM 866 O  O   . HOH F 4 .   ? 21.254  -4.735  7.136   1.00 23.96 ? 122 HOH A O   1 
HETATM 867 O  O   . HOH F 4 .   ? -8.339  8.182   0.533   1.00 21.55 ? 123 HOH A O   1 
HETATM 868 O  O   . HOH F 4 .   ? 11.861  -0.866  -7.619  1.00 28.39 ? 124 HOH A O   1 
HETATM 869 O  O   . HOH F 4 .   ? -4.690  -9.916  8.939   1.00 21.65 ? 125 HOH A O   1 
HETATM 870 O  O   . HOH F 4 .   ? 10.326  5.889   1.366   1.00 19.20 ? 126 HOH A O   1 
HETATM 871 O  O   . HOH F 4 .   ? 3.569   16.760  0.626   1.00 23.03 ? 127 HOH A O   1 
HETATM 872 O  O   . HOH F 4 .   ? -2.573  20.049  -4.273  1.00 35.38 ? 128 HOH A O   1 
HETATM 873 O  O   . HOH F 4 .   ? -15.472 -5.004  -1.291  1.00 22.22 ? 129 HOH A O   1 
HETATM 874 O  O   . HOH F 4 .   ? -11.112 -9.860  -8.478  1.00 26.30 ? 130 HOH A O   1 
HETATM 875 O  O   . HOH F 4 .   ? -9.354  7.419   -2.229  1.00 22.54 ? 131 HOH A O   1 
HETATM 876 O  O   . HOH F 4 .   ? 1.356   4.705   10.469  1.00 24.54 ? 132 HOH A O   1 
HETATM 877 O  O   . HOH F 4 .   ? 14.711  4.499   3.526   1.00 23.67 ? 133 HOH A O   1 
HETATM 878 O  O   . HOH F 4 .   ? -12.715 -16.202 4.977   1.00 42.84 ? 134 HOH A O   1 
HETATM 879 O  O   . HOH F 4 .   ? -9.026  -3.807  7.609   1.00 26.85 ? 135 HOH A O   1 
HETATM 880 O  O   . HOH F 4 .   ? 20.902  -0.478  8.850   1.00 31.45 ? 136 HOH A O   1 
HETATM 881 O  O   . HOH F 4 .   ? -4.678  -15.062 -8.879  1.00 14.81 ? 137 HOH A O   1 
HETATM 882 O  O   . HOH F 4 .   ? -2.940  -13.354 -7.706  1.00 20.47 ? 138 HOH A O   1 
HETATM 883 O  O   . HOH F 4 .   ? -0.104  -16.353 -1.625  1.00 28.65 ? 139 HOH A O   1 
HETATM 884 O  O   . HOH F 4 .   ? -4.626  -17.951 0.005   1.00 33.59 ? 140 HOH A O   1 
HETATM 885 O  O   . HOH F 4 .   ? 7.178   2.160   -11.825 1.00 28.21 ? 141 HOH A O   1 
HETATM 886 O  O   . HOH F 4 .   ? -2.682  -8.399  10.255  1.00 28.88 ? 142 HOH A O   1 
HETATM 887 O  O   . HOH F 4 .   ? 3.045   -8.228  -1.532  1.00 30.87 ? 143 HOH A O   1 
HETATM 888 O  O   . HOH F 4 .   ? 0.511   19.154  -5.019  1.00 23.62 ? 144 HOH A O   1 
HETATM 889 O  O   . HOH F 4 .   ? -0.891  -6.335  -16.484 1.00 37.77 ? 145 HOH A O   1 
HETATM 890 O  O   . HOH F 4 .   ? 1.291   -14.919 -5.730  1.00 33.61 ? 146 HOH A O   1 
HETATM 891 O  O   . HOH F 4 .   ? 20.524  1.674   7.088   1.00 29.46 ? 147 HOH A O   1 
# 
loop_
_atom_site_anisotrop.id 
_atom_site_anisotrop.type_symbol 
_atom_site_anisotrop.pdbx_label_atom_id 
_atom_site_anisotrop.pdbx_label_alt_id 
_atom_site_anisotrop.pdbx_label_comp_id 
_atom_site_anisotrop.pdbx_label_asym_id 
_atom_site_anisotrop.pdbx_label_seq_id 
_atom_site_anisotrop.pdbx_PDB_ins_code 
_atom_site_anisotrop.U[1][1] 
_atom_site_anisotrop.U[2][2] 
_atom_site_anisotrop.U[3][3] 
_atom_site_anisotrop.U[1][2] 
_atom_site_anisotrop.U[1][3] 
_atom_site_anisotrop.U[2][3] 
_atom_site_anisotrop.pdbx_auth_seq_id 
_atom_site_anisotrop.pdbx_auth_comp_id 
_atom_site_anisotrop.pdbx_auth_asym_id 
_atom_site_anisotrop.pdbx_auth_atom_id 
1   N N   . SER A 2   ? 0.7042 0.6761 0.6602 -0.0160 -0.0270 0.0373  0   SER A N   
2   C CA  . SER A 2   ? 0.6568 0.6141 0.6006 -0.0151 -0.0238 0.0361  0   SER A CA  
3   C C   . SER A 2   ? 0.6730 0.6227 0.6048 -0.0143 -0.0290 0.0343  0   SER A C   
4   O O   . SER A 2   ? 0.6968 0.6436 0.6231 -0.0126 -0.0291 0.0342  0   SER A O   
5   C CB  . SER A 2   ? 0.8148 0.7644 0.7572 -0.0160 -0.0191 0.0364  0   SER A CB  
6   O OG  . SER A 2   ? 0.7942 0.7495 0.7480 -0.0160 -0.0139 0.0392  0   SER A OG  
7   N N   . MET A 3   ? 0.6746 0.6208 0.6021 -0.0160 -0.0335 0.0333  1   MET A N   
8   C CA  . MET A 3   ? 0.6394 0.5778 0.5547 -0.0158 -0.0399 0.0323  1   MET A CA  
9   C C   . MET A 3   ? 0.5828 0.5322 0.5070 -0.0161 -0.0486 0.0331  1   MET A C   
10  O O   . MET A 3   ? 0.5256 0.4874 0.4644 -0.0169 -0.0488 0.0339  1   MET A O   
11  C CB  . MET A 3   ? 0.6627 0.5844 0.5615 -0.0180 -0.0396 0.0303  1   MET A CB  
12  C CG  . MET A 3   ? 0.6777 0.6015 0.5812 -0.0216 -0.0413 0.0293  1   MET A CG  
13  S SD  . MET A 3   ? 0.8911 0.7919 0.7707 -0.0249 -0.0412 0.0263  1   MET A SD  
14  C CE  . MET A 3   ? 0.7157 0.6112 0.5809 -0.0244 -0.0520 0.0265  1   MET A CE  
15  N N   . ALA A 4   ? 0.5829 0.5271 0.4983 -0.0156 -0.0555 0.0335  2   ALA A N   
16  C CA  . ALA A 4   ? 0.5227 0.4761 0.4472 -0.0158 -0.0644 0.0350  2   ALA A CA  
17  C C   . ALA A 4   ? 0.5176 0.4780 0.4523 -0.0197 -0.0672 0.0341  2   ALA A C   
18  O O   . ALA A 4   ? 0.4788 0.4305 0.4053 -0.0230 -0.0662 0.0318  2   ALA A O   
19  C CB  . ALA A 4   ? 0.5171 0.4608 0.4276 -0.0158 -0.0725 0.0358  2   ALA A CB  
20  N N   . LEU A 5   ? 0.4585 0.4333 0.4115 -0.0191 -0.0691 0.0359  3   LEU A N   
21  C CA  . LEU A 5   ? 0.4575 0.4393 0.4218 -0.0226 -0.0721 0.0354  3   LEU A CA  
22  C C   . LEU A 5   ? 0.4553 0.4351 0.4171 -0.0250 -0.0832 0.0357  3   LEU A C   
23  O O   . LEU A 5   ? 0.4334 0.4179 0.3998 -0.0225 -0.0885 0.0386  3   LEU A O   
24  C CB  . LEU A 5   ? 0.4316 0.4281 0.4159 -0.0209 -0.0695 0.0376  3   LEU A CB  
25  C CG  . LEU A 5   ? 0.4015 0.4055 0.3995 -0.0242 -0.0707 0.0373  3   LEU A CG  
26  C CD1 . LEU A 5   ? 0.3593 0.3588 0.3528 -0.0264 -0.0641 0.0354  3   LEU A CD1 
27  C CD2 . LEU A 5   ? 0.3830 0.3994 0.3997 -0.0220 -0.0684 0.0400  3   LEU A CD2 
28  N N   . PRO A 6   ? 0.4536 0.4267 0.4088 -0.0303 -0.0869 0.0332  4   PRO A N   
29  C CA  . PRO A 6   ? 0.4527 0.4230 0.4037 -0.0343 -0.0991 0.0332  4   PRO A CA  
30  C C   . PRO A 6   ? 0.4728 0.4610 0.4491 -0.0337 -0.1051 0.0367  4   PRO A C   
31  O O   . PRO A 6   ? 0.4389 0.4381 0.4326 -0.0319 -0.0983 0.0375  4   PRO A O   
32  C CB  . PRO A 6   ? 0.4621 0.4234 0.4052 -0.0406 -0.0985 0.0291  4   PRO A CB  
33  C CG  . PRO A 6   ? 0.4592 0.4130 0.3951 -0.0386 -0.0851 0.0273  4   PRO A CG  
34  C CD  . PRO A 6   ? 0.4755 0.4432 0.4275 -0.0330 -0.0795 0.0304  4   PRO A CD  
35  N N   . LYS A 7   ? 0.4840 0.4747 0.4625 -0.0350 -0.1172 0.0391  5   LYS A N   
36  C CA  . LYS A 7   ? 0.5233 0.5315 0.5286 -0.0339 -0.1230 0.0435  5   LYS A CA  
37  C C   . LYS A 7   ? 0.4842 0.5013 0.5078 -0.0381 -0.1207 0.0419  5   LYS A C   
38  O O   . LYS A 7   ? 0.4964 0.5061 0.5112 -0.0444 -0.1231 0.0381  5   LYS A O   
39  C CB  . LYS A 7   ? 0.5589 0.5676 0.5630 -0.0359 -0.1389 0.0469  5   LYS A CB  
40  C CG  . LYS A 7   ? 0.5897 0.6162 0.6240 -0.0381 -0.1478 0.0508  5   LYS A CG  
41  C CD  . LYS A 7   ? 0.7001 0.7297 0.7365 -0.0397 -0.1652 0.0557  5   LYS A CD  
42  C CE  . LYS A 7   ? 0.7045 0.7493 0.7659 -0.0322 -0.1656 0.0635  5   LYS A CE  
43  N NZ  . LYS A 7   ? 0.7502 0.7917 0.8071 -0.0244 -0.1498 0.0632  5   LYS A NZ  
44  N N   . ASP A 8   ? 0.4598 0.4908 0.5069 -0.0348 -0.1147 0.0448  6   ASP A N   
45  C CA  . ASP A 8   ? 0.4821 0.5214 0.5477 -0.0379 -0.1110 0.0439  6   ASP A CA  
46  C C   . ASP A 8   ? 0.4280 0.4589 0.4820 -0.0398 -0.1010 0.0395  6   ASP A C   
47  O O   . ASP A 8   ? 0.4172 0.4523 0.4829 -0.0429 -0.0982 0.0386  6   ASP A O   
48  C CB  . ASP A 8   ? 0.4870 0.5305 0.5627 -0.0447 -0.1233 0.0440  6   ASP A CB  
49  C CG  . ASP A 8   ? 0.5552 0.6099 0.6480 -0.0432 -0.1345 0.0496  6   ASP A CG  
50  O OD1 . ASP A 8   ? 0.5898 0.6534 0.6976 -0.0365 -0.1294 0.0542  6   ASP A OD1 
51  O OD2 . ASP A 8   ? 0.5855 0.6388 0.6751 -0.0486 -0.1484 0.0498  6   ASP A OD2 
52  N N   . ALA A 9   ? 0.4098 0.4291 0.4428 -0.0381 -0.0958 0.0374  7   ALA A N   
53  C CA  . ALA A 9   ? 0.3721 0.3849 0.3976 -0.0396 -0.0870 0.0344  7   ALA A CA  
54  C C   . ALA A 9   ? 0.3566 0.3782 0.3950 -0.0357 -0.0770 0.0364  7   ALA A C   
55  O O   . ALA A 9   ? 0.3615 0.3885 0.4049 -0.0312 -0.0748 0.0389  7   ALA A O   
56  C CB  . ALA A 9   ? 0.3729 0.3717 0.3753 -0.0387 -0.0840 0.0322  7   ALA A CB  
57  N N   . ILE A 10  ? 0.3372 0.3585 0.3791 -0.0377 -0.0708 0.0354  8   ILE A N   
58  C CA  . ILE A 10  ? 0.3115 0.3374 0.3597 -0.0346 -0.0610 0.0371  8   ILE A CA  
59  C C   . ILE A 10  ? 0.3181 0.3369 0.3506 -0.0320 -0.0555 0.0368  8   ILE A C   
60  O O   . ILE A 10  ? 0.3219 0.3323 0.3442 -0.0337 -0.0540 0.0352  8   ILE A O   
61  C CB  . ILE A 10  ? 0.3003 0.3285 0.3590 -0.0377 -0.0566 0.0369  8   ILE A CB  
62  C CG1 . ILE A 10  ? 0.3038 0.3394 0.3802 -0.0409 -0.0625 0.0372  8   ILE A CG1 
63  C CG2 . ILE A 10  ? 0.2990 0.3299 0.3608 -0.0347 -0.0469 0.0391  8   ILE A CG2 
64  C CD1 . ILE A 10  ? 0.3200 0.3574 0.4081 -0.0444 -0.0575 0.0368  8   ILE A CD1 
65  N N   . PRO A 11  ? 0.3023 0.3241 0.3339 -0.0282 -0.0521 0.0385  9   PRO A N   
66  C CA  . PRO A 11  ? 0.3077 0.3239 0.3268 -0.0263 -0.0479 0.0385  9   PRO A CA  
67  C C   . PRO A 11  ? 0.3331 0.3501 0.3537 -0.0267 -0.0415 0.0398  9   PRO A C   
68  O O   . PRO A 11  ? 0.3192 0.3414 0.3496 -0.0273 -0.0387 0.0410  9   PRO A O   
69  C CB  . PRO A 11  ? 0.3038 0.3228 0.3221 -0.0231 -0.0472 0.0396  9   PRO A CB  
70  C CG  . PRO A 11  ? 0.2990 0.3262 0.3323 -0.0226 -0.0459 0.0412  9   PRO A CG  
71  C CD  . PRO A 11  ? 0.3047 0.3340 0.3469 -0.0256 -0.0515 0.0407  9   PRO A CD  
72  N N   . SER A 12  ? 0.3429 0.3543 0.3551 -0.0264 -0.0386 0.0400  10  SER A N   
73  C CA  . SER A 12  ? 0.3671 0.3804 0.3817 -0.0262 -0.0333 0.0426  10  SER A CA  
74  C C   . SER A 12  ? 0.3646 0.3835 0.3804 -0.0247 -0.0313 0.0446  10  SER A C   
75  O O   . SER A 12  ? 0.3434 0.3628 0.3555 -0.0235 -0.0327 0.0438  10  SER A O   
76  C CB  . SER A 12  ? 0.4212 0.4284 0.4296 -0.0256 -0.0305 0.0435  10  SER A CB  
77  O OG  . SER A 12  ? 0.4214 0.4284 0.4245 -0.0240 -0.0310 0.0436  10  SER A OG  
78  N N   . LEU A 13  ? 0.3613 0.3829 0.3805 -0.0251 -0.0278 0.0472  11  LEU A N   
79  C CA  . LEU A 13  ? 0.3759 0.3999 0.3920 -0.0245 -0.0258 0.0491  11  LEU A CA  
80  C C   . LEU A 13  ? 0.3534 0.3765 0.3621 -0.0240 -0.0271 0.0495  11  LEU A C   
81  O O   . LEU A 13  ? 0.3376 0.3610 0.3419 -0.0240 -0.0272 0.0488  11  LEU A O   
82  C CB  . LEU A 13  ? 0.3568 0.3814 0.3735 -0.0251 -0.0224 0.0526  11  LEU A CB  
83  C CG  . LEU A 13  ? 0.4174 0.4426 0.4329 -0.0256 -0.0191 0.0537  11  LEU A CG  
84  C CD1 . LEU A 13  ? 0.3450 0.3695 0.3558 -0.0261 -0.0175 0.0581  11  LEU A CD1 
85  C CD2 . LEU A 13  ? 0.3312 0.3560 0.3417 -0.0255 -0.0187 0.0520  11  LEU A CD2 
86  N N   . SER A 14  ? 0.3588 0.3801 0.3670 -0.0237 -0.0273 0.0507  12  SER A N   
87  C CA  . SER A 14  ? 0.3922 0.4136 0.3965 -0.0234 -0.0280 0.0521  12  SER A CA  
88  C C   . SER A 14  ? 0.3840 0.4030 0.3835 -0.0230 -0.0294 0.0488  12  SER A C   
89  O O   . SER A 14  ? 0.4033 0.4233 0.3992 -0.0235 -0.0298 0.0491  12  SER A O   
90  C CB  . SER A 14  ? 0.4023 0.4222 0.4102 -0.0228 -0.0263 0.0550  12  SER A CB  
91  O OG  . SER A 14  ? 0.4961 0.5131 0.5021 -0.0221 -0.0261 0.0542  12  SER A OG  
92  N N   . GLU A 15  ? 0.3859 0.4013 0.3847 -0.0222 -0.0307 0.0459  13  GLU A N   
93  C CA  . GLU A 15  ? 0.3786 0.3913 0.3727 -0.0213 -0.0322 0.0434  13  GLU A CA  
94  C C   . GLU A 15  ? 0.3762 0.3921 0.3707 -0.0211 -0.0319 0.0431  13  GLU A C   
95  O O   . GLU A 15  ? 0.3640 0.3777 0.3539 -0.0202 -0.0318 0.0418  13  GLU A O   
96  C CB  . GLU A 15  ? 0.4013 0.4095 0.3940 -0.0208 -0.0351 0.0412  13  GLU A CB  
97  C CG  . GLU A 15  ? 0.4281 0.4282 0.4154 -0.0210 -0.0340 0.0407  13  GLU A CG  
98  C CD  . GLU A 15  ? 0.5546 0.5503 0.5356 -0.0198 -0.0318 0.0406  13  GLU A CD  
99  O OE1 . GLU A 15  ? 0.5400 0.5314 0.5146 -0.0187 -0.0335 0.0390  13  GLU A OE1 
100 O OE2 . GLU A 15  ? 0.5289 0.5256 0.5126 -0.0198 -0.0285 0.0428  13  GLU A OE2 
101 N N   . CYS A 16  ? 0.3347 0.3542 0.3340 -0.0218 -0.0305 0.0441  14  CYS A N   
102 C CA  . CYS A 16  ? 0.3323 0.3529 0.3323 -0.0215 -0.0282 0.0438  14  CYS A CA  
103 C C   . CYS A 16  ? 0.3264 0.3462 0.3193 -0.0235 -0.0254 0.0447  14  CYS A C   
104 O O   . CYS A 16  ? 0.3407 0.3588 0.3314 -0.0238 -0.0221 0.0443  14  CYS A O   
105 C CB  . CYS A 16  ? 0.3024 0.3258 0.3117 -0.0214 -0.0269 0.0443  14  CYS A CB  
106 S SG  . CYS A 16  ? 0.3016 0.3264 0.3192 -0.0203 -0.0321 0.0430  14  CYS A SG  
107 N N   . GLN A 17  ? 0.3263 0.3469 0.3162 -0.0249 -0.0269 0.0464  15  GLN A N   
108 C CA  . GLN A 17  ? 0.3450 0.3651 0.3273 -0.0277 -0.0264 0.0477  15  GLN A CA  
109 C C   . GLN A 17  ? 0.3719 0.3897 0.3485 -0.0287 -0.0272 0.0459  15  GLN A C   
110 O O   . GLN A 17  ? 0.3395 0.3570 0.3184 -0.0271 -0.0284 0.0451  15  GLN A O   
111 C CB  . GLN A 17  ? 0.3454 0.3686 0.3294 -0.0288 -0.0286 0.0516  15  GLN A CB  
112 C CG  . GLN A 17  ? 0.4025 0.4267 0.3895 -0.0285 -0.0269 0.0539  15  GLN A CG  
113 C CD  . GLN A 17  ? 0.4613 0.4884 0.4511 -0.0288 -0.0289 0.0584  15  GLN A CD  
114 O OE1 . GLN A 17  ? 0.4862 0.5142 0.4835 -0.0269 -0.0285 0.0593  15  GLN A OE1 
115 N NE2 . GLN A 17  ? 0.3917 0.4197 0.3751 -0.0314 -0.0313 0.0617  15  GLN A NE2 
116 N N   . CYS A 18  ? 0.3610 0.3758 0.3285 -0.0317 -0.0259 0.0453  16  CYS A N   
117 C CA  . CYS A 18  ? 0.3401 0.3522 0.3022 -0.0335 -0.0262 0.0434  16  CYS A CA  
118 C C   . CYS A 18  ? 0.3570 0.3739 0.3223 -0.0354 -0.0307 0.0461  16  CYS A C   
119 O O   . CYS A 18  ? 0.3609 0.3811 0.3263 -0.0374 -0.0334 0.0494  16  CYS A O   
120 C CB  . CYS A 18  ? 0.3729 0.3791 0.3233 -0.0373 -0.0234 0.0419  16  CYS A CB  
121 S SG  . CYS A 18  ? 0.3601 0.3621 0.3027 -0.0411 -0.0239 0.0393  16  CYS A SG  
122 N N   . GLY A 19  ? 0.3520 0.3689 0.3209 -0.0344 -0.0311 0.0452  17  GLY A N   
123 C CA  . GLY A 19  ? 0.3387 0.3602 0.3141 -0.0359 -0.0341 0.0483  17  GLY A CA  
124 C C   . GLY A 19  ? 0.3639 0.3869 0.3347 -0.0415 -0.0374 0.0490  17  GLY A C   
125 O O   . GLY A 19  ? 0.3597 0.3883 0.3379 -0.0432 -0.0410 0.0525  17  GLY A O   
126 N N   . ILE A 20  ? 0.3621 0.3799 0.3211 -0.0446 -0.0364 0.0461  18  ILE A N   
127 C CA  . ILE A 20  ? 0.3824 0.4002 0.3346 -0.0512 -0.0404 0.0467  18  ILE A CA  
128 C C   . ILE A 20  ? 0.3988 0.4179 0.3446 -0.0540 -0.0440 0.0500  18  ILE A C   
129 O O   . ILE A 20  ? 0.4035 0.4280 0.3511 -0.0577 -0.0506 0.0540  18  ILE A O   
130 C CB  . ILE A 20  ? 0.3941 0.4031 0.3347 -0.0544 -0.0365 0.0414  18  ILE A CB  
131 C CG1 . ILE A 20  ? 0.3968 0.4051 0.3444 -0.0522 -0.0339 0.0394  18  ILE A CG1 
132 C CG2 . ILE A 20  ? 0.4006 0.4067 0.3292 -0.0630 -0.0410 0.0410  18  ILE A CG2 
133 C CD1 . ILE A 20  ? 0.4201 0.4191 0.3580 -0.0523 -0.0283 0.0348  18  ILE A CD1 
134 N N   . CYS A 21  ? 0.4029 0.4167 0.3418 -0.0522 -0.0399 0.0488  19  CYS A N   
135 C CA  . CYS A 21  ? 0.4109 0.4222 0.3387 -0.0557 -0.0420 0.0510  19  CYS A CA  
136 C C   . CYS A 21  ? 0.4272 0.4430 0.3633 -0.0512 -0.0415 0.0550  19  CYS A C   
137 O O   . CYS A 21  ? 0.4160 0.4299 0.3444 -0.0532 -0.0430 0.0579  19  CYS A O   
138 C CB  . CYS A 21  ? 0.4192 0.4181 0.3302 -0.0582 -0.0356 0.0466  19  CYS A CB  
139 S SG  . CYS A 21  ? 0.4016 0.3975 0.3199 -0.0507 -0.0259 0.0441  19  CYS A SG  
140 N N   . MET A 22  ? 0.4090 0.4293 0.3591 -0.0456 -0.0393 0.0551  20  MET A N   
141 C CA  . MET A 22  ? 0.4150 0.4383 0.3735 -0.0415 -0.0379 0.0579  20  MET A CA  
142 C C   . MET A 22  ? 0.4207 0.4386 0.3739 -0.0404 -0.0325 0.0565  20  MET A C   
143 O O   . MET A 22  ? 0.4115 0.4314 0.3714 -0.0378 -0.0311 0.0588  20  MET A O   
144 C CB  . MET A 22  ? 0.4228 0.4516 0.3850 -0.0423 -0.0427 0.0645  20  MET A CB  
145 C CG  . MET A 22  ? 0.4773 0.5140 0.4516 -0.0420 -0.0474 0.0685  20  MET A CG  
146 S SD  . MET A 22  ? 0.6569 0.6938 0.6400 -0.0394 -0.0444 0.0643  20  MET A SD  
147 C CE  . MET A 22  ? 0.4476 0.4819 0.4379 -0.0335 -0.0387 0.0622  20  MET A CE  
148 N N   . GLU A 23  ? 0.4122 0.4224 0.3542 -0.0424 -0.0285 0.0531  21  GLU A N   
149 C CA  . GLU A 23  ? 0.4016 0.4066 0.3422 -0.0407 -0.0216 0.0519  21  GLU A CA  
150 C C   . GLU A 23  ? 0.3829 0.3909 0.3369 -0.0360 -0.0188 0.0494  21  GLU A C   
151 O O   . GLU A 23  ? 0.3625 0.3727 0.3201 -0.0349 -0.0211 0.0476  21  GLU A O   
152 C CB  . GLU A 23  ? 0.4233 0.4175 0.3477 -0.0442 -0.0166 0.0493  21  GLU A CB  
153 C CG  . GLU A 23  ? 0.4468 0.4362 0.3540 -0.0503 -0.0208 0.0514  21  GLU A CG  
154 C CD  . GLU A 23  ? 0.4959 0.4856 0.4011 -0.0501 -0.0219 0.0563  21  GLU A CD  
155 O OE1 . GLU A 23  ? 0.5235 0.5124 0.4354 -0.0465 -0.0160 0.0568  21  GLU A OE1 
156 O OE2 . GLU A 23  ? 0.5332 0.5242 0.4310 -0.0536 -0.0289 0.0601  21  GLU A OE2 
157 N N   . ILE A 24  ? 0.3779 0.3856 0.3388 -0.0335 -0.0143 0.0495  22  ILE A N   
158 C CA  . ILE A 24  ? 0.3358 0.3455 0.3083 -0.0299 -0.0122 0.0474  22  ILE A CA  
159 C C   . ILE A 24  ? 0.3730 0.3782 0.3401 -0.0299 -0.0101 0.0444  22  ILE A C   
160 O O   . ILE A 24  ? 0.3910 0.3888 0.3461 -0.0326 -0.0061 0.0433  22  ILE A O   
161 C CB  . ILE A 24  ? 0.3634 0.3722 0.3438 -0.0283 -0.0064 0.0480  22  ILE A CB  
162 C CG1 . ILE A 24  ? 0.3418 0.3556 0.3376 -0.0249 -0.0071 0.0469  22  ILE A CG1 
163 C CG2 . ILE A 24  ? 0.3490 0.3493 0.3207 -0.0295 0.0016  0.0473  22  ILE A CG2 
164 C CD1 . ILE A 24  ? 0.3410 0.3609 0.3464 -0.0242 -0.0123 0.0476  22  ILE A CD1 
165 N N   . LEU A 25  ? 0.3695 0.3779 0.3442 -0.0271 -0.0125 0.0431  23  LEU A N   
166 C CA  . LEU A 25  ? 0.3804 0.3848 0.3519 -0.0261 -0.0104 0.0410  23  LEU A CA  
167 C C   . LEU A 25  ? 0.3907 0.3906 0.3646 -0.0246 -0.0025 0.0407  23  LEU A C   
168 O O   . LEU A 25  ? 0.4550 0.4590 0.4419 -0.0218 -0.0015 0.0420  23  LEU A O   
169 C CB  . LEU A 25  ? 0.3779 0.3865 0.3579 -0.0228 -0.0149 0.0407  23  LEU A CB  
170 C CG  . LEU A 25  ? 0.3925 0.3998 0.3686 -0.0224 -0.0178 0.0394  23  LEU A CG  
171 C CD1 . LEU A 25  ? 0.3639 0.3676 0.3292 -0.0261 -0.0174 0.0384  23  LEU A CD1 
172 C CD2 . LEU A 25  ? 0.3530 0.3637 0.3347 -0.0205 -0.0230 0.0399  23  LEU A CD2 
173 N N   . VAL A 26  ? 0.3913 0.3823 0.3538 -0.0267 0.0034  0.0391  24  VAL A N   
174 C CA  . VAL A 26  ? 0.4023 0.3875 0.3676 -0.0247 0.0128  0.0390  24  VAL A CA  
175 C C   . VAL A 26  ? 0.3923 0.3730 0.3562 -0.0229 0.0156  0.0375  24  VAL A C   
176 O O   . VAL A 26  ? 0.3781 0.3546 0.3296 -0.0260 0.0138  0.0352  24  VAL A O   
177 C CB  . VAL A 26  ? 0.4007 0.3758 0.3519 -0.0288 0.0200  0.0386  24  VAL A CB  
178 C CG1 . VAL A 26  ? 0.4614 0.4256 0.4103 -0.0276 0.0321  0.0377  24  VAL A CG1 
179 C CG2 . VAL A 26  ? 0.4361 0.4158 0.3945 -0.0285 0.0195  0.0412  24  VAL A CG2 
180 N N   . GLU A 27  ? 0.3716 0.3537 0.3492 -0.0178 0.0197  0.0391  25  GLU A N   
181 C CA  . GLU A 27  ? 0.3715 0.3491 0.3490 -0.0150 0.0229  0.0386  25  GLU A CA  
182 C C   . GLU A 27  ? 0.3557 0.3352 0.3262 -0.0162 0.0150  0.0369  25  GLU A C   
183 O O   . GLU A 27  ? 0.3716 0.3434 0.3293 -0.0190 0.0177  0.0343  25  GLU A O   
184 C CB  . GLU A 27  ? 0.4117 0.3755 0.3767 -0.0173 0.0346  0.0366  25  GLU A CB  
185 C CG  . GLU A 27  ? 0.4643 0.4251 0.4398 -0.0143 0.0448  0.0390  25  GLU A CG  
186 C CD  . GLU A 27  ? 0.5214 0.4654 0.4828 -0.0164 0.0584  0.0368  25  GLU A CD  
187 O OE1 . GLU A 27  ? 0.5848 0.5193 0.5249 -0.0228 0.0595  0.0335  25  GLU A OE1 
188 O OE2 . GLU A 27  ? 0.6095 0.5491 0.5804 -0.0119 0.0678  0.0387  25  GLU A OE2 
189 N N   . PRO A 28  ? 0.3372 0.3259 0.3155 -0.0147 0.0058  0.0382  26  PRO A N   
190 C CA  . PRO A 28  ? 0.3292 0.3186 0.3006 -0.0161 -0.0003 0.0367  26  PRO A CA  
191 C C   . PRO A 28  ? 0.3335 0.3168 0.3011 -0.0138 0.0024  0.0359  26  PRO A C   
192 O O   . PRO A 28  ? 0.3298 0.3128 0.3055 -0.0091 0.0046  0.0380  26  PRO A O   
193 C CB  . PRO A 28  ? 0.3325 0.3303 0.3138 -0.0139 -0.0085 0.0386  26  PRO A CB  
194 C CG  . PRO A 28  ? 0.3004 0.3025 0.2951 -0.0108 -0.0075 0.0409  26  PRO A CG  
195 C CD  . PRO A 28  ? 0.3230 0.3208 0.3164 -0.0121 0.0014  0.0408  26  PRO A CD  
196 N N   . VAL A 29  ? 0.3198 0.2985 0.2763 -0.0172 0.0023  0.0335  27  VAL A N   
197 C CA  . VAL A 29  ? 0.3166 0.2891 0.2685 -0.0157 0.0049  0.0324  27  VAL A CA  
198 C C   . VAL A 29  ? 0.3022 0.2775 0.2540 -0.0152 -0.0018 0.0325  27  VAL A C   
199 O O   . VAL A 29  ? 0.3089 0.2870 0.2580 -0.0190 -0.0052 0.0316  27  VAL A O   
200 C CB  . VAL A 29  ? 0.3287 0.2919 0.2676 -0.0211 0.0109  0.0290  27  VAL A CB  
201 C CG1 . VAL A 29  ? 0.3351 0.2912 0.2700 -0.0195 0.0142  0.0279  27  VAL A CG1 
202 C CG2 . VAL A 29  ? 0.3277 0.2844 0.2640 -0.0217 0.0194  0.0286  27  VAL A CG2 
203 N N   . THR A 30  ? 0.2955 0.2697 0.2504 -0.0102 -0.0033 0.0342  28  THR A N   
204 C CA  . THR A 30  ? 0.3092 0.2827 0.2612 -0.0094 -0.0079 0.0343  28  THR A CA  
205 C C   . THR A 30  ? 0.3151 0.2796 0.2596 -0.0087 -0.0029 0.0330  28  THR A C   
206 O O   . THR A 30  ? 0.3052 0.2646 0.2496 -0.0047 0.0007  0.0343  28  THR A O   
207 C CB  . THR A 30  ? 0.3064 0.2830 0.2642 -0.0049 -0.0140 0.0371  28  THR A CB  
208 O OG1 . THR A 30  ? 0.3160 0.3006 0.2813 -0.0063 -0.0177 0.0377  28  THR A OG1 
209 C CG2 . THR A 30  ? 0.3075 0.2797 0.2585 -0.0041 -0.0178 0.0369  28  THR A CG2 
210 N N   . LEU A 31  ? 0.3090 0.2717 0.2488 -0.0125 -0.0024 0.0309  29  LEU A N   
211 C CA  . LEU A 31  ? 0.3093 0.2634 0.2425 -0.0131 0.0027  0.0293  29  LEU A CA  
212 C C   . LEU A 31  ? 0.3227 0.2717 0.2533 -0.0080 0.0015  0.0311  29  LEU A C   
213 O O   . LEU A 31  ? 0.3193 0.2715 0.2521 -0.0058 -0.0041 0.0329  29  LEU A O   
214 C CB  . LEU A 31  ? 0.3021 0.2578 0.2344 -0.0192 0.0025  0.0272  29  LEU A CB  
215 C CG  . LEU A 31  ? 0.3362 0.2958 0.2681 -0.0248 0.0024  0.0258  29  LEU A CG  
216 C CD1 . LEU A 31  ? 0.3146 0.2764 0.2460 -0.0318 0.0008  0.0242  29  LEU A CD1 
217 C CD2 . LEU A 31  ? 0.3160 0.2678 0.2421 -0.0245 0.0092  0.0242  29  LEU A CD2 
218 N N   . PRO A 32  ? 0.3253 0.2646 0.2496 -0.0066 0.0071  0.0304  30  PRO A N   
219 C CA  . PRO A 32  ? 0.3403 0.2731 0.2597 -0.0013 0.0057  0.0328  30  PRO A CA  
220 C C   . PRO A 32  ? 0.3547 0.2853 0.2708 -0.0023 0.0035  0.0324  30  PRO A C   
221 O O   . PRO A 32  ? 0.3449 0.2695 0.2547 0.0015  0.0012  0.0343  30  PRO A O   
222 C CB  . PRO A 32  ? 0.3589 0.2807 0.2720 0.0008  0.0135  0.0325  30  PRO A CB  
223 C CG  . PRO A 32  ? 0.3404 0.2619 0.2541 -0.0056 0.0189  0.0286  30  PRO A CG  
224 C CD  . PRO A 32  ? 0.3416 0.2741 0.2619 -0.0091 0.0148  0.0280  30  PRO A CD  
225 N N   . CYS A 33  ? 0.3478 0.2830 0.2682 -0.0075 0.0044  0.0304  31  CYS A N   
226 C CA  . CYS A 33  ? 0.3509 0.2864 0.2724 -0.0085 0.0029  0.0308  31  CYS A CA  
227 C C   . CYS A 33  ? 0.3778 0.3208 0.3032 -0.0082 -0.0039 0.0321  31  CYS A C   
228 O O   . CYS A 33  ? 0.3898 0.3326 0.3164 -0.0091 -0.0046 0.0324  31  CYS A O   
229 C CB  . CYS A 33  ? 0.3676 0.3075 0.2959 -0.0140 0.0057  0.0292  31  CYS A CB  
230 S SG  . CYS A 33  ? 0.3347 0.2871 0.2701 -0.0190 0.0016  0.0284  31  CYS A SG  
231 N N   . ASN A 34  ? 0.3754 0.3239 0.3034 -0.0067 -0.0082 0.0330  32  ASN A N   
232 C CA  . ASN A 34  ? 0.3862 0.3420 0.3191 -0.0067 -0.0144 0.0341  32  ASN A CA  
233 C C   . ASN A 34  ? 0.3750 0.3399 0.3159 -0.0108 -0.0155 0.0337  32  ASN A C   
234 O O   . ASN A 34  ? 0.3724 0.3419 0.3169 -0.0109 -0.0196 0.0345  32  ASN A O   
235 C CB  . ASN A 34  ? 0.3990 0.3485 0.3254 -0.0046 -0.0178 0.0350  32  ASN A CB  
236 C CG  . ASN A 34  ? 0.4910 0.4322 0.4089 -0.0006 -0.0188 0.0362  32  ASN A CG  
237 O OD1 . ASN A 34  ? 0.5305 0.4602 0.4375 0.0008  -0.0159 0.0362  32  ASN A OD1 
238 N ND2 . ASN A 34  ? 0.4726 0.4190 0.3958 0.0016  -0.0216 0.0379  32  ASN A ND2 
239 N N   . HIS A 35  ? 0.3650 0.3327 0.3083 -0.0142 -0.0124 0.0326  33  HIS A N   
240 C CA  . HIS A 35  ? 0.3586 0.3354 0.3086 -0.0181 -0.0148 0.0331  33  HIS A CA  
241 C C   . HIS A 35  ? 0.3431 0.3233 0.2939 -0.0186 -0.0151 0.0328  33  HIS A C   
242 O O   . HIS A 35  ? 0.3170 0.2926 0.2637 -0.0179 -0.0115 0.0316  33  HIS A O   
243 C CB  . HIS A 35  ? 0.3297 0.3080 0.2823 -0.0224 -0.0129 0.0327  33  HIS A CB  
244 C CG  . HIS A 35  ? 0.3609 0.3359 0.3156 -0.0215 -0.0111 0.0336  33  HIS A CG  
245 N ND1 . HIS A 35  ? 0.3488 0.3172 0.3014 -0.0219 -0.0063 0.0327  33  HIS A ND1 
246 C CD2 . HIS A 35  ? 0.3653 0.3411 0.3236 -0.0202 -0.0121 0.0355  33  HIS A CD2 
247 C CE1 . HIS A 35  ? 0.3766 0.3415 0.3318 -0.0205 -0.0040 0.0340  33  HIS A CE1 
248 N NE2 . HIS A 35  ? 0.4092 0.3780 0.3671 -0.0194 -0.0074 0.0356  33  HIS A NE2 
249 N N   . THR A 36  ? 0.3387 0.3257 0.2941 -0.0198 -0.0181 0.0339  34  THR A N   
250 C CA  . THR A 36  ? 0.3288 0.3180 0.2852 -0.0202 -0.0172 0.0339  34  THR A CA  
251 C C   . THR A 36  ? 0.3109 0.3038 0.2662 -0.0252 -0.0176 0.0340  34  THR A C   
252 O O   . THR A 36  ? 0.3272 0.3246 0.2854 -0.0273 -0.0206 0.0353  34  THR A O   
253 C CB  . THR A 36  ? 0.3154 0.3084 0.2781 -0.0171 -0.0202 0.0355  34  THR A CB  
254 O OG1 . THR A 36  ? 0.3073 0.2959 0.2688 -0.0130 -0.0206 0.0357  34  THR A OG1 
255 C CG2 . THR A 36  ? 0.3046 0.2997 0.2704 -0.0172 -0.0181 0.0359  34  THR A CG2 
256 N N   . LEU A 37  ? 0.3099 0.2999 0.2607 -0.0270 -0.0140 0.0328  35  LEU A N   
257 C CA  . LEU A 37  ? 0.3237 0.3152 0.2704 -0.0318 -0.0147 0.0330  35  LEU A CA  
258 C C   . LEU A 37  ? 0.3326 0.3198 0.2757 -0.0316 -0.0094 0.0324  35  LEU A C   
259 O O   . LEU A 37  ? 0.3270 0.3103 0.2720 -0.0279 -0.0048 0.0318  35  LEU A O   
260 C CB  . LEU A 37  ? 0.3437 0.3330 0.2835 -0.0375 -0.0155 0.0317  35  LEU A CB  
261 C CG  . LEU A 37  ? 0.3466 0.3263 0.2765 -0.0400 -0.0097 0.0283  35  LEU A CG  
262 C CD1 . LEU A 37  ? 0.3780 0.3562 0.3012 -0.0473 -0.0120 0.0268  35  LEU A CD1 
263 C CD2 . LEU A 37  ? 0.3558 0.3317 0.2889 -0.0349 -0.0063 0.0274  35  LEU A CD2 
264 N N   . CYS A 38  ? 0.3325 0.3198 0.2711 -0.0349 -0.0094 0.0332  36  CYS A N   
265 C CA  . CYS A 38  ? 0.3371 0.3189 0.2733 -0.0341 -0.0027 0.0328  36  CYS A CA  
266 C C   . CYS A 38  ? 0.3870 0.3576 0.3113 -0.0367 0.0040  0.0297  36  CYS A C   
267 O O   . CYS A 38  ? 0.3736 0.3414 0.2895 -0.0413 0.0019  0.0279  36  CYS A O   
268 C CB  . CYS A 38  ? 0.3486 0.3309 0.2805 -0.0371 -0.0032 0.0345  36  CYS A CB  
269 S SG  . CYS A 38  ? 0.3736 0.3517 0.2881 -0.0456 -0.0073 0.0339  36  CYS A SG  
270 N N   . LYS A 39  ? 0.3774 0.3411 0.3016 -0.0344 0.0127  0.0294  37  LYS A N   
271 C CA  . LYS A 39  ? 0.4105 0.3615 0.3227 -0.0368 0.0209  0.0263  37  LYS A CA  
272 C C   . LYS A 39  ? 0.4231 0.3654 0.3156 -0.0455 0.0207  0.0237  37  LYS A C   
273 O O   . LYS A 39  ? 0.4605 0.3964 0.3431 -0.0499 0.0212  0.0206  37  LYS A O   
274 C CB  . LYS A 39  ? 0.4331 0.3779 0.3508 -0.0322 0.0315  0.0273  37  LYS A CB  
275 C CG  . LYS A 39  ? 0.4652 0.3942 0.3700 -0.0344 0.0426  0.0243  37  LYS A CG  
276 C CD  . LYS A 39  ? 0.4946 0.4225 0.4091 -0.0283 0.0475  0.0252  37  LYS A CD  
277 C CE  . LYS A 39  ? 0.6434 0.5603 0.5596 -0.0254 0.0618  0.0262  37  LYS A CE  
278 N NZ  . LYS A 39  ? 0.6302 0.5431 0.5558 -0.0190 0.0694  0.0279  37  LYS A NZ  
279 N N   . PRO A 40  ? 0.4417 0.3832 0.3277 -0.0486 0.0197  0.0249  38  PRO A N   
280 C CA  . PRO A 40  ? 0.4559 0.3899 0.3220 -0.0575 0.0166  0.0229  38  PRO A CA  
281 C C   . PRO A 40  ? 0.4512 0.3928 0.3182 -0.0615 0.0063  0.0226  38  PRO A C   
282 O O   . PRO A 40  ? 0.4781 0.4117 0.3313 -0.0685 0.0059  0.0194  38  PRO A O   
283 C CB  . PRO A 40  ? 0.4445 0.3800 0.3067 -0.0589 0.0143  0.0257  38  PRO A CB  
284 C CG  . PRO A 40  ? 0.4610 0.3961 0.3350 -0.0518 0.0232  0.0273  38  PRO A CG  
285 C CD  . PRO A 40  ? 0.4166 0.3615 0.3105 -0.0450 0.0220  0.0278  38  PRO A CD  
286 N N   . CYS A 41  ? 0.4207 0.3766 0.3036 -0.0579 -0.0017 0.0258  39  CYS A N   
287 C CA  . CYS A 41  ? 0.4108 0.3737 0.2977 -0.0609 -0.0096 0.0260  39  CYS A CA  
288 C C   . CYS A 41  ? 0.4402 0.3983 0.3274 -0.0607 -0.0055 0.0226  39  CYS A C   
289 O O   . CYS A 41  ? 0.4466 0.4035 0.3292 -0.0666 -0.0089 0.0209  39  CYS A O   
290 C CB  . CYS A 41  ? 0.4097 0.3866 0.3135 -0.0565 -0.0164 0.0300  39  CYS A CB  
291 S SG  . CYS A 41  ? 0.4208 0.4040 0.3227 -0.0597 -0.0240 0.0347  39  CYS A SG  
292 N N   . PHE A 42  ? 0.4225 0.3778 0.3157 -0.0541 0.0015  0.0220  40  PHE A N   
293 C CA  . PHE A 42  ? 0.4249 0.3742 0.3176 -0.0529 0.0064  0.0193  40  PHE A CA  
294 C C   . PHE A 42  ? 0.4642 0.3996 0.3393 -0.0603 0.0119  0.0151  40  PHE A C   
295 O O   . PHE A 42  ? 0.4613 0.3929 0.3330 -0.0641 0.0122  0.0125  40  PHE A O   
296 C CB  . PHE A 42  ? 0.4065 0.3544 0.3079 -0.0444 0.0127  0.0205  40  PHE A CB  
297 C CG  . PHE A 42  ? 0.4229 0.3626 0.3221 -0.0426 0.0193  0.0184  40  PHE A CG  
298 C CD1 . PHE A 42  ? 0.4122 0.3552 0.3173 -0.0405 0.0164  0.0186  40  PHE A CD1 
299 C CD2 . PHE A 42  ? 0.4409 0.3674 0.3314 -0.0429 0.0298  0.0162  40  PHE A CD2 
300 C CE1 . PHE A 42  ? 0.4120 0.3461 0.3145 -0.0385 0.0231  0.0170  40  PHE A CE1 
301 C CE2 . PHE A 42  ? 0.4483 0.3664 0.3378 -0.0405 0.0369  0.0148  40  PHE A CE2 
302 C CZ  . PHE A 42  ? 0.4011 0.3233 0.2961 -0.0385 0.0330  0.0153  40  PHE A CZ  
303 N N   . GLN A 43  ? 0.4824 0.4087 0.3455 -0.0627 0.0172  0.0141  41  GLN A N   
304 C CA  . GLN A 43  ? 0.5350 0.4445 0.3784 -0.0701 0.0240  0.0095  41  GLN A CA  
305 C C   . GLN A 43  ? 0.5615 0.4725 0.3949 -0.0804 0.0142  0.0080  41  GLN A C   
306 O O   . GLN A 43  ? 0.5993 0.5033 0.4253 -0.0862 0.0152  0.0043  41  GLN A O   
307 C CB  . GLN A 43  ? 0.5737 0.4712 0.4056 -0.0701 0.0333  0.0089  41  GLN A CB  
308 C CG  . GLN A 43  ? 0.5824 0.4775 0.4268 -0.0603 0.0443  0.0105  41  GLN A CG  
309 C CD  . GLN A 43  ? 0.6085 0.4979 0.4511 -0.0577 0.0523  0.0122  41  GLN A CD  
310 O OE1 . GLN A 43  ? 0.6619 0.5543 0.4998 -0.0605 0.0474  0.0136  41  GLN A OE1 
311 N NE2 . GLN A 43  ? 0.6062 0.4888 0.4556 -0.0515 0.0644  0.0130  41  GLN A NE2 
312 N N   . SER A 44  ? 0.5293 0.4512 0.3660 -0.0821 0.0039  0.0115  42  SER A N   
313 C CA  . SER A 44  ? 0.5680 0.4935 0.3983 -0.0916 -0.0070 0.0117  42  SER A CA  
314 C C   . SER A 44  ? 0.5446 0.4818 0.3900 -0.0924 -0.0143 0.0128  42  SER A C   
315 O O   . SER A 44  ? 0.5796 0.5155 0.4189 -0.1014 -0.0199 0.0111  42  SER A O   
316 C CB  . SER A 44  ? 0.5655 0.4999 0.3968 -0.0919 -0.0157 0.0166  42  SER A CB  
317 O OG  . SER A 44  ? 0.6279 0.5500 0.4431 -0.0926 -0.0092 0.0157  42  SER A OG  
318 N N   . THR A 45  ? 0.4970 0.4464 0.3623 -0.0838 -0.0154 0.0161  43  THR A N   
319 C CA  . THR A 45  ? 0.4983 0.4589 0.3788 -0.0843 -0.0218 0.0180  43  THR A CA  
320 C C   . THR A 45  ? 0.5223 0.4778 0.4071 -0.0810 -0.0143 0.0150  43  THR A C   
321 O O   . THR A 45  ? 0.4711 0.4327 0.3673 -0.0818 -0.0171 0.0158  43  THR A O   
322 C CB  . THR A 45  ? 0.4996 0.4751 0.3982 -0.0777 -0.0275 0.0239  43  THR A CB  
323 O OG1 . THR A 45  ? 0.5075 0.4823 0.4121 -0.0683 -0.0211 0.0241  43  THR A OG1 
324 C CG2 . THR A 45  ? 0.5024 0.4818 0.3964 -0.0800 -0.0338 0.0274  43  THR A CG2 
325 N N   . VAL A 46  ? 0.4924 0.4367 0.3698 -0.0768 -0.0042 0.0122  44  VAL A N   
326 C CA  . VAL A 46  ? 0.4666 0.4059 0.3488 -0.0724 0.0031  0.0103  44  VAL A CA  
327 C C   . VAL A 46  ? 0.5257 0.4483 0.3925 -0.0761 0.0127  0.0053  44  VAL A C   
328 O O   . VAL A 46  ? 0.5504 0.4672 0.4139 -0.0812 0.0148  0.0021  44  VAL A O   
329 C CB  . VAL A 46  ? 0.4511 0.3946 0.3447 -0.0610 0.0062  0.0133  44  VAL A CB  
330 C CG1 . VAL A 46  ? 0.4410 0.3776 0.3363 -0.0566 0.0133  0.0119  44  VAL A CG1 
331 C CG2 . VAL A 46  ? 0.4214 0.3786 0.3288 -0.0575 -0.0017 0.0175  44  VAL A CG2 
332 N N   . GLU A 47  ? 0.5213 0.4356 0.3797 -0.0734 0.0197  0.0047  45  GLU A N   
333 C CA  . GLU A 47  ? 0.5987 0.4959 0.4450 -0.0740 0.0319  0.0009  45  GLU A CA  
334 C C   . GLU A 47  ? 0.6476 0.5333 0.4752 -0.0865 0.0318  -0.0041 45  GLU A C   
335 O O   . GLU A 47  ? 0.6523 0.5261 0.4724 -0.0900 0.0389  -0.0082 45  GLU A O   
336 C CB  . GLU A 47  ? 0.5885 0.4811 0.4335 -0.0681 0.0391  0.0025  45  GLU A CB  
337 C CG  . GLU A 47  ? 0.7208 0.5946 0.5533 -0.0687 0.0531  -0.0008 45  GLU A CG  
338 C CD  . GLU A 47  ? 0.7887 0.6609 0.6297 -0.0590 0.0619  0.0026  45  GLU A CD  
339 O OE1 . GLU A 47  ? 0.7964 0.6759 0.6424 -0.0564 0.0587  0.0056  45  GLU A OE1 
340 O OE2 . GLU A 47  ? 0.8912 0.7551 0.7351 -0.0536 0.0721  0.0028  45  GLU A OE2 
341 N N   . LYS A 48  ? 0.6307 0.5205 0.4510 -0.0934 0.0229  -0.0035 46  LYS A N   
342 C CA  . LYS A 48  ? 0.7334 0.6129 0.5342 -0.1062 0.0200  -0.0078 46  LYS A CA  
343 C C   . LYS A 48  ? 0.7436 0.6355 0.5524 -0.1136 0.0068  -0.0069 46  LYS A C   
344 O O   . LYS A 48  ? 0.7712 0.6575 0.5655 -0.1253 0.0009  -0.0096 46  LYS A O   
345 C CB  . LYS A 48  ? 0.7145 0.5859 0.4971 -0.1102 0.0200  -0.0077 46  LYS A CB  
346 C CG  . LYS A 48  ? 0.8674 0.7133 0.6238 -0.1162 0.0328  -0.0136 46  LYS A CG  
347 C CD  . LYS A 48  ? 0.9704 0.8056 0.7080 -0.1313 0.0282  -0.0194 46  LYS A CD  
348 C CE  . LYS A 48  ? 0.9883 0.7957 0.6934 -0.1408 0.0386  -0.0258 46  LYS A CE  
349 N NZ  . LYS A 48  ? 1.0077 0.8081 0.6950 -0.1433 0.0373  -0.0244 46  LYS A NZ  
350 N N   . ALA A 49  ? 0.6682 0.5759 0.4996 -0.1070 0.0021  -0.0030 47  ALA A N   
351 C CA  . ALA A 49  ? 0.6572 0.5767 0.5004 -0.1129 -0.0082 -0.0016 47  ALA A CA  
352 C C   . ALA A 49  ? 0.6345 0.5530 0.4890 -0.1096 -0.0017 -0.0033 47  ALA A C   
353 O O   . ALA A 49  ? 0.6187 0.5225 0.4624 -0.1121 0.0076  -0.0082 47  ALA A O   
354 C CB  . ALA A 49  ? 0.6211 0.5599 0.4814 -0.1094 -0.0195 0.0051  47  ALA A CB  
355 N N   . SER A 50  ? 0.5858 0.5180 0.4612 -0.1040 -0.0053 0.0008  48  SER A N   
356 C CA  . SER A 50  ? 0.6180 0.5459 0.5005 -0.1024 0.0016  -0.0012 48  SER A CA  
357 C C   . SER A 50  ? 0.5249 0.4497 0.4128 -0.0902 0.0107  0.0001  48  SER A C   
358 O O   . SER A 50  ? 0.5238 0.4470 0.4194 -0.0879 0.0151  -0.0003 48  SER A O   
359 C CB  . SER A 50  ? 0.6046 0.5426 0.5027 -0.1085 -0.0051 0.0001  48  SER A CB  
360 O OG  . SER A 50  ? 0.6853 0.6383 0.6025 -0.1014 -0.0100 0.0061  48  SER A OG  
361 N N   . LEU A 51  ? 0.5021 0.4254 0.3856 -0.0829 0.0132  0.0016  49  LEU A N   
362 C CA  . LEU A 51  ? 0.4887 0.4075 0.3754 -0.0720 0.0213  0.0029  49  LEU A CA  
363 C C   . LEU A 51  ? 0.4384 0.3656 0.3401 -0.0658 0.0193  0.0064  49  LEU A C   
364 O O   . LEU A 51  ? 0.4238 0.3437 0.3260 -0.0611 0.0263  0.0060  49  LEU A O   
365 C CB  . LEU A 51  ? 0.4724 0.3744 0.3481 -0.0727 0.0331  -0.0013 49  LEU A CB  
366 C CG  . LEU A 51  ? 0.5301 0.4203 0.3903 -0.0751 0.0391  -0.0040 49  LEU A CG  
367 C CD1 . LEU A 51  ? 0.5305 0.4038 0.3798 -0.0786 0.0501  -0.0087 49  LEU A CD1 
368 C CD2 . LEU A 51  ? 0.4705 0.3625 0.3340 -0.0651 0.0420  -0.0003 49  LEU A CD2 
369 N N   . CYS A 52  ? 0.4093 0.3495 0.3213 -0.0661 0.0106  0.0097  50  CYS A N   
370 C CA  . CYS A 52  ? 0.3917 0.3392 0.3170 -0.0601 0.0088  0.0134  50  CYS A CA  
371 C C   . CYS A 52  ? 0.3609 0.3176 0.2904 -0.0557 0.0029  0.0171  50  CYS A C   
372 O O   . CYS A 52  ? 0.3693 0.3303 0.2954 -0.0595 -0.0022 0.0174  50  CYS A O   
373 C CB  . CYS A 52  ? 0.3826 0.3381 0.3199 -0.0663 0.0042  0.0146  50  CYS A CB  
374 S SG  . CYS A 52  ? 0.6118 0.5579 0.5463 -0.0731 0.0102  0.0101  50  CYS A SG  
375 N N   . CYS A 53  ? 0.3482 0.3066 0.2836 -0.0482 0.0034  0.0198  51  CYS A N   
376 C CA  . CYS A 53  ? 0.3345 0.3011 0.2748 -0.0445 -0.0019 0.0230  51  CYS A CA  
377 C C   . CYS A 53  ? 0.3265 0.3041 0.2760 -0.0500 -0.0088 0.0254  51  CYS A C   
378 O O   . CYS A 53  ? 0.3183 0.2987 0.2769 -0.0526 -0.0090 0.0264  51  CYS A O   
379 C CB  . CYS A 53  ? 0.3221 0.2867 0.2657 -0.0370 -0.0001 0.0250  51  CYS A CB  
380 S SG  . CYS A 53  ? 0.3231 0.2973 0.2736 -0.0339 -0.0064 0.0286  51  CYS A SG  
381 N N   . PRO A 54  ? 0.3339 0.3176 0.2822 -0.0518 -0.0143 0.0269  52  PRO A N   
382 C CA  . PRO A 54  ? 0.3420 0.3361 0.2997 -0.0561 -0.0212 0.0304  52  PRO A CA  
383 C C   . PRO A 54  ? 0.3145 0.3151 0.2859 -0.0514 -0.0222 0.0346  52  PRO A C   
384 O O   . PRO A 54  ? 0.3191 0.3288 0.3011 -0.0543 -0.0272 0.0383  52  PRO A O   
385 C CB  . PRO A 54  ? 0.3447 0.3416 0.2954 -0.0585 -0.0259 0.0312  52  PRO A CB  
386 C CG  . PRO A 54  ? 0.3759 0.3648 0.3163 -0.0546 -0.0206 0.0285  52  PRO A CG  
387 C CD  . PRO A 54  ? 0.3410 0.3231 0.2819 -0.0491 -0.0140 0.0266  52  PRO A CD  
388 N N   . PHE A 55  ? 0.3121 0.3080 0.2827 -0.0444 -0.0178 0.0343  53  PHE A N   
389 C CA  . PHE A 55  ? 0.3223 0.3204 0.3027 -0.0401 -0.0168 0.0375  53  PHE A CA  
390 C C   . PHE A 55  ? 0.3286 0.3214 0.3139 -0.0389 -0.0110 0.0372  53  PHE A C   
391 O O   . PHE A 55  ? 0.3322 0.3287 0.3294 -0.0384 -0.0101 0.0406  53  PHE A O   
392 C CB  . PHE A 55  ? 0.3103 0.3055 0.2861 -0.0343 -0.0163 0.0376  53  PHE A CB  
393 C CG  . PHE A 55  ? 0.3370 0.3372 0.3099 -0.0350 -0.0207 0.0382  53  PHE A CG  
394 C CD1 . PHE A 55  ? 0.3680 0.3760 0.3481 -0.0355 -0.0246 0.0418  53  PHE A CD1 
395 C CD2 . PHE A 55  ? 0.3609 0.3570 0.3240 -0.0350 -0.0197 0.0353  53  PHE A CD2 
396 C CE1 . PHE A 55  ? 0.4044 0.4155 0.3809 -0.0361 -0.0277 0.0423  53  PHE A CE1 
397 C CE2 . PHE A 55  ? 0.3601 0.3594 0.3207 -0.0358 -0.0223 0.0358  53  PHE A CE2 
398 C CZ  . PHE A 55  ? 0.3792 0.3859 0.3460 -0.0363 -0.0263 0.0393  53  PHE A CZ  
399 N N   . CYS A 56  ? 0.3097 0.2930 0.2865 -0.0383 -0.0059 0.0338  54  CYS A N   
400 C CA  . CYS A 56  ? 0.3284 0.3044 0.3082 -0.0366 0.0008  0.0336  54  CYS A CA  
401 C C   . CYS A 56  ? 0.3090 0.2808 0.2873 -0.0409 0.0042  0.0309  54  CYS A C   
402 O O   . CYS A 56  ? 0.3142 0.2795 0.2956 -0.0401 0.0108  0.0306  54  CYS A O   
403 C CB  . CYS A 56  ? 0.3187 0.2834 0.2882 -0.0298 0.0055  0.0328  54  CYS A CB  
404 S SG  . CYS A 56  ? 0.3268 0.2833 0.2801 -0.0275 0.0062  0.0294  54  CYS A SG  
405 N N   . ARG A 57  ? 0.3152 0.2893 0.2881 -0.0458 0.0007  0.0285  55  ARG A N   
406 C CA  . ARG A 57  ? 0.3216 0.2911 0.2922 -0.0517 0.0039  0.0252  55  ARG A CA  
407 C C   . ARG A 57  ? 0.3295 0.2846 0.2889 -0.0476 0.0125  0.0222  55  ARG A C   
408 O O   . ARG A 57  ? 0.3276 0.2761 0.2851 -0.0512 0.0176  0.0194  55  ARG A O   
409 C CB  . ARG A 57  ? 0.3253 0.3003 0.3113 -0.0567 0.0037  0.0269  55  ARG A CB  
410 C CG  . ARG A 57  ? 0.3560 0.3461 0.3565 -0.0607 -0.0050 0.0313  55  ARG A CG  
411 C CD  . ARG A 57  ? 0.3741 0.3703 0.3676 -0.0663 -0.0139 0.0309  55  ARG A CD  
412 N NE  . ARG A 57  ? 0.4114 0.4021 0.3953 -0.0740 -0.0139 0.0262  55  ARG A NE  
413 C CZ  . ARG A 57  ? 0.4502 0.4406 0.4216 -0.0791 -0.0193 0.0244  55  ARG A CZ  
414 N NH1 . ARG A 57  ? 0.4597 0.4424 0.4200 -0.0865 -0.0182 0.0197  55  ARG A NH1 
415 N NH2 . ARG A 57  ? 0.4192 0.4153 0.3878 -0.0768 -0.0248 0.0273  55  ARG A NH2 
416 N N   . ARG A 58  ? 0.3225 0.2727 0.2747 -0.0401 0.0140  0.0230  56  ARG A N   
417 C CA  . ARG A 58  ? 0.3535 0.2911 0.2940 -0.0357 0.0204  0.0212  56  ARG A CA  
418 C C   . ARG A 58  ? 0.3570 0.2907 0.2897 -0.0398 0.0222  0.0178  56  ARG A C   
419 O O   . ARG A 58  ? 0.3497 0.2889 0.2803 -0.0419 0.0176  0.0175  56  ARG A O   
420 C CB  . ARG A 58  ? 0.3513 0.2876 0.2864 -0.0285 0.0181  0.0232  56  ARG A CB  
421 C CG  . ARG A 58  ? 0.3970 0.3248 0.3218 -0.0234 0.0211  0.0228  56  ARG A CG  
422 C CD  . ARG A 58  ? 0.4072 0.3236 0.3261 -0.0186 0.0264  0.0236  56  ARG A CD  
423 N NE  . ARG A 58  ? 0.4636 0.3709 0.3733 -0.0136 0.0298  0.0241  56  ARG A NE  
424 C CZ  . ARG A 58  ? 0.4198 0.3232 0.3239 -0.0072 0.0275  0.0269  56  ARG A CZ  
425 N NH1 . ARG A 58  ? 0.4612 0.3685 0.3668 -0.0063 0.0224  0.0283  56  ARG A NH1 
426 N NH2 . ARG A 58  ? 0.4336 0.3290 0.3308 -0.0021 0.0302  0.0285  56  ARG A NH2 
427 N N   A ARG A 59  ? 0.3665 0.2895 0.2939 -0.0406 0.0299  0.0153  57  ARG A N   
428 N N   B ARG A 59  ? 0.3661 0.2889 0.2934 -0.0404 0.0299  0.0154  57  ARG A N   
429 C CA  A ARG A 59  ? 0.3820 0.2983 0.3007 -0.0446 0.0337  0.0118  57  ARG A CA  
430 C CA  B ARG A 59  ? 0.3819 0.2979 0.3006 -0.0443 0.0339  0.0119  57  ARG A CA  
431 C C   A ARG A 59  ? 0.3852 0.2981 0.2968 -0.0377 0.0347  0.0131  57  ARG A C   
432 C C   B ARG A 59  ? 0.3856 0.2981 0.2971 -0.0376 0.0350  0.0131  57  ARG A C   
433 O O   A ARG A 59  ? 0.3905 0.3004 0.3013 -0.0299 0.0356  0.0159  57  ARG A O   
434 O O   B ARG A 59  ? 0.3912 0.3003 0.3015 -0.0297 0.0363  0.0158  57  ARG A O   
435 C CB  A ARG A 59  ? 0.3912 0.2952 0.3063 -0.0462 0.0430  0.0092  57  ARG A CB  
436 C CB  B ARG A 59  ? 0.3907 0.2945 0.3058 -0.0457 0.0432  0.0093  57  ARG A CB  
437 C CG  A ARG A 59  ? 0.4120 0.3060 0.3167 -0.0506 0.0489  0.0051  57  ARG A CG  
438 C CG  B ARG A 59  ? 0.4114 0.3055 0.3168 -0.0506 0.0490  0.0052  57  ARG A CG  
439 C CD  A ARG A 59  ? 0.4260 0.3060 0.3264 -0.0480 0.0595  0.0039  57  ARG A CD  
440 C CD  B ARG A 59  ? 0.4138 0.3146 0.3185 -0.0607 0.0429  0.0024  57  ARG A CD  
441 N NE  A ARG A 59  ? 0.4643 0.3316 0.3549 -0.0519 0.0679  0.0000  57  ARG A NE  
442 N NE  B ARG A 59  ? 0.4393 0.3276 0.3327 -0.0671 0.0496  -0.0024 57  ARG A NE  
443 C CZ  A ARG A 59  ? 0.4869 0.3421 0.3697 -0.0450 0.0766  0.0008  57  ARG A CZ  
444 C CZ  B ARG A 59  ? 0.4437 0.3327 0.3323 -0.0777 0.0459  -0.0060 57  ARG A CZ  
445 N NH1 A ARG A 59  ? 0.5038 0.3460 0.3777 -0.0490 0.0858  -0.0030 57  ARG A NH1 
446 N NH1 B ARG A 59  ? 0.4548 0.3299 0.3309 -0.0837 0.0534  -0.0109 57  ARG A NH1 
447 N NH2 A ARG A 59  ? 0.4603 0.3156 0.3437 -0.0345 0.0762  0.0057  57  ARG A NH2 
448 N NH2 B ARG A 59  ? 0.4444 0.3472 0.3396 -0.0824 0.0347  -0.0042 57  ARG A NH2 
449 N N   . VAL A 60  ? 0.3741 0.2871 0.2808 -0.0409 0.0343  0.0114  58  VAL A N   
450 C CA  . VAL A 60  ? 0.3760 0.2872 0.2793 -0.0349 0.0356  0.0131  58  VAL A CA  
451 C C   . VAL A 60  ? 0.4097 0.3106 0.3039 -0.0378 0.0434  0.0101  58  VAL A C   
452 O O   . VAL A 60  ? 0.4118 0.3122 0.3044 -0.0350 0.0449  0.0112  58  VAL A O   
453 C CB  . VAL A 60  ? 0.3961 0.3204 0.3057 -0.0349 0.0263  0.0154  58  VAL A CB  
454 C CG1 . VAL A 60  ? 0.3720 0.2996 0.2783 -0.0404 0.0240  0.0140  58  VAL A CG1 
455 C CG2 . VAL A 60  ? 0.3637 0.2929 0.2791 -0.0273 0.0223  0.0193  58  VAL A CG2 
456 N N   . SER A 61  ? 0.4245 0.3159 0.3127 -0.0434 0.0495  0.0063  59  SER A N   
457 C CA  . SER A 61  ? 0.4513 0.3298 0.3288 -0.0470 0.0585  0.0027  59  SER A CA  
458 C C   . SER A 61  ? 0.4519 0.3206 0.3277 -0.0379 0.0678  0.0052  59  SER A C   
459 O O   . SER A 61  ? 0.4583 0.3221 0.3302 -0.0370 0.0729  0.0051  59  SER A O   
460 C CB  . SER A 61  ? 0.4384 0.3089 0.3097 -0.0568 0.0621  -0.0024 59  SER A CB  
461 O OG  . SER A 61  ? 0.4682 0.3377 0.3453 -0.0541 0.0639  -0.0015 59  SER A OG  
462 N N   . SER A 62  ? 0.4508 0.3166 0.3300 -0.0310 0.0703  0.0080  60  SER A N   
463 C CA  . SER A 62  ? 0.4812 0.3394 0.3605 -0.0214 0.0774  0.0119  60  SER A CA  
464 C C   . SER A 62  ? 0.4344 0.3031 0.3218 -0.0147 0.0707  0.0168  60  SER A C   
465 O O   . SER A 62  ? 0.4428 0.3082 0.3323 -0.0095 0.0759  0.0196  60  SER A O   
466 C CB  . SER A 62  ? 0.4544 0.3069 0.3339 -0.0150 0.0800  0.0148  60  SER A CB  
467 O OG  . SER A 62  ? 0.5953 0.4391 0.4696 -0.0214 0.0858  0.0103  60  SER A OG  
468 N N   . TRP A 63  ? 0.4172 0.2984 0.3105 -0.0142 0.0599  0.0185  61  TRP A N   
469 C CA  . TRP A 63  ? 0.3899 0.2815 0.2912 -0.0088 0.0531  0.0227  61  TRP A CA  
470 C C   . TRP A 63  ? 0.3978 0.2906 0.2996 -0.0120 0.0558  0.0214  61  TRP A C   
471 O O   . TRP A 63  ? 0.4041 0.2993 0.3127 -0.0066 0.0570  0.0250  61  TRP A O   
472 C CB  . TRP A 63  ? 0.3665 0.2696 0.2723 -0.0099 0.0422  0.0235  61  TRP A CB  
473 C CG  . TRP A 63  ? 0.3540 0.2673 0.2677 -0.0054 0.0348  0.0273  61  TRP A CG  
474 C CD1 . TRP A 63  ? 0.3444 0.2599 0.2619 0.0016  0.0299  0.0319  61  TRP A CD1 
475 C CD2 . TRP A 63  ? 0.3522 0.2742 0.2709 -0.0083 0.0311  0.0270  61  TRP A CD2 
476 N NE1 . TRP A 63  ? 0.3413 0.2672 0.2673 0.0030  0.0234  0.0341  61  TRP A NE1 
477 C CE2 . TRP A 63  ? 0.3487 0.2785 0.2759 -0.0026 0.0247  0.0313  61  TRP A CE2 
478 C CE3 . TRP A 63  ? 0.3608 0.2835 0.2761 -0.0152 0.0327  0.0236  61  TRP A CE3 
479 C CZ2 . TRP A 63  ? 0.3380 0.2771 0.2725 -0.0035 0.0207  0.0322  61  TRP A CZ2 
480 C CZ3 . TRP A 63  ? 0.3658 0.2966 0.2864 -0.0156 0.0289  0.0248  61  TRP A CZ3 
481 C CH2 . TRP A 63  ? 0.3497 0.2886 0.2805 -0.0096 0.0236  0.0290  61  TRP A CH2 
482 N N   . THR A 64  ? 0.4038 0.2949 0.2984 -0.0212 0.0565  0.0164  62  THR A N   
483 C CA  . THR A 64  ? 0.4144 0.3039 0.3055 -0.0250 0.0595  0.0147  62  THR A CA  
484 C C   . THR A 64  ? 0.4406 0.3156 0.3269 -0.0228 0.0731  0.0143  62  THR A C   
485 O O   . THR A 64  ? 0.4484 0.3230 0.3385 -0.0196 0.0770  0.0165  62  THR A O   
486 C CB  . THR A 64  ? 0.4217 0.3116 0.3039 -0.0360 0.0559  0.0099  62  THR A CB  
487 O OG1 . THR A 64  ? 0.3980 0.3018 0.2875 -0.0368 0.0443  0.0116  62  THR A OG1 
488 C CG2 . THR A 64  ? 0.4277 0.3125 0.3020 -0.0403 0.0598  0.0081  62  THR A CG2 
489 N N   . ARG A 65  ? 0.4622 0.3247 0.3412 -0.0241 0.0811  0.0120  63  ARG A N   
490 C CA  . ARG A 65  ? 0.4998 0.3475 0.3753 -0.0209 0.0954  0.0123  63  ARG A CA  
491 C C   . ARG A 65  ? 0.4780 0.3306 0.3678 -0.0089 0.0963  0.0198  63  ARG A C   
492 O O   . ARG A 65  ? 0.4855 0.3346 0.3798 -0.0054 0.1037  0.0222  63  ARG A O   
493 C CB  . ARG A 65  ? 0.5194 0.3528 0.3860 -0.0232 0.1042  0.0091  63  ARG A CB  
494 C CG  . ARG A 65  ? 0.6148 0.4439 0.4686 -0.0362 0.1022  0.0017  63  ARG A CG  
495 C CD  . ARG A 65  ? 0.6895 0.5003 0.5318 -0.0415 0.1137  -0.0032 63  ARG A CD  
496 N NE  . ARG A 65  ? 0.6780 0.4881 0.5267 -0.0344 0.1154  -0.0001 63  ARG A NE  
497 C CZ  . ARG A 65  ? 0.7621 0.5780 0.6138 -0.0366 0.1089  -0.0008 63  ARG A CZ  
498 N NH1 . ARG A 65  ? 0.6811 0.5061 0.5329 -0.0457 0.0993  -0.0042 63  ARG A NH1 
499 N NH2 . ARG A 65  ? 0.7426 0.5545 0.5979 -0.0292 0.1126  0.0026  63  ARG A NH2 
500 N N   . TYR A 66  ? 0.4717 0.3329 0.3691 -0.0031 0.0879  0.0238  64  TYR A N   
501 C CA  . TYR A 66  ? 0.4633 0.3290 0.3736 0.0080  0.0867  0.0316  64  TYR A CA  
502 C C   . TYR A 66  ? 0.4403 0.3159 0.3624 0.0107  0.0839  0.0349  64  TYR A C   
503 O O   . TYR A 66  ? 0.4425 0.3159 0.3744 0.0169  0.0907  0.0397  64  TYR A O   
504 C CB  . TYR A 66  ? 0.4210 0.2940 0.3336 0.0118  0.0759  0.0345  64  TYR A CB  
505 C CG  . TYR A 66  ? 0.4321 0.3090 0.3555 0.0224  0.0728  0.0428  64  TYR A CG  
506 C CD1 . TYR A 66  ? 0.4075 0.2985 0.3432 0.0257  0.0623  0.0472  64  TYR A CD1 
507 C CD2 . TYR A 66  ? 0.4306 0.2972 0.3519 0.0287  0.0792  0.0465  64  TYR A CD2 
508 C CE1 . TYR A 66  ? 0.4163 0.3116 0.3623 0.0347  0.0571  0.0552  64  TYR A CE1 
509 C CE2 . TYR A 66  ? 0.4345 0.3048 0.3659 0.0384  0.0747  0.0552  64  TYR A CE2 
510 C CZ  . TYR A 66  ? 0.4119 0.2969 0.3553 0.0410  0.0630  0.0594  64  TYR A CZ  
511 O OH  . TYR A 66  ? 0.4157 0.3048 0.3688 0.0495  0.0572  0.0680  64  TYR A OH  
512 N N   . HIS A 67  ? 0.4229 0.3097 0.3459 0.0060  0.0739  0.0329  65  HIS A N   
513 C CA  . HIS A 67  ? 0.4341 0.3316 0.3691 0.0081  0.0699  0.0360  65  HIS A CA  
514 C C   . HIS A 67  ? 0.4447 0.3358 0.3763 0.0038  0.0795  0.0333  65  HIS A C   
515 O O   . HIS A 67  ? 0.4529 0.3495 0.3965 0.0072  0.0808  0.0368  65  HIS A O   
516 C CB  . HIS A 67  ? 0.4023 0.3135 0.3394 0.0052  0.0558  0.0352  65  HIS A CB  
517 C CG  . HIS A 67  ? 0.3777 0.2954 0.3198 0.0103  0.0465  0.0391  65  HIS A CG  
518 N ND1 . HIS A 67  ? 0.3863 0.3112 0.3419 0.0175  0.0417  0.0454  65  HIS A ND1 
519 C CD2 . HIS A 67  ? 0.3760 0.2928 0.3106 0.0091  0.0412  0.0376  65  HIS A CD2 
520 C CE1 . HIS A 67  ? 0.3855 0.3122 0.3389 0.0204  0.0336  0.0475  65  HIS A CE1 
521 N NE2 . HIS A 67  ? 0.3684 0.2893 0.3088 0.0156  0.0343  0.0427  65  HIS A NE2 
522 N N   . THR A 68  ? 0.4516 0.3308 0.3664 -0.0042 0.0858  0.0269  66  THR A N   
523 C CA  . THR A 68  ? 0.4828 0.3517 0.3892 -0.0091 0.0958  0.0238  66  THR A CA  
524 C C   . THR A 68  ? 0.5141 0.3728 0.4277 -0.0019 0.1101  0.0277  66  THR A C   
525 O O   . THR A 68  ? 0.5226 0.3802 0.4437 0.0007  0.1170  0.0301  66  THR A O   
526 C CB  . THR A 68  ? 0.4932 0.3495 0.3780 -0.0198 0.0993  0.0163  66  THR A CB  
527 O OG1 . THR A 68  ? 0.4855 0.3532 0.3673 -0.0258 0.0856  0.0141  66  THR A OG1 
528 C CG2 . THR A 68  ? 0.5387 0.3794 0.4106 -0.0251 0.1118  0.0129  66  THR A CG2 
529 N N   . ARG A 69  ? 0.5207 0.3728 0.4342 0.0021  0.1145  0.0290  67  ARG A N   
530 C CA  . ARG A 69  ? 0.5561 0.3978 0.4770 0.0096  0.1287  0.0334  67  ARG A CA  
531 C C   . ARG A 69  ? 0.5368 0.3918 0.4818 0.0197  0.1251  0.0423  67  ARG A C   
532 O O   . ARG A 69  ? 0.5471 0.3963 0.5026 0.0253  0.1371  0.0466  67  ARG A O   
533 C CB  . ARG A 69  ? 0.5884 0.4216 0.5045 0.0124  0.1322  0.0338  67  ARG A CB  
534 C CG  . ARG A 69  ? 0.7035 0.5157 0.6018 0.0063  0.1467  0.0278  67  ARG A CG  
535 C CD  . ARG A 69  ? 0.8358 0.6407 0.7403 0.0150  0.1544  0.0329  67  ARG A CD  
536 N NE  . ARG A 69  ? 0.9878 0.7710 0.8758 0.0103  0.1690  0.0275  67  ARG A NE  
537 C CZ  . ARG A 69  ? 1.0605 0.8388 0.9358 0.0043  0.1662  0.0223  67  ARG A CZ  
538 N NH1 . ARG A 69  ? 0.9429 0.7357 0.8193 0.0022  0.1503  0.0216  67  ARG A NH1 
539 N NH2 . ARG A 69  ? 1.0408 0.7987 0.9023 -0.0001 0.1805  0.0176  67  ARG A NH2 
540 N N   . ARG A 70  ? 0.5035 0.3761 0.4582 0.0220  0.1089  0.0453  68  ARG A N   
541 C CA  . ARG A 70  ? 0.4781 0.3642 0.4565 0.0309  0.1037  0.0540  68  ARG A CA  
542 C C   . ARG A 70  ? 0.4763 0.3733 0.4632 0.0282  0.0987  0.0537  68  ARG A C   
543 O O   . ARG A 70  ? 0.4470 0.3578 0.4535 0.0336  0.0911  0.0599  68  ARG A O   
544 C CB  . ARG A 70  ? 0.4281 0.3246 0.4118 0.0357  0.0894  0.0583  68  ARG A CB  
545 C CG  . ARG A 70  ? 0.4648 0.3513 0.4467 0.0417  0.0955  0.0619  68  ARG A CG  
546 C CD  . ARG A 70  ? 0.4557 0.3436 0.4272 0.0416  0.0847  0.0612  68  ARG A CD  
547 N NE  . ARG A 70  ? 0.4570 0.3315 0.4223 0.0462  0.0930  0.0635  68  ARG A NE  
548 C CZ  . ARG A 70  ? 0.4976 0.3568 0.4464 0.0412  0.1037  0.0571  68  ARG A CZ  
549 N NH1 . ARG A 70  ? 0.4866 0.3420 0.4235 0.0312  0.1066  0.0486  68  ARG A NH1 
550 N NH2 . ARG A 70  ? 0.5078 0.3546 0.4520 0.0458  0.1117  0.0596  68  ARG A NH2 
551 N N   . ASN A 71  ? 0.4888 0.3792 0.4598 0.0196  0.1021  0.0466  69  ASN A N   
552 C CA  . ASN A 71  ? 0.4826 0.3824 0.4576 0.0159  0.0967  0.0457  69  ASN A CA  
553 C C   . ASN A 71  ? 0.4684 0.3869 0.4561 0.0182  0.0800  0.0490  69  ASN A C   
554 O O   . ASN A 71  ? 0.4522 0.3810 0.4569 0.0209  0.0774  0.0529  69  ASN A O   
555 C CB  . ASN A 71  ? 0.5124 0.4093 0.5006 0.0192  0.1086  0.0492  69  ASN A CB  
556 C CG  . ASN A 71  ? 0.5815 0.4573 0.5571 0.0174  0.1276  0.0463  69  ASN A CG  
557 O OD1 . ASN A 71  ? 0.6310 0.5016 0.6204 0.0240  0.1397  0.0514  69  ASN A OD1 
558 N ND2 . ASN A 71  ? 0.5970 0.4597 0.5462 0.0082  0.1302  0.0383  69  ASN A ND2 
559 N N   . SER A 72  ? 0.4381 0.3603 0.4175 0.0167  0.0692  0.0471  70  SER A N   
560 C CA  . SER A 72  ? 0.4000 0.3374 0.3889 0.0184  0.0540  0.0499  70  SER A CA  
561 C C   . SER A 72  ? 0.4106 0.3507 0.3858 0.0114  0.0453  0.0445  70  SER A C   
562 O O   . SER A 72  ? 0.3790 0.3254 0.3539 0.0123  0.0346  0.0453  70  SER A O   
563 C CB  . SER A 72  ? 0.3959 0.3355 0.3922 0.0257  0.0491  0.0554  70  SER A CB  
564 O OG  . SER A 72  ? 0.4015 0.3284 0.3838 0.0256  0.0554  0.0532  70  SER A OG  
565 N N   . LEU A 73  ? 0.3994 0.3342 0.3628 0.0044  0.0497  0.0394  71  LEU A N   
566 C CA  . LEU A 73  ? 0.4101 0.3483 0.3626 -0.0021 0.0415  0.0353  71  LEU A CA  
567 C C   . LEU A 73  ? 0.3981 0.3500 0.3602 -0.0019 0.0305  0.0371  71  LEU A C   
568 O O   . LEU A 73  ? 0.3693 0.3261 0.3282 -0.0036 0.0217  0.0362  71  LEU A O   
569 C CB  . LEU A 73  ? 0.4180 0.3480 0.3559 -0.0101 0.0472  0.0302  71  LEU A CB  
570 C CG  . LEU A 73  ? 0.4561 0.3750 0.3765 -0.0168 0.0508  0.0251  71  LEU A CG  
571 C CD1 . LEU A 73  ? 0.3974 0.3117 0.3152 -0.0150 0.0515  0.0246  71  LEU A CD1 
572 C CD2 . LEU A 73  ? 0.4509 0.3554 0.3575 -0.0225 0.0621  0.0215  71  LEU A CD2 
573 N N   . VAL A 74  ? 0.3845 0.3414 0.3587 0.0005  0.0321  0.0400  72  VAL A N   
574 C CA  . VAL A 74  ? 0.3720 0.3405 0.3549 -0.0002 0.0236  0.0413  72  VAL A CA  
575 C C   . VAL A 74  ? 0.3515 0.3285 0.3455 0.0044  0.0140  0.0450  72  VAL A C   
576 O O   . VAL A 74  ? 0.3594 0.3373 0.3634 0.0099  0.0150  0.0490  72  VAL A O   
577 C CB  . VAL A 74  ? 0.3749 0.3449 0.3676 0.0000  0.0301  0.0430  72  VAL A CB  
578 C CG1 . VAL A 74  ? 0.3560 0.3372 0.3580 -0.0011 0.0220  0.0442  72  VAL A CG1 
579 C CG2 . VAL A 74  ? 0.3916 0.3500 0.3683 -0.0056 0.0395  0.0390  72  VAL A CG2 
580 N N   . ASN A 75  ? 0.3449 0.3282 0.3369 0.0021  0.0047  0.0439  73  ASN A N   
581 C CA  . ASN A 75  ? 0.3393 0.3290 0.3384 0.0051  -0.0052 0.0467  73  ASN A CA  
582 C C   . ASN A 75  ? 0.3577 0.3565 0.3744 0.0066  -0.0071 0.0499  73  ASN A C   
583 O O   . ASN A 75  ? 0.3369 0.3405 0.3560 0.0032  -0.0091 0.0487  73  ASN A O   
584 C CB  . ASN A 75  ? 0.3265 0.3168 0.3156 0.0014  -0.0119 0.0439  73  ASN A CB  
585 C CG  . ASN A 75  ? 0.3283 0.3224 0.3205 0.0032  -0.0219 0.0458  73  ASN A CG  
586 O OD1 . ASN A 75  ? 0.3156 0.3145 0.3191 0.0061  -0.0256 0.0492  73  ASN A OD1 
587 N ND2 . ASN A 75  ? 0.2864 0.2778 0.2687 0.0009  -0.0260 0.0437  73  ASN A ND2 
588 N N   . VAL A 76  ? 0.3566 0.3580 0.3872 0.0115  -0.0059 0.0545  74  VAL A N   
589 C CA  . VAL A 76  ? 0.3745 0.3844 0.4252 0.0128  -0.0055 0.0579  74  VAL A CA  
590 C C   . VAL A 76  ? 0.3726 0.3922 0.4310 0.0111  -0.0175 0.0588  74  VAL A C   
591 O O   . VAL A 76  ? 0.3698 0.3952 0.4388 0.0092  -0.0167 0.0589  74  VAL A O   
592 C CB  . VAL A 76  ? 0.3979 0.4091 0.4658 0.0190  -0.0003 0.0638  74  VAL A CB  
593 C CG1 . VAL A 76  ? 0.3636 0.3876 0.4572 0.0210  -0.0055 0.0690  74  VAL A CG1 
594 C CG2 . VAL A 76  ? 0.4107 0.4118 0.4748 0.0194  0.0158  0.0624  74  VAL A CG2 
595 N N   . GLU A 77  ? 0.3874 0.4072 0.4394 0.0114  -0.0278 0.0591  75  GLU A N   
596 C CA  . GLU A 77  ? 0.4177 0.4445 0.4752 0.0089  -0.0390 0.0595  75  GLU A CA  
597 C C   . GLU A 77  ? 0.3733 0.3995 0.4220 0.0037  -0.0388 0.0549  75  GLU A C   
598 O O   . GLU A 77  ? 0.3648 0.3973 0.4227 0.0012  -0.0427 0.0549  75  GLU A O   
599 C CB  . GLU A 77  ? 0.4582 0.4820 0.5056 0.0094  -0.0494 0.0601  75  GLU A CB  
600 C CG  . GLU A 77  ? 0.5996 0.6242 0.6546 0.0147  -0.0522 0.0656  75  GLU A CG  
601 C CD  . GLU A 77  ? 0.8142 0.8279 0.8494 0.0163  -0.0531 0.0646  75  GLU A CD  
602 O OE1 . GLU A 77  ? 0.8503 0.8615 0.8875 0.0214  -0.0524 0.0690  75  GLU A OE1 
603 O OE2 . GLU A 77  ? 0.8342 0.8415 0.8523 0.0126  -0.0535 0.0597  75  GLU A OE2 
604 N N   . LEU A 78  ? 0.3442 0.3625 0.3758 0.0021  -0.0344 0.0512  76  LEU A N   
605 C CA  . LEU A 78  ? 0.3387 0.3567 0.3633 -0.0024 -0.0333 0.0478  76  LEU A CA  
606 C C   . LEU A 78  ? 0.3281 0.3495 0.3612 -0.0037 -0.0260 0.0480  76  LEU A C   
607 O O   . LEU A 78  ? 0.3390 0.3640 0.3754 -0.0066 -0.0271 0.0473  76  LEU A O   
608 C CB  . LEU A 78  ? 0.3294 0.3396 0.3368 -0.0037 -0.0302 0.0448  76  LEU A CB  
609 C CG  . LEU A 78  ? 0.3466 0.3571 0.3483 -0.0079 -0.0291 0.0425  76  LEU A CG  
610 C CD1 . LEU A 78  ? 0.3195 0.3326 0.3232 -0.0093 -0.0362 0.0424  76  LEU A CD1 
611 C CD2 . LEU A 78  ? 0.3200 0.3243 0.3085 -0.0092 -0.0265 0.0404  76  LEU A CD2 
612 N N   . TRP A 79  ? 0.3318 0.3503 0.3673 -0.0017 -0.0177 0.0489  77  TRP A N   
613 C CA  . TRP A 79  ? 0.3346 0.3530 0.3751 -0.0030 -0.0092 0.0490  77  TRP A CA  
614 C C   . TRP A 79  ? 0.3358 0.3627 0.3963 -0.0021 -0.0112 0.0520  77  TRP A C   
615 O O   . TRP A 79  ? 0.3265 0.3552 0.3901 -0.0046 -0.0084 0.0514  77  TRP A O   
616 C CB  . TRP A 79  ? 0.3290 0.3400 0.3670 -0.0009 0.0013  0.0494  77  TRP A CB  
617 C CG  . TRP A 79  ? 0.3213 0.3273 0.3585 -0.0025 0.0121  0.0489  77  TRP A CG  
618 C CD1 . TRP A 79  ? 0.3446 0.3446 0.3863 -0.0001 0.0232  0.0504  77  TRP A CD1 
619 C CD2 . TRP A 79  ? 0.3403 0.3445 0.3695 -0.0070 0.0142  0.0470  77  TRP A CD2 
620 N NE1 . TRP A 79  ? 0.3754 0.3687 0.4110 -0.0030 0.0323  0.0491  77  TRP A NE1 
621 C CE2 . TRP A 79  ? 0.3461 0.3423 0.3738 -0.0072 0.0264  0.0472  77  TRP A CE2 
622 C CE3 . TRP A 79  ? 0.3340 0.3419 0.3573 -0.0106 0.0074  0.0457  77  TRP A CE3 
623 C CZ2 . TRP A 79  ? 0.3497 0.3407 0.3680 -0.0111 0.0313  0.0461  77  TRP A CZ2 
624 C CZ3 . TRP A 79  ? 0.3346 0.3388 0.3508 -0.0139 0.0120  0.0451  77  TRP A CZ3 
625 C CH2 . TRP A 79  ? 0.3591 0.3549 0.3724 -0.0142 0.0233  0.0453  77  TRP A CH2 
626 N N   . THR A 80  ? 0.3411 0.3739 0.4156 0.0013  -0.0166 0.0554  78  THR A N   
627 C CA  . THR A 80  ? 0.3408 0.3837 0.4366 0.0012  -0.0212 0.0583  78  THR A CA  
628 C C   . THR A 80  ? 0.3290 0.3749 0.4223 -0.0035 -0.0278 0.0559  78  THR A C   
629 O O   . THR A 80  ? 0.3171 0.3672 0.4218 -0.0053 -0.0251 0.0564  78  THR A O   
630 C CB  . THR A 80  ? 0.3535 0.4026 0.4639 0.0049  -0.0290 0.0629  78  THR A CB  
631 O OG1 . THR A 80  ? 0.3802 0.4254 0.4934 0.0096  -0.0204 0.0655  78  THR A OG1 
632 C CG2 . THR A 80  ? 0.3407 0.4016 0.4779 0.0046  -0.0328 0.0669  78  THR A CG2 
633 N N   . ILE A 81  ? 0.3405 0.3832 0.4187 -0.0052 -0.0354 0.0534  79  ILE A N   
634 C CA  . ILE A 81  ? 0.3242 0.3675 0.3978 -0.0093 -0.0409 0.0510  79  ILE A CA  
635 C C   . ILE A 81  ? 0.3296 0.3704 0.3970 -0.0119 -0.0339 0.0489  79  ILE A C   
636 O O   . ILE A 81  ? 0.3117 0.3555 0.3857 -0.0145 -0.0345 0.0486  79  ILE A O   
637 C CB  . ILE A 81  ? 0.3491 0.3872 0.4074 -0.0100 -0.0485 0.0492  79  ILE A CB  
638 C CG1 . ILE A 81  ? 0.3920 0.4341 0.4591 -0.0091 -0.0587 0.0517  79  ILE A CG1 
639 C CG2 . ILE A 81  ? 0.3217 0.3563 0.3698 -0.0139 -0.0503 0.0461  79  ILE A CG2 
640 C CD1 . ILE A 81  ? 0.3985 0.4329 0.4483 -0.0086 -0.0648 0.0507  79  ILE A CD1 
641 N N   . ILE A 82  ? 0.3258 0.3606 0.3808 -0.0114 -0.0272 0.0479  80  ILE A N   
642 C CA  . ILE A 82  ? 0.3037 0.3358 0.3519 -0.0139 -0.0214 0.0468  80  ILE A CA  
643 C C   . ILE A 82  ? 0.3315 0.3661 0.3925 -0.0140 -0.0147 0.0485  80  ILE A C   
644 O O   . ILE A 82  ? 0.2959 0.3314 0.3582 -0.0163 -0.0139 0.0484  80  ILE A O   
645 C CB  . ILE A 82  ? 0.3178 0.3428 0.3493 -0.0143 -0.0173 0.0453  80  ILE A CB  
646 C CG1 . ILE A 82  ? 0.3140 0.3375 0.3361 -0.0144 -0.0238 0.0439  80  ILE A CG1 
647 C CG2 . ILE A 82  ? 0.3323 0.3547 0.3554 -0.0174 -0.0134 0.0450  80  ILE A CG2 
648 C CD1 . ILE A 82  ? 0.3411 0.3594 0.3512 -0.0147 -0.0215 0.0426  80  ILE A CD1 
649 N N   . GLN A 83  ? 0.3014 0.3361 0.3719 -0.0113 -0.0089 0.0504  81  GLN A N   
650 C CA  . GLN A 83  ? 0.3306 0.3662 0.4141 -0.0111 -0.0004 0.0523  81  GLN A CA  
651 C C   . GLN A 83  ? 0.3193 0.3642 0.4232 -0.0119 -0.0054 0.0539  81  GLN A C   
652 O O   . GLN A 83  ? 0.3147 0.3601 0.4266 -0.0132 0.0005  0.0547  81  GLN A O   
653 C CB  . GLN A 83  ? 0.3223 0.3558 0.4145 -0.0074 0.0077  0.0545  81  GLN A CB  
654 C CG  . GLN A 83  ? 0.3389 0.3612 0.4116 -0.0075 0.0152  0.0526  81  GLN A CG  
655 C CD  . GLN A 83  ? 0.3722 0.3915 0.4538 -0.0035 0.0231  0.0549  81  GLN A CD  
656 O OE1 . GLN A 83  ? 0.3742 0.3968 0.4609 -0.0004 0.0183  0.0562  81  GLN A OE1 
657 N NE2 . GLN A 83  ? 0.3725 0.3851 0.4561 -0.0032 0.0359  0.0557  81  GLN A NE2 
658 N N   . LYS A 84  ? 0.3066 0.3576 0.4172 -0.0117 -0.0162 0.0542  82  LYS A N   
659 C CA  . LYS A 84  ? 0.3189 0.3782 0.4466 -0.0139 -0.0229 0.0551  82  LYS A CA  
660 C C   . LYS A 84  ? 0.3072 0.3642 0.4264 -0.0180 -0.0242 0.0525  82  LYS A C   
661 O O   . LYS A 84  ? 0.2862 0.3466 0.4180 -0.0201 -0.0224 0.0530  82  LYS A O   
662 C CB  . LYS A 84  ? 0.3181 0.3822 0.4495 -0.0136 -0.0355 0.0559  82  LYS A CB  
663 C CG  . LYS A 84  ? 0.3462 0.4180 0.4931 -0.0171 -0.0445 0.0564  82  LYS A CG  
664 C CD  . LYS A 84  ? 0.4200 0.4971 0.5755 -0.0152 -0.0547 0.0594  82  LYS A CD  
665 C CE  . LYS A 84  ? 0.4701 0.5502 0.6265 -0.0200 -0.0688 0.0584  82  LYS A CE  
666 N NZ  . LYS A 84  ? 0.4889 0.5738 0.6605 -0.0244 -0.0667 0.0576  82  LYS A NZ  
667 N N   . HIS A 85  ? 0.3069 0.3579 0.4058 -0.0190 -0.0268 0.0500  83  HIS A N   
668 C CA  . HIS A 85  ? 0.2905 0.3392 0.3831 -0.0223 -0.0281 0.0482  83  HIS A CA  
669 C C   . HIS A 85  ? 0.2860 0.3298 0.3692 -0.0228 -0.0197 0.0484  83  HIS A C   
670 O O   . HIS A 85  ? 0.2892 0.3319 0.3724 -0.0250 -0.0187 0.0482  83  HIS A O   
671 C CB  . HIS A 85  ? 0.2852 0.3301 0.3637 -0.0233 -0.0361 0.0460  83  HIS A CB  
672 C CG  . HIS A 85  ? 0.2979 0.3462 0.3832 -0.0241 -0.0457 0.0458  83  HIS A CG  
673 N ND1 . HIS A 85  ? 0.2921 0.3437 0.3876 -0.0278 -0.0512 0.0452  83  HIS A ND1 
674 C CD2 . HIS A 85  ? 0.2970 0.3455 0.3800 -0.0218 -0.0512 0.0465  83  HIS A CD2 
675 C CE1 . HIS A 85  ? 0.3037 0.3572 0.4016 -0.0283 -0.0608 0.0455  83  HIS A CE1 
676 N NE2 . HIS A 85  ? 0.3004 0.3521 0.3908 -0.0243 -0.0608 0.0466  83  HIS A NE2 
677 N N   . TYR A 86  ? 0.2843 0.3238 0.3577 -0.0209 -0.0140 0.0488  84  TYR A N   
678 C CA  . TYR A 86  ? 0.2853 0.3190 0.3473 -0.0219 -0.0071 0.0494  84  TYR A CA  
679 C C   . TYR A 86  ? 0.2933 0.3230 0.3561 -0.0206 0.0025  0.0506  84  TYR A C   
680 O O   . TYR A 86  ? 0.3046 0.3275 0.3519 -0.0208 0.0063  0.0503  84  TYR A O   
681 C CB  . TYR A 86  ? 0.2872 0.3170 0.3312 -0.0225 -0.0103 0.0486  84  TYR A CB  
682 C CG  . TYR A 86  ? 0.2891 0.3206 0.3328 -0.0237 -0.0167 0.0479  84  TYR A CG  
683 C CD1 . TYR A 86  ? 0.2815 0.3126 0.3272 -0.0252 -0.0151 0.0490  84  TYR A CD1 
684 C CD2 . TYR A 86  ? 0.2854 0.3172 0.3262 -0.0231 -0.0233 0.0462  84  TYR A CD2 
685 C CE1 . TYR A 86  ? 0.2953 0.3261 0.3408 -0.0263 -0.0192 0.0482  84  TYR A CE1 
686 C CE2 . TYR A 86  ? 0.2943 0.3251 0.3335 -0.0243 -0.0276 0.0453  84  TYR A CE2 
687 C CZ  . TYR A 86  ? 0.2998 0.3300 0.3416 -0.0260 -0.0253 0.0462  84  TYR A CZ  
688 O OH  . TYR A 86  ? 0.3163 0.3433 0.3552 -0.0272 -0.0280 0.0453  84  TYR A OH  
689 N N   . PRO A 87  ? 0.3087 0.3420 0.3900 -0.0197 0.0069  0.0521  85  PRO A N   
690 C CA  . PRO A 87  ? 0.3015 0.3298 0.3850 -0.0180 0.0176  0.0534  85  PRO A CA  
691 C C   . PRO A 87  ? 0.3247 0.3423 0.3920 -0.0195 0.0269  0.0537  85  PRO A C   
692 O O   . PRO A 87  ? 0.3544 0.3630 0.4103 -0.0192 0.0345  0.0534  85  PRO A O   
693 C CB  . PRO A 87  ? 0.3143 0.3499 0.4248 -0.0169 0.0202  0.0556  85  PRO A CB  
694 C CG  . PRO A 87  ? 0.2947 0.3381 0.4140 -0.0196 0.0106  0.0548  85  PRO A CG  
695 C CD  . PRO A 87  ? 0.2948 0.3365 0.3962 -0.0206 0.0020  0.0526  85  PRO A CD  
696 N N   . ARG A 88  ? 0.3346 0.3518 0.3987 -0.0217 0.0260  0.0542  86  ARG A N   
697 C CA  . ARG A 88  ? 0.3441 0.3510 0.3930 -0.0231 0.0342  0.0553  86  ARG A CA  
698 C C   . ARG A 88  ? 0.3544 0.3551 0.3790 -0.0247 0.0305  0.0545  86  ARG A C   
699 O O   . ARG A 88  ? 0.3884 0.3780 0.3959 -0.0260 0.0374  0.0547  86  ARG A O   
700 C CB  . ARG A 88  ? 0.3491 0.3581 0.4037 -0.0244 0.0336  0.0567  86  ARG A CB  
701 C CG  . ARG A 88  ? 0.3790 0.3770 0.4192 -0.0255 0.0424  0.0587  86  ARG A CG  
702 C CD  . ARG A 88  ? 0.3581 0.3583 0.4058 -0.0264 0.0423  0.0604  86  ARG A CD  
703 N NE  . ARG A 88  ? 0.3814 0.3700 0.4089 -0.0274 0.0482  0.0629  86  ARG A NE  
704 C CZ  . ARG A 88  ? 0.3906 0.3772 0.4018 -0.0284 0.0425  0.0647  86  ARG A CZ  
705 N NH1 . ARG A 88  ? 0.3585 0.3534 0.3724 -0.0282 0.0320  0.0644  86  ARG A NH1 
706 N NH2 . ARG A 88  ? 0.3616 0.3368 0.3545 -0.0293 0.0480  0.0674  86  ARG A NH2 
707 N N   . GLU A 89  ? 0.3365 0.3436 0.3593 -0.0249 0.0200  0.0535  87  GLU A N   
708 C CA  . GLU A 89  ? 0.3515 0.3553 0.3557 -0.0264 0.0154  0.0528  87  GLU A CA  
709 C C   . GLU A 89  ? 0.3579 0.3554 0.3542 -0.0263 0.0196  0.0510  87  GLU A C   
710 O O   . GLU A 89  ? 0.3806 0.3692 0.3577 -0.0289 0.0220  0.0506  87  GLU A O   
711 C CB  . GLU A 89  ? 0.3177 0.3294 0.3254 -0.0260 0.0050  0.0521  87  GLU A CB  
712 C CG  . GLU A 89  ? 0.3071 0.3220 0.3176 -0.0266 0.0015  0.0540  87  GLU A CG  
713 C CD  . GLU A 89  ? 0.3214 0.3401 0.3490 -0.0259 0.0037  0.0541  87  GLU A CD  
714 O OE1 . GLU A 89  ? 0.3111 0.3328 0.3513 -0.0248 0.0051  0.0528  87  GLU A OE1 
715 O OE2 . GLU A 89  ? 0.3505 0.3695 0.3803 -0.0266 0.0038  0.0558  87  GLU A OE2 
716 N N   . CYS A 90  ? 0.3642 0.3661 0.3743 -0.0236 0.0202  0.0499  88  CYS A N   
717 C CA  . CYS A 90  ? 0.3923 0.3876 0.3971 -0.0229 0.0260  0.0485  88  CYS A CA  
718 C C   . CYS A 90  ? 0.4099 0.3930 0.4060 -0.0239 0.0385  0.0490  88  CYS A C   
719 O O   . CYS A 90  ? 0.4602 0.4329 0.4391 -0.0259 0.0427  0.0474  88  CYS A O   
720 C CB  . CYS A 90  ? 0.3732 0.3753 0.3964 -0.0190 0.0247  0.0486  88  CYS A CB  
721 S SG  . CYS A 90  ? 0.3577 0.3702 0.3847 -0.0183 0.0102  0.0477  88  CYS A SG  
722 N N   . LYS A 91  ? 0.4252 0.4078 0.4317 -0.0232 0.0452  0.0510  89  LYS A N   
723 C CA  . LYS A 91  ? 0.4649 0.4330 0.4606 -0.0244 0.0589  0.0515  89  LYS A CA  
724 C C   . LYS A 91  ? 0.4868 0.4430 0.4533 -0.0289 0.0586  0.0512  89  LYS A C   
725 O O   . LYS A 91  ? 0.5341 0.4754 0.4813 -0.0312 0.0668  0.0500  89  LYS A O   
726 C CB  . LYS A 91  ? 0.4890 0.4590 0.5020 -0.0229 0.0661  0.0541  89  LYS A CB  
727 C CG  . LYS A 91  ? 0.5581 0.5288 0.5930 -0.0194 0.0763  0.0553  89  LYS A CG  
728 C CD  . LYS A 91  ? 0.6136 0.6029 0.6768 -0.0167 0.0661  0.0564  89  LYS A CD  
729 C CE  . LYS A 91  ? 0.6089 0.6028 0.6919 -0.0128 0.0692  0.0576  89  LYS A CE  
730 N NZ  . LYS A 91  ? 0.7027 0.6979 0.8095 -0.0108 0.0803  0.0608  89  LYS A NZ  
731 N N   . LEU A 92  ? 0.4484 0.4110 0.4123 -0.0303 0.0495  0.0526  90  LEU A N   
732 C CA  . LEU A 92  ? 0.4766 0.4304 0.4155 -0.0344 0.0470  0.0536  90  LEU A CA  
733 C C   . LEU A 92  ? 0.5077 0.4563 0.4281 -0.0376 0.0426  0.0511  90  LEU A C   
734 O O   . LEU A 92  ? 0.5407 0.4771 0.4370 -0.0420 0.0439  0.0509  90  LEU A O   
735 C CB  . LEU A 92  ? 0.4306 0.3947 0.3748 -0.0343 0.0369  0.0562  90  LEU A CB  
736 C CG  . LEU A 92  ? 0.4625 0.4292 0.4217 -0.0322 0.0422  0.0586  90  LEU A CG  
737 C CD1 . LEU A 92  ? 0.4434 0.4205 0.4112 -0.0315 0.0331  0.0609  90  LEU A CD1 
738 C CD2 . LEU A 92  ? 0.4845 0.4359 0.4292 -0.0336 0.0536  0.0607  90  LEU A CD2 
739 N N   . ARG A 93  ? 0.4825 0.4403 0.4135 -0.0359 0.0367  0.0490  91  ARG A N   
740 C CA  . ARG A 93  ? 0.5159 0.4693 0.4308 -0.0393 0.0325  0.0467  91  ARG A CA  
741 C C   . ARG A 93  ? 0.5761 0.5145 0.4797 -0.0405 0.0442  0.0441  91  ARG A C   
742 O O   . ARG A 93  ? 0.6129 0.5387 0.4922 -0.0457 0.0453  0.0425  91  ARG A O   
743 C CB  . ARG A 93  ? 0.5185 0.4841 0.4462 -0.0371 0.0237  0.0454  91  ARG A CB  
744 C CG  . ARG A 93  ? 0.5377 0.4988 0.4475 -0.0418 0.0185  0.0434  91  ARG A CG  
745 C CD  . ARG A 93  ? 0.4624 0.4347 0.3821 -0.0405 0.0092  0.0430  91  ARG A CD  
746 N NE  . ARG A 93  ? 0.4962 0.4619 0.3999 -0.0452 0.0074  0.0406  91  ARG A NE  
747 C CZ  . ARG A 93  ? 0.4939 0.4643 0.4002 -0.0456 0.0019  0.0391  91  ARG A CZ  
748 N NH1 . ARG A 93  ? 0.4007 0.3821 0.3240 -0.0413 -0.0027 0.0397  91  ARG A NH1 
749 N NH2 . ARG A 93  ? 0.4575 0.4195 0.3476 -0.0510 0.0018  0.0366  91  ARG A NH2 
750 N N   . ALA A 94  ? 0.5493 0.4888 0.4706 -0.0358 0.0529  0.0439  92  ALA A N   
751 C CA  . ALA A 94  ? 0.6062 0.5309 0.5207 -0.0357 0.0670  0.0422  92  ALA A CA  
752 C C   . ALA A 94  ? 0.6805 0.5864 0.5715 -0.0398 0.0769  0.0422  92  ALA A C   
753 O O   . ALA A 94  ? 0.7756 0.6648 0.6514 -0.0418 0.0878  0.0398  92  ALA A O   
754 C CB  . ALA A 94  ? 0.5924 0.5238 0.5350 -0.0293 0.0742  0.0438  92  ALA A CB  
755 N N   . SER A 95  ? 0.6883 0.5953 0.5756 -0.0410 0.0742  0.0448  93  SER A N   
756 C CA  . SER A 95  ? 0.7890 0.6771 0.6483 -0.0458 0.0808  0.0454  93  SER A CA  
757 C C   . SER A 95  ? 0.8667 0.7475 0.6956 -0.0531 0.0708  0.0443  93  SER A C   
758 O O   . SER A 95  ? 0.9174 0.7786 0.7180 -0.0581 0.0768  0.0439  93  SER A O   
759 C CB  . SER A 95  ? 0.7526 0.6446 0.6200 -0.0440 0.0817  0.0494  93  SER A CB  
760 O OG  . SER A 95  ? 0.8165 0.7147 0.7119 -0.0384 0.0907  0.0503  93  SER A OG  
761 N N   . GLY A 96  ? 0.8026 0.6983 0.6375 -0.0539 0.0558  0.0443  94  GLY A N   
762 C CA  . GLY A 96  ? 0.8971 0.7884 0.7078 -0.0609 0.0451  0.0435  94  GLY A CA  
763 C C   . GLY A 96  ? 0.8831 0.7786 0.6857 -0.0634 0.0346  0.0482  94  GLY A C   
764 O O   . GLY A 96  ? 0.9293 0.8389 0.7517 -0.0587 0.0304  0.0519  94  GLY A O   
765 N N   . TYR A 106 ? 0.6299 0.7329 0.6706 -0.0536 -0.1090 0.1356  104 TYR A N   
766 C CA  . TYR A 106 ? 0.7342 0.8483 0.7879 -0.0591 -0.1193 0.1397  104 TYR A CA  
767 C C   . TYR A 106 ? 0.7260 0.8424 0.7944 -0.0585 -0.1130 0.1336  104 TYR A C   
768 O O   . TYR A 106 ? 0.6557 0.7730 0.7415 -0.0515 -0.1028 0.1338  104 TYR A O   
769 C CB  . TYR A 106 ? 0.6494 0.7774 0.7256 -0.0568 -0.1273 0.1539  104 TYR A CB  
770 C CG  . TYR A 106 ? 0.6967 0.8387 0.8041 -0.0567 -0.1298 0.1591  104 TYR A CG  
771 C CD1 . TYR A 106 ? 0.6746 0.8251 0.7857 -0.0654 -0.1427 0.1608  104 TYR A CD1 
772 C CD2 . TYR A 106 ? 0.6397 0.7857 0.7733 -0.0482 -0.1187 0.1626  104 TYR A CD2 
773 C CE1 . TYR A 106 ? 0.7036 0.8680 0.8470 -0.0652 -0.1441 0.1661  104 TYR A CE1 
774 C CE2 . TYR A 106 ? 0.6174 0.7752 0.7812 -0.0475 -0.1190 0.1680  104 TYR A CE2 
775 C CZ  . TYR A 106 ? 0.6557 0.8233 0.8259 -0.0557 -0.1315 0.1699  104 TYR A CZ  
776 O OH  . TYR A 106 ? 0.5835 0.7628 0.7863 -0.0546 -0.1301 0.1753  104 TYR A OH  
777 N N   . GLN A 107 ? 0.7015 0.8177 0.7623 -0.0664 -0.1190 0.1288  105 GLN A N   
778 C CA  . GLN A 107 ? 0.6327 0.7485 0.7030 -0.0665 -0.1124 0.1221  105 GLN A CA  
779 C C   . GLN A 107 ? 0.6088 0.7372 0.7010 -0.0713 -0.1201 0.1269  105 GLN A C   
780 O O   . GLN A 107 ? 0.6057 0.7352 0.6884 -0.0806 -0.1300 0.1252  105 GLN A O   
781 C CB  . GLN A 107 ? 0.7558 0.8574 0.8009 -0.0694 -0.1067 0.1097  105 GLN A CB  
782 C CG  . GLN A 107 ? 0.7935 0.8844 0.8088 -0.0731 -0.1095 0.1063  105 GLN A CG  
783 C CD  . GLN A 107 ? 0.8669 0.9493 0.8739 -0.0659 -0.0993 0.1035  105 GLN A CD  
784 O OE1 . GLN A 107 ? 0.8561 0.9343 0.8497 -0.0662 -0.1014 0.1061  105 GLN A OE1 
785 N NE2 . GLN A 107 ? 0.7670 0.8460 0.7812 -0.0601 -0.0885 0.0982  105 GLN A NE2 
786 N N   . PRO A 108 ? 0.5679 0.7046 0.6893 -0.0654 -0.1145 0.1325  106 PRO A N   
787 C CA  . PRO A 108 ? 0.5379 0.6875 0.6856 -0.0690 -0.1196 0.1378  106 PRO A CA  
788 C C   . PRO A 108 ? 0.5031 0.6475 0.6481 -0.0734 -0.1149 0.1283  106 PRO A C   
789 O O   . PRO A 108 ? 0.4511 0.6053 0.6151 -0.0783 -0.1203 0.1316  106 PRO A O   
790 C CB  . PRO A 108 ? 0.5227 0.6788 0.7008 -0.0598 -0.1104 0.1458  106 PRO A CB  
791 C CG  . PRO A 108 ? 0.5111 0.6548 0.6742 -0.0517 -0.0993 0.1422  106 PRO A CG  
792 C CD  . PRO A 108 ? 0.5367 0.6683 0.6663 -0.0555 -0.1005 0.1322  106 PRO A CD  
793 N N   . VAL A 109 ? 0.4649 0.5942 0.5880 -0.0712 -0.1050 0.1175  107 VAL A N   
794 C CA  . VAL A 109 ? 0.4639 0.5852 0.5826 -0.0728 -0.0974 0.1083  107 VAL A CA  
795 C C   . VAL A 109 ? 0.4734 0.5824 0.5602 -0.0783 -0.0986 0.0984  107 VAL A C   
796 O O   . VAL A 109 ? 0.4495 0.5467 0.5197 -0.0738 -0.0900 0.0918  107 VAL A O   
797 C CB  . VAL A 109 ? 0.4479 0.5616 0.5734 -0.0634 -0.0817 0.1054  107 VAL A CB  
798 C CG1 . VAL A 109 ? 0.4355 0.5406 0.5565 -0.0649 -0.0741 0.0970  107 VAL A CG1 
799 C CG2 . VAL A 109 ? 0.4555 0.5797 0.6130 -0.0579 -0.0784 0.1158  107 VAL A CG2 
800 N N   . ARG A 110 ? 0.4920 0.6034 0.5704 -0.0883 -0.1097 0.0979  108 ARG A N   
801 C CA  . ARG A 110 ? 0.5052 0.6031 0.5528 -0.0944 -0.1101 0.0887  108 ARG A CA  
802 C C   . ARG A 110 ? 0.4982 0.5907 0.5454 -0.0985 -0.1053 0.0813  108 ARG A C   
803 O O   . ARG A 110 ? 0.5006 0.5974 0.5508 -0.1080 -0.1137 0.0816  108 ARG A O   
804 C CB  . ARG A 110 ? 0.5256 0.6256 0.5592 -0.1038 -0.1244 0.0917  108 ARG A CB  
805 C CG  . ARG A 110 ? 0.6233 0.7155 0.6355 -0.1015 -0.1243 0.0917  108 ARG A CG  
806 C CD  . ARG A 110 ? 0.5929 0.6963 0.6230 -0.0954 -0.1277 0.1020  108 ARG A CD  
807 N NE  . ARG A 110 ? 0.6476 0.7568 0.6721 -0.1025 -0.1429 0.1093  108 ARG A NE  
808 C CZ  . ARG A 110 ? 0.7446 0.8514 0.7564 -0.1007 -0.1464 0.1138  108 ARG A CZ  
809 N NH1 . ARG A 110 ? 0.7554 0.8542 0.7601 -0.0923 -0.1352 0.1114  108 ARG A NH1 
810 N NH2 . ARG A 110 ? 0.7506 0.8622 0.7563 -0.1075 -0.1613 0.1211  108 ARG A NH2 
811 N N   . LEU A 111 ? 0.4679 0.5511 0.5121 -0.0918 -0.0920 0.0752  109 LEU A N   
812 C CA  . LEU A 111 ? 0.4549 0.5322 0.5010 -0.0938 -0.0852 0.0689  109 LEU A CA  
813 C C   . LEU A 111 ? 0.4707 0.5313 0.4923 -0.0924 -0.0761 0.0592  109 LEU A C   
814 O O   . LEU A 111 ? 0.4474 0.5008 0.4691 -0.0913 -0.0677 0.0541  109 LEU A O   
815 C CB  . LEU A 111 ? 0.4130 0.4961 0.4853 -0.0872 -0.0777 0.0726  109 LEU A CB  
816 C CG  . LEU A 111 ? 0.4424 0.5417 0.5445 -0.0892 -0.0843 0.0819  109 LEU A CG  
817 C CD1 . LEU A 111 ? 0.4302 0.5290 0.5529 -0.0827 -0.0723 0.0829  109 LEU A CD1 
818 C CD2 . LEU A 111 ? 0.4078 0.5141 0.5138 -0.1013 -0.0958 0.0824  109 LEU A CD2 
819 N N   . LEU A 112 ? 0.4726 0.5265 0.4735 -0.0923 -0.0772 0.0572  110 LEU A N   
820 C CA  . LEU A 112 ? 0.5236 0.5622 0.5026 -0.0910 -0.0688 0.0492  110 LEU A CA  
821 C C   . LEU A 112 ? 0.5476 0.5782 0.5044 -0.1007 -0.0739 0.0454  110 LEU A C   
822 O O   . LEU A 112 ? 0.5262 0.5588 0.4742 -0.1043 -0.0818 0.0487  110 LEU A O   
823 C CB  . LEU A 112 ? 0.4701 0.5052 0.4444 -0.0819 -0.0629 0.0493  110 LEU A CB  
824 C CG  . LEU A 112 ? 0.5392 0.5624 0.5020 -0.0762 -0.0524 0.0432  110 LEU A CG  
825 C CD1 . LEU A 112 ? 0.4496 0.4670 0.3972 -0.0746 -0.0512 0.0421  110 LEU A CD1 
826 C CD2 . LEU A 112 ? 0.4684 0.4821 0.4248 -0.0787 -0.0462 0.0370  110 LEU A CD2 
827 N N   . SER A 113 ? 0.5615 0.5816 0.5080 -0.1051 -0.0687 0.0386  111 SER A N   
828 C CA  . SER A 113 ? 0.6568 0.6671 0.5809 -0.1158 -0.0728 0.0345  111 SER A CA  
829 C C   . SER A 113 ? 0.6814 0.6780 0.5809 -0.1142 -0.0673 0.0310  111 SER A C   
830 O O   . SER A 113 ? 0.7149 0.7042 0.6115 -0.1065 -0.0563 0.0278  111 SER A O   
831 C CB  . SER A 113 ? 0.6636 0.6668 0.5857 -0.1220 -0.0689 0.0285  111 SER A CB  
832 O OG  . SER A 113 ? 0.7170 0.7050 0.6125 -0.1306 -0.0682 0.0227  111 SER A OG  
833 N N   . LYS A 114 ? 0.7964 0.7893 0.6787 -0.1219 -0.0751 0.0320  112 LYS A N   
834 C CA  . LYS A 114 ? 0.8618 0.8413 0.7197 -0.1220 -0.0711 0.0300  112 LYS A CA  
835 C C   . LYS A 114 ? 0.7905 0.7690 0.6534 -0.1101 -0.0609 0.0302  112 LYS A C   
836 O O   . LYS A 114 ? 0.9212 0.8988 0.7777 -0.1075 -0.0614 0.0331  112 LYS A O   
837 C CB  . LYS A 114 ? 0.8329 0.7922 0.6623 -0.1309 -0.0660 0.0223  112 LYS A CB  
838 C CG  . LYS A 114 ? 0.8751 0.8325 0.6977 -0.1442 -0.0749 0.0201  112 LYS A CG  
839 C CD  . LYS A 114 ? 0.8484 0.7834 0.6457 -0.1514 -0.0654 0.0110  112 LYS A CD  
840 C CE  . LYS A 114 ? 0.8554 0.7800 0.6516 -0.1415 -0.0482 0.0068  112 LYS A CE  
841 N NZ  . LYS A 114 ? 0.8003 0.7401 0.6252 -0.1288 -0.0448 0.0105  112 LYS A NZ  
# 
loop_
_pdbx_poly_seq_scheme.asym_id 
_pdbx_poly_seq_scheme.entity_id 
_pdbx_poly_seq_scheme.seq_id 
_pdbx_poly_seq_scheme.mon_id 
_pdbx_poly_seq_scheme.ndb_seq_num 
_pdbx_poly_seq_scheme.pdb_seq_num 
_pdbx_poly_seq_scheme.auth_seq_num 
_pdbx_poly_seq_scheme.pdb_mon_id 
_pdbx_poly_seq_scheme.auth_mon_id 
_pdbx_poly_seq_scheme.pdb_strand_id 
_pdbx_poly_seq_scheme.pdb_ins_code 
_pdbx_poly_seq_scheme.hetero 
A 1 1   GLY 1   -1  ?   ?   ?   A . n 
A 1 2   SER 2   0   0   SER SER A . n 
A 1 3   MET 3   1   1   MET MET A . n 
A 1 4   ALA 4   2   2   ALA ALA A . n 
A 1 5   LEU 5   3   3   LEU LEU A . n 
A 1 6   PRO 6   4   4   PRO PRO A . n 
A 1 7   LYS 7   5   5   LYS LYS A . n 
A 1 8   ASP 8   6   6   ASP ASP A . n 
A 1 9   ALA 9   7   7   ALA ALA A . n 
A 1 10  ILE 10  8   8   ILE ILE A . n 
A 1 11  PRO 11  9   9   PRO PRO A . n 
A 1 12  SER 12  10  10  SER SER A . n 
A 1 13  LEU 13  11  11  LEU LEU A . n 
A 1 14  SER 14  12  12  SER SER A . n 
A 1 15  GLU 15  13  13  GLU GLU A . n 
A 1 16  CYS 16  14  14  CYS CYS A . n 
A 1 17  GLN 17  15  15  GLN GLN A . n 
A 1 18  CYS 18  16  16  CYS CYS A . n 
A 1 19  GLY 19  17  17  GLY GLY A . n 
A 1 20  ILE 20  18  18  ILE ILE A . n 
A 1 21  CYS 21  19  19  CYS CYS A . n 
A 1 22  MET 22  20  20  MET MET A . n 
A 1 23  GLU 23  21  21  GLU GLU A . n 
A 1 24  ILE 24  22  22  ILE ILE A . n 
A 1 25  LEU 25  23  23  LEU LEU A . n 
A 1 26  VAL 26  24  24  VAL VAL A . n 
A 1 27  GLU 27  25  25  GLU GLU A . n 
A 1 28  PRO 28  26  26  PRO PRO A . n 
A 1 29  VAL 29  27  27  VAL VAL A . n 
A 1 30  THR 30  28  28  THR THR A . n 
A 1 31  LEU 31  29  29  LEU LEU A . n 
A 1 32  PRO 32  30  30  PRO PRO A . n 
A 1 33  CYS 33  31  31  CYS CYS A . n 
A 1 34  ASN 34  32  32  ASN ASN A . n 
A 1 35  HIS 35  33  33  HIS HIS A . n 
A 1 36  THR 36  34  34  THR THR A . n 
A 1 37  LEU 37  35  35  LEU LEU A . n 
A 1 38  CYS 38  36  36  CYS CYS A . n 
A 1 39  LYS 39  37  37  LYS LYS A . n 
A 1 40  PRO 40  38  38  PRO PRO A . n 
A 1 41  CYS 41  39  39  CYS CYS A . n 
A 1 42  PHE 42  40  40  PHE PHE A . n 
A 1 43  GLN 43  41  41  GLN GLN A . n 
A 1 44  SER 44  42  42  SER SER A . n 
A 1 45  THR 45  43  43  THR THR A . n 
A 1 46  VAL 46  44  44  VAL VAL A . n 
A 1 47  GLU 47  45  45  GLU GLU A . n 
A 1 48  LYS 48  46  46  LYS LYS A . n 
A 1 49  ALA 49  47  47  ALA ALA A . n 
A 1 50  SER 50  48  48  SER SER A . n 
A 1 51  LEU 51  49  49  LEU LEU A . n 
A 1 52  CYS 52  50  50  CYS CYS A . n 
A 1 53  CYS 53  51  51  CYS CYS A . n 
A 1 54  PRO 54  52  52  PRO PRO A . n 
A 1 55  PHE 55  53  53  PHE PHE A . n 
A 1 56  CYS 56  54  54  CYS CYS A . n 
A 1 57  ARG 57  55  55  ARG ARG A . n 
A 1 58  ARG 58  56  56  ARG ARG A . n 
A 1 59  ARG 59  57  57  ARG ARG A . n 
A 1 60  VAL 60  58  58  VAL VAL A . n 
A 1 61  SER 61  59  59  SER SER A . n 
A 1 62  SER 62  60  60  SER SER A . n 
A 1 63  TRP 63  61  61  TRP TRP A . n 
A 1 64  THR 64  62  62  THR THR A . n 
A 1 65  ARG 65  63  63  ARG ARG A . n 
A 1 66  TYR 66  64  64  TYR TYR A . n 
A 1 67  HIS 67  65  65  HIS HIS A . n 
A 1 68  THR 68  66  66  THR THR A . n 
A 1 69  ARG 69  67  67  ARG ARG A . n 
A 1 70  ARG 70  68  68  ARG ARG A . n 
A 1 71  ASN 71  69  69  ASN ASN A . n 
A 1 72  SER 72  70  70  SER SER A . n 
A 1 73  LEU 73  71  71  LEU LEU A . n 
A 1 74  VAL 74  72  72  VAL VAL A . n 
A 1 75  ASN 75  73  73  ASN ASN A . n 
A 1 76  VAL 76  74  74  VAL VAL A . n 
A 1 77  GLU 77  75  75  GLU GLU A . n 
A 1 78  LEU 78  76  76  LEU LEU A . n 
A 1 79  TRP 79  77  77  TRP TRP A . n 
A 1 80  THR 80  78  78  THR THR A . n 
A 1 81  ILE 81  79  79  ILE ILE A . n 
A 1 82  ILE 82  80  80  ILE ILE A . n 
A 1 83  GLN 83  81  81  GLN GLN A . n 
A 1 84  LYS 84  82  82  LYS LYS A . n 
A 1 85  HIS 85  83  83  HIS HIS A . n 
A 1 86  TYR 86  84  84  TYR TYR A . n 
A 1 87  PRO 87  85  85  PRO PRO A . n 
A 1 88  ARG 88  86  86  ARG ARG A . n 
A 1 89  GLU 89  87  87  GLU GLU A . n 
A 1 90  CYS 90  88  88  CYS CYS A . n 
A 1 91  LYS 91  89  89  LYS LYS A . n 
A 1 92  LEU 92  90  90  LEU LEU A . n 
A 1 93  ARG 93  91  91  ARG ARG A . n 
A 1 94  ALA 94  92  92  ALA ALA A . n 
A 1 95  SER 95  93  93  SER SER A . n 
A 1 96  GLY 96  94  94  GLY GLY A . n 
A 1 97  GLN 97  95  ?   ?   ?   A . n 
A 1 98  GLU 98  96  ?   ?   ?   A . n 
A 1 99  SER 99  97  ?   ?   ?   A . n 
A 1 100 GLU 100 98  ?   ?   ?   A . n 
A 1 101 GLU 101 99  ?   ?   ?   A . n 
A 1 102 VAL 102 100 ?   ?   ?   A . n 
A 1 103 ALA 103 101 ?   ?   ?   A . n 
A 1 104 ASP 104 102 ?   ?   ?   A . n 
A 1 105 ASP 105 103 ?   ?   ?   A . n 
A 1 106 TYR 106 104 104 TYR TYR A . n 
A 1 107 GLN 107 105 105 GLN GLN A . n 
A 1 108 PRO 108 106 106 PRO PRO A . n 
A 1 109 VAL 109 107 107 VAL VAL A . n 
A 1 110 ARG 110 108 108 ARG ARG A . n 
A 1 111 LEU 111 109 109 LEU LEU A . n 
A 1 112 LEU 112 110 110 LEU LEU A . n 
A 1 113 SER 113 111 111 SER SER A . n 
A 1 114 LYS 114 112 112 LYS LYS A . n 
A 1 115 PRO 115 113 ?   ?   ?   A . n 
# 
_pdbx_SG_project.id                    1 
_pdbx_SG_project.project_name          ? 
_pdbx_SG_project.full_name_of_center   'Structural Genomics Consortium' 
_pdbx_SG_project.initial_of_center     SGC 
# 
loop_
_pdbx_nonpoly_scheme.asym_id 
_pdbx_nonpoly_scheme.entity_id 
_pdbx_nonpoly_scheme.mon_id 
_pdbx_nonpoly_scheme.ndb_seq_num 
_pdbx_nonpoly_scheme.pdb_seq_num 
_pdbx_nonpoly_scheme.auth_seq_num 
_pdbx_nonpoly_scheme.pdb_mon_id 
_pdbx_nonpoly_scheme.auth_mon_id 
_pdbx_nonpoly_scheme.pdb_strand_id 
_pdbx_nonpoly_scheme.pdb_ins_code 
B 2 ZN  1  601 601 ZN  ZN  A . 
C 2 ZN  1  602 602 ZN  ZN  A . 
D 3 MLI 1  701 701 MLI MLI A . 
E 3 MLI 1  702 702 MLI MLI A . 
F 4 HOH 1  114 114 HOH HOH A . 
F 4 HOH 2  115 115 HOH HOH A . 
F 4 HOH 3  116 116 HOH HOH A . 
F 4 HOH 4  117 117 HOH HOH A . 
F 4 HOH 5  118 118 HOH HOH A . 
F 4 HOH 6  119 119 HOH HOH A . 
F 4 HOH 7  120 120 HOH HOH A . 
F 4 HOH 8  121 121 HOH HOH A . 
F 4 HOH 9  122 122 HOH HOH A . 
F 4 HOH 10 123 123 HOH HOH A . 
F 4 HOH 11 124 124 HOH HOH A . 
F 4 HOH 12 125 125 HOH HOH A . 
F 4 HOH 13 126 126 HOH HOH A . 
F 4 HOH 14 127 127 HOH HOH A . 
F 4 HOH 15 128 128 HOH HOH A . 
F 4 HOH 16 129 129 HOH HOH A . 
F 4 HOH 17 130 130 HOH HOH A . 
F 4 HOH 18 131 131 HOH HOH A . 
F 4 HOH 19 132 132 HOH HOH A . 
F 4 HOH 20 133 133 HOH HOH A . 
F 4 HOH 21 134 134 HOH HOH A . 
F 4 HOH 22 135 135 HOH HOH A . 
F 4 HOH 23 136 136 HOH HOH A . 
F 4 HOH 24 137 137 HOH HOH A . 
F 4 HOH 25 138 138 HOH HOH A . 
F 4 HOH 26 139 139 HOH HOH A . 
F 4 HOH 27 140 140 HOH HOH A . 
F 4 HOH 28 141 141 HOH HOH A . 
F 4 HOH 29 142 142 HOH HOH A . 
F 4 HOH 30 143 143 HOH HOH A . 
F 4 HOH 31 144 144 HOH HOH A . 
F 4 HOH 32 145 145 HOH HOH A . 
F 4 HOH 33 146 146 HOH HOH A . 
F 4 HOH 34 147 147 HOH HOH A . 
# 
_pdbx_struct_assembly.id                   1 
_pdbx_struct_assembly.details              author_and_software_defined_assembly 
_pdbx_struct_assembly.method_details       PISA 
_pdbx_struct_assembly.oligomeric_details   monomeric 
_pdbx_struct_assembly.oligomeric_count     1 
# 
_pdbx_struct_assembly_gen.assembly_id       1 
_pdbx_struct_assembly_gen.oper_expression   1 
_pdbx_struct_assembly_gen.asym_id_list      A,B,C,D,E,F 
# 
_pdbx_struct_oper_list.id                   1 
_pdbx_struct_oper_list.type                 'identity operation' 
_pdbx_struct_oper_list.name                 1_555 
_pdbx_struct_oper_list.symmetry_operation   x,y,z 
_pdbx_struct_oper_list.matrix[1][1]         1.0000000000 
_pdbx_struct_oper_list.matrix[1][2]         0.0000000000 
_pdbx_struct_oper_list.matrix[1][3]         0.0000000000 
_pdbx_struct_oper_list.vector[1]            0.0000000000 
_pdbx_struct_oper_list.matrix[2][1]         0.0000000000 
_pdbx_struct_oper_list.matrix[2][2]         1.0000000000 
_pdbx_struct_oper_list.matrix[2][3]         0.0000000000 
_pdbx_struct_oper_list.vector[2]            0.0000000000 
_pdbx_struct_oper_list.matrix[3][1]         0.0000000000 
_pdbx_struct_oper_list.matrix[3][2]         0.0000000000 
_pdbx_struct_oper_list.matrix[3][3]         1.0000000000 
_pdbx_struct_oper_list.vector[3]            0.0000000000 
# 
loop_
_pdbx_struct_conn_angle.id 
_pdbx_struct_conn_angle.ptnr1_label_atom_id 
_pdbx_struct_conn_angle.ptnr1_label_alt_id 
_pdbx_struct_conn_angle.ptnr1_label_asym_id 
_pdbx_struct_conn_angle.ptnr1_label_comp_id 
_pdbx_struct_conn_angle.ptnr1_label_seq_id 
_pdbx_struct_conn_angle.ptnr1_auth_atom_id 
_pdbx_struct_conn_angle.ptnr1_auth_asym_id 
_pdbx_struct_conn_angle.ptnr1_auth_comp_id 
_pdbx_struct_conn_angle.ptnr1_auth_seq_id 
_pdbx_struct_conn_angle.ptnr1_PDB_ins_code 
_pdbx_struct_conn_angle.ptnr1_symmetry 
_pdbx_struct_conn_angle.ptnr2_label_atom_id 
_pdbx_struct_conn_angle.ptnr2_label_alt_id 
_pdbx_struct_conn_angle.ptnr2_label_asym_id 
_pdbx_struct_conn_angle.ptnr2_label_comp_id 
_pdbx_struct_conn_angle.ptnr2_label_seq_id 
_pdbx_struct_conn_angle.ptnr2_auth_atom_id 
_pdbx_struct_conn_angle.ptnr2_auth_asym_id 
_pdbx_struct_conn_angle.ptnr2_auth_comp_id 
_pdbx_struct_conn_angle.ptnr2_auth_seq_id 
_pdbx_struct_conn_angle.ptnr2_PDB_ins_code 
_pdbx_struct_conn_angle.ptnr2_symmetry 
_pdbx_struct_conn_angle.ptnr3_label_atom_id 
_pdbx_struct_conn_angle.ptnr3_label_alt_id 
_pdbx_struct_conn_angle.ptnr3_label_asym_id 
_pdbx_struct_conn_angle.ptnr3_label_comp_id 
_pdbx_struct_conn_angle.ptnr3_label_seq_id 
_pdbx_struct_conn_angle.ptnr3_auth_atom_id 
_pdbx_struct_conn_angle.ptnr3_auth_asym_id 
_pdbx_struct_conn_angle.ptnr3_auth_comp_id 
_pdbx_struct_conn_angle.ptnr3_auth_seq_id 
_pdbx_struct_conn_angle.ptnr3_PDB_ins_code 
_pdbx_struct_conn_angle.ptnr3_symmetry 
_pdbx_struct_conn_angle.value 
_pdbx_struct_conn_angle.value_esd 
1  SG  ? A CYS 18 ? A CYS 16 ? 1_555 ZN ? C ZN . ? A ZN 602 ? 1_555 SG  ? A CYS 21 ? A CYS 19 ? 1_555 109.3 ? 
2  SG  ? A CYS 18 ? A CYS 16 ? 1_555 ZN ? C ZN . ? A ZN 602 ? 1_555 SG  ? A CYS 38 ? A CYS 36 ? 1_555 112.8 ? 
3  SG  ? A CYS 21 ? A CYS 19 ? 1_555 ZN ? C ZN . ? A ZN 602 ? 1_555 SG  ? A CYS 38 ? A CYS 36 ? 1_555 113.5 ? 
4  SG  ? A CYS 18 ? A CYS 16 ? 1_555 ZN ? C ZN . ? A ZN 602 ? 1_555 SG  ? A CYS 41 ? A CYS 39 ? 1_555 115.4 ? 
5  SG  ? A CYS 21 ? A CYS 19 ? 1_555 ZN ? C ZN . ? A ZN 602 ? 1_555 SG  ? A CYS 41 ? A CYS 39 ? 1_555 104.9 ? 
6  SG  ? A CYS 38 ? A CYS 36 ? 1_555 ZN ? C ZN . ? A ZN 602 ? 1_555 SG  ? A CYS 41 ? A CYS 39 ? 1_555 100.6 ? 
7  SG  ? A CYS 33 ? A CYS 31 ? 1_555 ZN ? B ZN . ? A ZN 601 ? 1_555 ND1 ? A HIS 35 ? A HIS 33 ? 1_555 104.1 ? 
8  SG  ? A CYS 33 ? A CYS 31 ? 1_555 ZN ? B ZN . ? A ZN 601 ? 1_555 SG  ? A CYS 53 ? A CYS 51 ? 1_555 107.5 ? 
9  ND1 ? A HIS 35 ? A HIS 33 ? 1_555 ZN ? B ZN . ? A ZN 601 ? 1_555 SG  ? A CYS 53 ? A CYS 51 ? 1_555 109.7 ? 
10 SG  ? A CYS 33 ? A CYS 31 ? 1_555 ZN ? B ZN . ? A ZN 601 ? 1_555 SG  ? A CYS 56 ? A CYS 54 ? 1_555 110.1 ? 
11 ND1 ? A HIS 35 ? A HIS 33 ? 1_555 ZN ? B ZN . ? A ZN 601 ? 1_555 SG  ? A CYS 56 ? A CYS 54 ? 1_555 110.9 ? 
12 SG  ? A CYS 53 ? A CYS 51 ? 1_555 ZN ? B ZN . ? A ZN 601 ? 1_555 SG  ? A CYS 56 ? A CYS 54 ? 1_555 114.1 ? 
# 
loop_
_pdbx_audit_revision_history.ordinal 
_pdbx_audit_revision_history.data_content_type 
_pdbx_audit_revision_history.major_revision 
_pdbx_audit_revision_history.minor_revision 
_pdbx_audit_revision_history.revision_date 
1 'Structure model' 1 0 2010-01-19 
2 'Structure model' 1 1 2011-07-13 
3 'Structure model' 1 2 2012-09-26 
4 'Structure model' 1 3 2023-09-06 
# 
_pdbx_audit_revision_details.ordinal             1 
_pdbx_audit_revision_details.revision_ordinal    1 
_pdbx_audit_revision_details.data_content_type   'Structure model' 
_pdbx_audit_revision_details.provider            repository 
_pdbx_audit_revision_details.type                'Initial release' 
_pdbx_audit_revision_details.description         ? 
_pdbx_audit_revision_details.details             ? 
# 
loop_
_pdbx_audit_revision_group.ordinal 
_pdbx_audit_revision_group.revision_ordinal 
_pdbx_audit_revision_group.data_content_type 
_pdbx_audit_revision_group.group 
1 2 'Structure model' 'Version format compliance' 
2 3 'Structure model' 'Database references'       
3 4 'Structure model' 'Data collection'           
4 4 'Structure model' 'Database references'       
5 4 'Structure model' 'Derived calculations'      
6 4 'Structure model' 'Refinement description'    
# 
loop_
_pdbx_audit_revision_category.ordinal 
_pdbx_audit_revision_category.revision_ordinal 
_pdbx_audit_revision_category.data_content_type 
_pdbx_audit_revision_category.category 
1 4 'Structure model' chem_comp_atom                
2 4 'Structure model' chem_comp_bond                
3 4 'Structure model' database_2                    
4 4 'Structure model' pdbx_initial_refinement_model 
5 4 'Structure model' pdbx_struct_conn_angle        
6 4 'Structure model' struct_conn                   
7 4 'Structure model' struct_ref_seq_dif            
8 4 'Structure model' struct_site                   
# 
loop_
_pdbx_audit_revision_item.ordinal 
_pdbx_audit_revision_item.revision_ordinal 
_pdbx_audit_revision_item.data_content_type 
_pdbx_audit_revision_item.item 
1  4 'Structure model' '_database_2.pdbx_DOI'                        
2  4 'Structure model' '_database_2.pdbx_database_accession'         
3  4 'Structure model' '_pdbx_struct_conn_angle.ptnr1_auth_comp_id'  
4  4 'Structure model' '_pdbx_struct_conn_angle.ptnr1_auth_seq_id'   
5  4 'Structure model' '_pdbx_struct_conn_angle.ptnr1_label_atom_id' 
6  4 'Structure model' '_pdbx_struct_conn_angle.ptnr1_label_comp_id' 
7  4 'Structure model' '_pdbx_struct_conn_angle.ptnr1_label_seq_id'  
8  4 'Structure model' '_pdbx_struct_conn_angle.ptnr2_auth_seq_id'   
9  4 'Structure model' '_pdbx_struct_conn_angle.ptnr2_label_asym_id' 
10 4 'Structure model' '_pdbx_struct_conn_angle.ptnr3_auth_comp_id'  
11 4 'Structure model' '_pdbx_struct_conn_angle.ptnr3_auth_seq_id'   
12 4 'Structure model' '_pdbx_struct_conn_angle.ptnr3_label_atom_id' 
13 4 'Structure model' '_pdbx_struct_conn_angle.ptnr3_label_comp_id' 
14 4 'Structure model' '_pdbx_struct_conn_angle.ptnr3_label_seq_id'  
15 4 'Structure model' '_pdbx_struct_conn_angle.value'               
16 4 'Structure model' '_struct_conn.pdbx_dist_value'                
17 4 'Structure model' '_struct_conn.ptnr1_auth_comp_id'             
18 4 'Structure model' '_struct_conn.ptnr1_auth_seq_id'              
19 4 'Structure model' '_struct_conn.ptnr1_label_atom_id'            
20 4 'Structure model' '_struct_conn.ptnr1_label_comp_id'            
21 4 'Structure model' '_struct_conn.ptnr1_label_seq_id'             
22 4 'Structure model' '_struct_conn.ptnr2_auth_seq_id'              
23 4 'Structure model' '_struct_conn.ptnr2_label_asym_id'            
24 4 'Structure model' '_struct_ref_seq_dif.details'                 
25 4 'Structure model' '_struct_site.pdbx_auth_asym_id'              
26 4 'Structure model' '_struct_site.pdbx_auth_comp_id'              
27 4 'Structure model' '_struct_site.pdbx_auth_seq_id'               
# 
_pdbx_refine_tls.pdbx_refine_id   'X-RAY DIFFRACTION' 
_pdbx_refine_tls.id               1 
_pdbx_refine_tls.details          ? 
_pdbx_refine_tls.method           refined 
_pdbx_refine_tls.origin_x         -0.2379 
_pdbx_refine_tls.origin_y         0.0492 
_pdbx_refine_tls.origin_z         -0.0548 
_pdbx_refine_tls.T[1][1]          0.1147 
_pdbx_refine_tls.T[2][2]          0.1046 
_pdbx_refine_tls.T[3][3]          0.0671 
_pdbx_refine_tls.T[1][2]          -0.0258 
_pdbx_refine_tls.T[1][3]          -0.0104 
_pdbx_refine_tls.T[2][3]          0.0335 
_pdbx_refine_tls.L[1][1]          0.5568 
_pdbx_refine_tls.L[2][2]          1.8333 
_pdbx_refine_tls.L[3][3]          0.6645 
_pdbx_refine_tls.L[1][2]          0.2395 
_pdbx_refine_tls.L[1][3]          -0.5632 
_pdbx_refine_tls.L[2][3]          -0.3866 
_pdbx_refine_tls.S[1][1]          0.1229 
_pdbx_refine_tls.S[1][2]          -0.0844 
_pdbx_refine_tls.S[1][3]          0.0216 
_pdbx_refine_tls.S[2][1]          0.1222 
_pdbx_refine_tls.S[2][2]          -0.0456 
_pdbx_refine_tls.S[2][3]          0.1040 
_pdbx_refine_tls.S[3][1]          -0.1503 
_pdbx_refine_tls.S[3][2]          0.0062 
_pdbx_refine_tls.S[3][3]          -0.0773 
# 
_pdbx_refine_tls_group.pdbx_refine_id      'X-RAY DIFFRACTION' 
_pdbx_refine_tls_group.id                  1 
_pdbx_refine_tls_group.refine_tls_id       1 
_pdbx_refine_tls_group.beg_auth_asym_id    A 
_pdbx_refine_tls_group.beg_auth_seq_id     -2 
_pdbx_refine_tls_group.beg_label_asym_id   ? 
_pdbx_refine_tls_group.beg_label_seq_id    ? 
_pdbx_refine_tls_group.end_auth_asym_id    A 
_pdbx_refine_tls_group.end_auth_seq_id     113 
_pdbx_refine_tls_group.end_label_asym_id   ? 
_pdbx_refine_tls_group.end_label_seq_id    ? 
_pdbx_refine_tls_group.selection           ? 
_pdbx_refine_tls_group.selection_details   ? 
# 
loop_
_software.name 
_software.classification 
_software.version 
_software.citation_id 
_software.pdbx_ordinal 
CrystalClear 'data collection' .        ? 1 
SHELXD       phasing           .        ? 2 
MOLREP       phasing           .        ? 3 
REFMAC       refinement        5.6.0041 ? 4 
XDS          'data reduction'  .        ? 5 
XDS          'data scaling'    .        ? 6 
# 
loop_
_pdbx_validate_rmsd_angle.id 
_pdbx_validate_rmsd_angle.PDB_model_num 
_pdbx_validate_rmsd_angle.auth_atom_id_1 
_pdbx_validate_rmsd_angle.auth_asym_id_1 
_pdbx_validate_rmsd_angle.auth_comp_id_1 
_pdbx_validate_rmsd_angle.auth_seq_id_1 
_pdbx_validate_rmsd_angle.PDB_ins_code_1 
_pdbx_validate_rmsd_angle.label_alt_id_1 
_pdbx_validate_rmsd_angle.auth_atom_id_2 
_pdbx_validate_rmsd_angle.auth_asym_id_2 
_pdbx_validate_rmsd_angle.auth_comp_id_2 
_pdbx_validate_rmsd_angle.auth_seq_id_2 
_pdbx_validate_rmsd_angle.PDB_ins_code_2 
_pdbx_validate_rmsd_angle.label_alt_id_2 
_pdbx_validate_rmsd_angle.auth_atom_id_3 
_pdbx_validate_rmsd_angle.auth_asym_id_3 
_pdbx_validate_rmsd_angle.auth_comp_id_3 
_pdbx_validate_rmsd_angle.auth_seq_id_3 
_pdbx_validate_rmsd_angle.PDB_ins_code_3 
_pdbx_validate_rmsd_angle.label_alt_id_3 
_pdbx_validate_rmsd_angle.angle_value 
_pdbx_validate_rmsd_angle.angle_target_value 
_pdbx_validate_rmsd_angle.angle_deviation 
_pdbx_validate_rmsd_angle.angle_standard_deviation 
_pdbx_validate_rmsd_angle.linker_flag 
1 1 CG  A MET 20 ? ? SD A MET 20 ? ? CE  A MET 20 ? ? 110.72 100.20 10.52 1.60 N 
2 1 NE  A ARG 56 ? ? CZ A ARG 56 ? ? NH1 A ARG 56 ? ? 115.15 120.30 -5.15 0.50 N 
3 1 CG1 A VAL 58 ? ? CB A VAL 58 ? ? CG2 A VAL 58 ? ? 123.61 110.90 12.71 1.60 N 
4 1 NE  A ARG 86 ? ? CZ A ARG 86 ? ? NH1 A ARG 86 ? ? 123.88 120.30 3.58  0.50 N 
5 1 NE  A ARG 86 ? ? CZ A ARG 86 ? ? NH2 A ARG 86 ? ? 115.11 120.30 -5.19 0.50 N 
6 1 NE  A ARG 91 ? ? CZ A ARG 91 ? ? NH2 A ARG 91 ? ? 115.77 120.30 -4.53 0.50 N 
# 
loop_
_pdbx_validate_torsion.id 
_pdbx_validate_torsion.PDB_model_num 
_pdbx_validate_torsion.auth_comp_id 
_pdbx_validate_torsion.auth_asym_id 
_pdbx_validate_torsion.auth_seq_id 
_pdbx_validate_torsion.PDB_ins_code 
_pdbx_validate_torsion.label_alt_id 
_pdbx_validate_torsion.phi 
_pdbx_validate_torsion.psi 
1 1 VAL A 44 ? ? -127.81 -63.62  
2 1 ALA A 47 ? ? -117.74 -122.38 
# 
loop_
_pdbx_unobs_or_zero_occ_residues.id 
_pdbx_unobs_or_zero_occ_residues.PDB_model_num 
_pdbx_unobs_or_zero_occ_residues.polymer_flag 
_pdbx_unobs_or_zero_occ_residues.occupancy_flag 
_pdbx_unobs_or_zero_occ_residues.auth_asym_id 
_pdbx_unobs_or_zero_occ_residues.auth_comp_id 
_pdbx_unobs_or_zero_occ_residues.auth_seq_id 
_pdbx_unobs_or_zero_occ_residues.PDB_ins_code 
_pdbx_unobs_or_zero_occ_residues.label_asym_id 
_pdbx_unobs_or_zero_occ_residues.label_comp_id 
_pdbx_unobs_or_zero_occ_residues.label_seq_id 
1  1 Y 1 A GLY -1  ? A GLY 1   
2  1 Y 1 A GLN 95  ? A GLN 97  
3  1 Y 1 A GLU 96  ? A GLU 98  
4  1 Y 1 A SER 97  ? A SER 99  
5  1 Y 1 A GLU 98  ? A GLU 100 
6  1 Y 1 A GLU 99  ? A GLU 101 
7  1 Y 1 A VAL 100 ? A VAL 102 
8  1 Y 1 A ALA 101 ? A ALA 103 
9  1 Y 1 A ASP 102 ? A ASP 104 
10 1 Y 1 A ASP 103 ? A ASP 105 
11 1 Y 1 A PRO 113 ? A PRO 115 
# 
loop_
_chem_comp_atom.comp_id 
_chem_comp_atom.atom_id 
_chem_comp_atom.type_symbol 
_chem_comp_atom.pdbx_aromatic_flag 
_chem_comp_atom.pdbx_stereo_config 
_chem_comp_atom.pdbx_ordinal 
ALA N    N  N N 1   
ALA CA   C  N S 2   
ALA C    C  N N 3   
ALA O    O  N N 4   
ALA CB   C  N N 5   
ALA OXT  O  N N 6   
ALA H    H  N N 7   
ALA H2   H  N N 8   
ALA HA   H  N N 9   
ALA HB1  H  N N 10  
ALA HB2  H  N N 11  
ALA HB3  H  N N 12  
ALA HXT  H  N N 13  
ARG N    N  N N 14  
ARG CA   C  N S 15  
ARG C    C  N N 16  
ARG O    O  N N 17  
ARG CB   C  N N 18  
ARG CG   C  N N 19  
ARG CD   C  N N 20  
ARG NE   N  N N 21  
ARG CZ   C  N N 22  
ARG NH1  N  N N 23  
ARG NH2  N  N N 24  
ARG OXT  O  N N 25  
ARG H    H  N N 26  
ARG H2   H  N N 27  
ARG HA   H  N N 28  
ARG HB2  H  N N 29  
ARG HB3  H  N N 30  
ARG HG2  H  N N 31  
ARG HG3  H  N N 32  
ARG HD2  H  N N 33  
ARG HD3  H  N N 34  
ARG HE   H  N N 35  
ARG HH11 H  N N 36  
ARG HH12 H  N N 37  
ARG HH21 H  N N 38  
ARG HH22 H  N N 39  
ARG HXT  H  N N 40  
ASN N    N  N N 41  
ASN CA   C  N S 42  
ASN C    C  N N 43  
ASN O    O  N N 44  
ASN CB   C  N N 45  
ASN CG   C  N N 46  
ASN OD1  O  N N 47  
ASN ND2  N  N N 48  
ASN OXT  O  N N 49  
ASN H    H  N N 50  
ASN H2   H  N N 51  
ASN HA   H  N N 52  
ASN HB2  H  N N 53  
ASN HB3  H  N N 54  
ASN HD21 H  N N 55  
ASN HD22 H  N N 56  
ASN HXT  H  N N 57  
ASP N    N  N N 58  
ASP CA   C  N S 59  
ASP C    C  N N 60  
ASP O    O  N N 61  
ASP CB   C  N N 62  
ASP CG   C  N N 63  
ASP OD1  O  N N 64  
ASP OD2  O  N N 65  
ASP OXT  O  N N 66  
ASP H    H  N N 67  
ASP H2   H  N N 68  
ASP HA   H  N N 69  
ASP HB2  H  N N 70  
ASP HB3  H  N N 71  
ASP HD2  H  N N 72  
ASP HXT  H  N N 73  
CYS N    N  N N 74  
CYS CA   C  N R 75  
CYS C    C  N N 76  
CYS O    O  N N 77  
CYS CB   C  N N 78  
CYS SG   S  N N 79  
CYS OXT  O  N N 80  
CYS H    H  N N 81  
CYS H2   H  N N 82  
CYS HA   H  N N 83  
CYS HB2  H  N N 84  
CYS HB3  H  N N 85  
CYS HG   H  N N 86  
CYS HXT  H  N N 87  
GLN N    N  N N 88  
GLN CA   C  N S 89  
GLN C    C  N N 90  
GLN O    O  N N 91  
GLN CB   C  N N 92  
GLN CG   C  N N 93  
GLN CD   C  N N 94  
GLN OE1  O  N N 95  
GLN NE2  N  N N 96  
GLN OXT  O  N N 97  
GLN H    H  N N 98  
GLN H2   H  N N 99  
GLN HA   H  N N 100 
GLN HB2  H  N N 101 
GLN HB3  H  N N 102 
GLN HG2  H  N N 103 
GLN HG3  H  N N 104 
GLN HE21 H  N N 105 
GLN HE22 H  N N 106 
GLN HXT  H  N N 107 
GLU N    N  N N 108 
GLU CA   C  N S 109 
GLU C    C  N N 110 
GLU O    O  N N 111 
GLU CB   C  N N 112 
GLU CG   C  N N 113 
GLU CD   C  N N 114 
GLU OE1  O  N N 115 
GLU OE2  O  N N 116 
GLU OXT  O  N N 117 
GLU H    H  N N 118 
GLU H2   H  N N 119 
GLU HA   H  N N 120 
GLU HB2  H  N N 121 
GLU HB3  H  N N 122 
GLU HG2  H  N N 123 
GLU HG3  H  N N 124 
GLU HE2  H  N N 125 
GLU HXT  H  N N 126 
GLY N    N  N N 127 
GLY CA   C  N N 128 
GLY C    C  N N 129 
GLY O    O  N N 130 
GLY OXT  O  N N 131 
GLY H    H  N N 132 
GLY H2   H  N N 133 
GLY HA2  H  N N 134 
GLY HA3  H  N N 135 
GLY HXT  H  N N 136 
HIS N    N  N N 137 
HIS CA   C  N S 138 
HIS C    C  N N 139 
HIS O    O  N N 140 
HIS CB   C  N N 141 
HIS CG   C  Y N 142 
HIS ND1  N  Y N 143 
HIS CD2  C  Y N 144 
HIS CE1  C  Y N 145 
HIS NE2  N  Y N 146 
HIS OXT  O  N N 147 
HIS H    H  N N 148 
HIS H2   H  N N 149 
HIS HA   H  N N 150 
HIS HB2  H  N N 151 
HIS HB3  H  N N 152 
HIS HD1  H  N N 153 
HIS HD2  H  N N 154 
HIS HE1  H  N N 155 
HIS HE2  H  N N 156 
HIS HXT  H  N N 157 
HOH O    O  N N 158 
HOH H1   H  N N 159 
HOH H2   H  N N 160 
ILE N    N  N N 161 
ILE CA   C  N S 162 
ILE C    C  N N 163 
ILE O    O  N N 164 
ILE CB   C  N S 165 
ILE CG1  C  N N 166 
ILE CG2  C  N N 167 
ILE CD1  C  N N 168 
ILE OXT  O  N N 169 
ILE H    H  N N 170 
ILE H2   H  N N 171 
ILE HA   H  N N 172 
ILE HB   H  N N 173 
ILE HG12 H  N N 174 
ILE HG13 H  N N 175 
ILE HG21 H  N N 176 
ILE HG22 H  N N 177 
ILE HG23 H  N N 178 
ILE HD11 H  N N 179 
ILE HD12 H  N N 180 
ILE HD13 H  N N 181 
ILE HXT  H  N N 182 
LEU N    N  N N 183 
LEU CA   C  N S 184 
LEU C    C  N N 185 
LEU O    O  N N 186 
LEU CB   C  N N 187 
LEU CG   C  N N 188 
LEU CD1  C  N N 189 
LEU CD2  C  N N 190 
LEU OXT  O  N N 191 
LEU H    H  N N 192 
LEU H2   H  N N 193 
LEU HA   H  N N 194 
LEU HB2  H  N N 195 
LEU HB3  H  N N 196 
LEU HG   H  N N 197 
LEU HD11 H  N N 198 
LEU HD12 H  N N 199 
LEU HD13 H  N N 200 
LEU HD21 H  N N 201 
LEU HD22 H  N N 202 
LEU HD23 H  N N 203 
LEU HXT  H  N N 204 
LYS N    N  N N 205 
LYS CA   C  N S 206 
LYS C    C  N N 207 
LYS O    O  N N 208 
LYS CB   C  N N 209 
LYS CG   C  N N 210 
LYS CD   C  N N 211 
LYS CE   C  N N 212 
LYS NZ   N  N N 213 
LYS OXT  O  N N 214 
LYS H    H  N N 215 
LYS H2   H  N N 216 
LYS HA   H  N N 217 
LYS HB2  H  N N 218 
LYS HB3  H  N N 219 
LYS HG2  H  N N 220 
LYS HG3  H  N N 221 
LYS HD2  H  N N 222 
LYS HD3  H  N N 223 
LYS HE2  H  N N 224 
LYS HE3  H  N N 225 
LYS HZ1  H  N N 226 
LYS HZ2  H  N N 227 
LYS HZ3  H  N N 228 
LYS HXT  H  N N 229 
MET N    N  N N 230 
MET CA   C  N S 231 
MET C    C  N N 232 
MET O    O  N N 233 
MET CB   C  N N 234 
MET CG   C  N N 235 
MET SD   S  N N 236 
MET CE   C  N N 237 
MET OXT  O  N N 238 
MET H    H  N N 239 
MET H2   H  N N 240 
MET HA   H  N N 241 
MET HB2  H  N N 242 
MET HB3  H  N N 243 
MET HG2  H  N N 244 
MET HG3  H  N N 245 
MET HE1  H  N N 246 
MET HE2  H  N N 247 
MET HE3  H  N N 248 
MET HXT  H  N N 249 
MLI C1   C  N N 250 
MLI C2   C  N N 251 
MLI C3   C  N N 252 
MLI O6   O  N N 253 
MLI O7   O  N N 254 
MLI O8   O  N N 255 
MLI O9   O  N N 256 
MLI H11  H  N N 257 
MLI H12  H  N N 258 
PHE N    N  N N 259 
PHE CA   C  N S 260 
PHE C    C  N N 261 
PHE O    O  N N 262 
PHE CB   C  N N 263 
PHE CG   C  Y N 264 
PHE CD1  C  Y N 265 
PHE CD2  C  Y N 266 
PHE CE1  C  Y N 267 
PHE CE2  C  Y N 268 
PHE CZ   C  Y N 269 
PHE OXT  O  N N 270 
PHE H    H  N N 271 
PHE H2   H  N N 272 
PHE HA   H  N N 273 
PHE HB2  H  N N 274 
PHE HB3  H  N N 275 
PHE HD1  H  N N 276 
PHE HD2  H  N N 277 
PHE HE1  H  N N 278 
PHE HE2  H  N N 279 
PHE HZ   H  N N 280 
PHE HXT  H  N N 281 
PRO N    N  N N 282 
PRO CA   C  N S 283 
PRO C    C  N N 284 
PRO O    O  N N 285 
PRO CB   C  N N 286 
PRO CG   C  N N 287 
PRO CD   C  N N 288 
PRO OXT  O  N N 289 
PRO H    H  N N 290 
PRO HA   H  N N 291 
PRO HB2  H  N N 292 
PRO HB3  H  N N 293 
PRO HG2  H  N N 294 
PRO HG3  H  N N 295 
PRO HD2  H  N N 296 
PRO HD3  H  N N 297 
PRO HXT  H  N N 298 
SER N    N  N N 299 
SER CA   C  N S 300 
SER C    C  N N 301 
SER O    O  N N 302 
SER CB   C  N N 303 
SER OG   O  N N 304 
SER OXT  O  N N 305 
SER H    H  N N 306 
SER H2   H  N N 307 
SER HA   H  N N 308 
SER HB2  H  N N 309 
SER HB3  H  N N 310 
SER HG   H  N N 311 
SER HXT  H  N N 312 
THR N    N  N N 313 
THR CA   C  N S 314 
THR C    C  N N 315 
THR O    O  N N 316 
THR CB   C  N R 317 
THR OG1  O  N N 318 
THR CG2  C  N N 319 
THR OXT  O  N N 320 
THR H    H  N N 321 
THR H2   H  N N 322 
THR HA   H  N N 323 
THR HB   H  N N 324 
THR HG1  H  N N 325 
THR HG21 H  N N 326 
THR HG22 H  N N 327 
THR HG23 H  N N 328 
THR HXT  H  N N 329 
TRP N    N  N N 330 
TRP CA   C  N S 331 
TRP C    C  N N 332 
TRP O    O  N N 333 
TRP CB   C  N N 334 
TRP CG   C  Y N 335 
TRP CD1  C  Y N 336 
TRP CD2  C  Y N 337 
TRP NE1  N  Y N 338 
TRP CE2  C  Y N 339 
TRP CE3  C  Y N 340 
TRP CZ2  C  Y N 341 
TRP CZ3  C  Y N 342 
TRP CH2  C  Y N 343 
TRP OXT  O  N N 344 
TRP H    H  N N 345 
TRP H2   H  N N 346 
TRP HA   H  N N 347 
TRP HB2  H  N N 348 
TRP HB3  H  N N 349 
TRP HD1  H  N N 350 
TRP HE1  H  N N 351 
TRP HE3  H  N N 352 
TRP HZ2  H  N N 353 
TRP HZ3  H  N N 354 
TRP HH2  H  N N 355 
TRP HXT  H  N N 356 
TYR N    N  N N 357 
TYR CA   C  N S 358 
TYR C    C  N N 359 
TYR O    O  N N 360 
TYR CB   C  N N 361 
TYR CG   C  Y N 362 
TYR CD1  C  Y N 363 
TYR CD2  C  Y N 364 
TYR CE1  C  Y N 365 
TYR CE2  C  Y N 366 
TYR CZ   C  Y N 367 
TYR OH   O  N N 368 
TYR OXT  O  N N 369 
TYR H    H  N N 370 
TYR H2   H  N N 371 
TYR HA   H  N N 372 
TYR HB2  H  N N 373 
TYR HB3  H  N N 374 
TYR HD1  H  N N 375 
TYR HD2  H  N N 376 
TYR HE1  H  N N 377 
TYR HE2  H  N N 378 
TYR HH   H  N N 379 
TYR HXT  H  N N 380 
VAL N    N  N N 381 
VAL CA   C  N S 382 
VAL C    C  N N 383 
VAL O    O  N N 384 
VAL CB   C  N N 385 
VAL CG1  C  N N 386 
VAL CG2  C  N N 387 
VAL OXT  O  N N 388 
VAL H    H  N N 389 
VAL H2   H  N N 390 
VAL HA   H  N N 391 
VAL HB   H  N N 392 
VAL HG11 H  N N 393 
VAL HG12 H  N N 394 
VAL HG13 H  N N 395 
VAL HG21 H  N N 396 
VAL HG22 H  N N 397 
VAL HG23 H  N N 398 
VAL HXT  H  N N 399 
ZN  ZN   ZN N N 400 
# 
loop_
_chem_comp_bond.comp_id 
_chem_comp_bond.atom_id_1 
_chem_comp_bond.atom_id_2 
_chem_comp_bond.value_order 
_chem_comp_bond.pdbx_aromatic_flag 
_chem_comp_bond.pdbx_stereo_config 
_chem_comp_bond.pdbx_ordinal 
ALA N   CA   sing N N 1   
ALA N   H    sing N N 2   
ALA N   H2   sing N N 3   
ALA CA  C    sing N N 4   
ALA CA  CB   sing N N 5   
ALA CA  HA   sing N N 6   
ALA C   O    doub N N 7   
ALA C   OXT  sing N N 8   
ALA CB  HB1  sing N N 9   
ALA CB  HB2  sing N N 10  
ALA CB  HB3  sing N N 11  
ALA OXT HXT  sing N N 12  
ARG N   CA   sing N N 13  
ARG N   H    sing N N 14  
ARG N   H2   sing N N 15  
ARG CA  C    sing N N 16  
ARG CA  CB   sing N N 17  
ARG CA  HA   sing N N 18  
ARG C   O    doub N N 19  
ARG C   OXT  sing N N 20  
ARG CB  CG   sing N N 21  
ARG CB  HB2  sing N N 22  
ARG CB  HB3  sing N N 23  
ARG CG  CD   sing N N 24  
ARG CG  HG2  sing N N 25  
ARG CG  HG3  sing N N 26  
ARG CD  NE   sing N N 27  
ARG CD  HD2  sing N N 28  
ARG CD  HD3  sing N N 29  
ARG NE  CZ   sing N N 30  
ARG NE  HE   sing N N 31  
ARG CZ  NH1  sing N N 32  
ARG CZ  NH2  doub N N 33  
ARG NH1 HH11 sing N N 34  
ARG NH1 HH12 sing N N 35  
ARG NH2 HH21 sing N N 36  
ARG NH2 HH22 sing N N 37  
ARG OXT HXT  sing N N 38  
ASN N   CA   sing N N 39  
ASN N   H    sing N N 40  
ASN N   H2   sing N N 41  
ASN CA  C    sing N N 42  
ASN CA  CB   sing N N 43  
ASN CA  HA   sing N N 44  
ASN C   O    doub N N 45  
ASN C   OXT  sing N N 46  
ASN CB  CG   sing N N 47  
ASN CB  HB2  sing N N 48  
ASN CB  HB3  sing N N 49  
ASN CG  OD1  doub N N 50  
ASN CG  ND2  sing N N 51  
ASN ND2 HD21 sing N N 52  
ASN ND2 HD22 sing N N 53  
ASN OXT HXT  sing N N 54  
ASP N   CA   sing N N 55  
ASP N   H    sing N N 56  
ASP N   H2   sing N N 57  
ASP CA  C    sing N N 58  
ASP CA  CB   sing N N 59  
ASP CA  HA   sing N N 60  
ASP C   O    doub N N 61  
ASP C   OXT  sing N N 62  
ASP CB  CG   sing N N 63  
ASP CB  HB2  sing N N 64  
ASP CB  HB3  sing N N 65  
ASP CG  OD1  doub N N 66  
ASP CG  OD2  sing N N 67  
ASP OD2 HD2  sing N N 68  
ASP OXT HXT  sing N N 69  
CYS N   CA   sing N N 70  
CYS N   H    sing N N 71  
CYS N   H2   sing N N 72  
CYS CA  C    sing N N 73  
CYS CA  CB   sing N N 74  
CYS CA  HA   sing N N 75  
CYS C   O    doub N N 76  
CYS C   OXT  sing N N 77  
CYS CB  SG   sing N N 78  
CYS CB  HB2  sing N N 79  
CYS CB  HB3  sing N N 80  
CYS SG  HG   sing N N 81  
CYS OXT HXT  sing N N 82  
GLN N   CA   sing N N 83  
GLN N   H    sing N N 84  
GLN N   H2   sing N N 85  
GLN CA  C    sing N N 86  
GLN CA  CB   sing N N 87  
GLN CA  HA   sing N N 88  
GLN C   O    doub N N 89  
GLN C   OXT  sing N N 90  
GLN CB  CG   sing N N 91  
GLN CB  HB2  sing N N 92  
GLN CB  HB3  sing N N 93  
GLN CG  CD   sing N N 94  
GLN CG  HG2  sing N N 95  
GLN CG  HG3  sing N N 96  
GLN CD  OE1  doub N N 97  
GLN CD  NE2  sing N N 98  
GLN NE2 HE21 sing N N 99  
GLN NE2 HE22 sing N N 100 
GLN OXT HXT  sing N N 101 
GLU N   CA   sing N N 102 
GLU N   H    sing N N 103 
GLU N   H2   sing N N 104 
GLU CA  C    sing N N 105 
GLU CA  CB   sing N N 106 
GLU CA  HA   sing N N 107 
GLU C   O    doub N N 108 
GLU C   OXT  sing N N 109 
GLU CB  CG   sing N N 110 
GLU CB  HB2  sing N N 111 
GLU CB  HB3  sing N N 112 
GLU CG  CD   sing N N 113 
GLU CG  HG2  sing N N 114 
GLU CG  HG3  sing N N 115 
GLU CD  OE1  doub N N 116 
GLU CD  OE2  sing N N 117 
GLU OE2 HE2  sing N N 118 
GLU OXT HXT  sing N N 119 
GLY N   CA   sing N N 120 
GLY N   H    sing N N 121 
GLY N   H2   sing N N 122 
GLY CA  C    sing N N 123 
GLY CA  HA2  sing N N 124 
GLY CA  HA3  sing N N 125 
GLY C   O    doub N N 126 
GLY C   OXT  sing N N 127 
GLY OXT HXT  sing N N 128 
HIS N   CA   sing N N 129 
HIS N   H    sing N N 130 
HIS N   H2   sing N N 131 
HIS CA  C    sing N N 132 
HIS CA  CB   sing N N 133 
HIS CA  HA   sing N N 134 
HIS C   O    doub N N 135 
HIS C   OXT  sing N N 136 
HIS CB  CG   sing N N 137 
HIS CB  HB2  sing N N 138 
HIS CB  HB3  sing N N 139 
HIS CG  ND1  sing Y N 140 
HIS CG  CD2  doub Y N 141 
HIS ND1 CE1  doub Y N 142 
HIS ND1 HD1  sing N N 143 
HIS CD2 NE2  sing Y N 144 
HIS CD2 HD2  sing N N 145 
HIS CE1 NE2  sing Y N 146 
HIS CE1 HE1  sing N N 147 
HIS NE2 HE2  sing N N 148 
HIS OXT HXT  sing N N 149 
HOH O   H1   sing N N 150 
HOH O   H2   sing N N 151 
ILE N   CA   sing N N 152 
ILE N   H    sing N N 153 
ILE N   H2   sing N N 154 
ILE CA  C    sing N N 155 
ILE CA  CB   sing N N 156 
ILE CA  HA   sing N N 157 
ILE C   O    doub N N 158 
ILE C   OXT  sing N N 159 
ILE CB  CG1  sing N N 160 
ILE CB  CG2  sing N N 161 
ILE CB  HB   sing N N 162 
ILE CG1 CD1  sing N N 163 
ILE CG1 HG12 sing N N 164 
ILE CG1 HG13 sing N N 165 
ILE CG2 HG21 sing N N 166 
ILE CG2 HG22 sing N N 167 
ILE CG2 HG23 sing N N 168 
ILE CD1 HD11 sing N N 169 
ILE CD1 HD12 sing N N 170 
ILE CD1 HD13 sing N N 171 
ILE OXT HXT  sing N N 172 
LEU N   CA   sing N N 173 
LEU N   H    sing N N 174 
LEU N   H2   sing N N 175 
LEU CA  C    sing N N 176 
LEU CA  CB   sing N N 177 
LEU CA  HA   sing N N 178 
LEU C   O    doub N N 179 
LEU C   OXT  sing N N 180 
LEU CB  CG   sing N N 181 
LEU CB  HB2  sing N N 182 
LEU CB  HB3  sing N N 183 
LEU CG  CD1  sing N N 184 
LEU CG  CD2  sing N N 185 
LEU CG  HG   sing N N 186 
LEU CD1 HD11 sing N N 187 
LEU CD1 HD12 sing N N 188 
LEU CD1 HD13 sing N N 189 
LEU CD2 HD21 sing N N 190 
LEU CD2 HD22 sing N N 191 
LEU CD2 HD23 sing N N 192 
LEU OXT HXT  sing N N 193 
LYS N   CA   sing N N 194 
LYS N   H    sing N N 195 
LYS N   H2   sing N N 196 
LYS CA  C    sing N N 197 
LYS CA  CB   sing N N 198 
LYS CA  HA   sing N N 199 
LYS C   O    doub N N 200 
LYS C   OXT  sing N N 201 
LYS CB  CG   sing N N 202 
LYS CB  HB2  sing N N 203 
LYS CB  HB3  sing N N 204 
LYS CG  CD   sing N N 205 
LYS CG  HG2  sing N N 206 
LYS CG  HG3  sing N N 207 
LYS CD  CE   sing N N 208 
LYS CD  HD2  sing N N 209 
LYS CD  HD3  sing N N 210 
LYS CE  NZ   sing N N 211 
LYS CE  HE2  sing N N 212 
LYS CE  HE3  sing N N 213 
LYS NZ  HZ1  sing N N 214 
LYS NZ  HZ2  sing N N 215 
LYS NZ  HZ3  sing N N 216 
LYS OXT HXT  sing N N 217 
MET N   CA   sing N N 218 
MET N   H    sing N N 219 
MET N   H2   sing N N 220 
MET CA  C    sing N N 221 
MET CA  CB   sing N N 222 
MET CA  HA   sing N N 223 
MET C   O    doub N N 224 
MET C   OXT  sing N N 225 
MET CB  CG   sing N N 226 
MET CB  HB2  sing N N 227 
MET CB  HB3  sing N N 228 
MET CG  SD   sing N N 229 
MET CG  HG2  sing N N 230 
MET CG  HG3  sing N N 231 
MET SD  CE   sing N N 232 
MET CE  HE1  sing N N 233 
MET CE  HE2  sing N N 234 
MET CE  HE3  sing N N 235 
MET OXT HXT  sing N N 236 
MLI C1  C2   sing N N 237 
MLI C1  C3   sing N N 238 
MLI C1  H11  sing N N 239 
MLI C1  H12  sing N N 240 
MLI C2  O6   doub N N 241 
MLI C2  O7   sing N N 242 
MLI C3  O8   doub N N 243 
MLI C3  O9   sing N N 244 
PHE N   CA   sing N N 245 
PHE N   H    sing N N 246 
PHE N   H2   sing N N 247 
PHE CA  C    sing N N 248 
PHE CA  CB   sing N N 249 
PHE CA  HA   sing N N 250 
PHE C   O    doub N N 251 
PHE C   OXT  sing N N 252 
PHE CB  CG   sing N N 253 
PHE CB  HB2  sing N N 254 
PHE CB  HB3  sing N N 255 
PHE CG  CD1  doub Y N 256 
PHE CG  CD2  sing Y N 257 
PHE CD1 CE1  sing Y N 258 
PHE CD1 HD1  sing N N 259 
PHE CD2 CE2  doub Y N 260 
PHE CD2 HD2  sing N N 261 
PHE CE1 CZ   doub Y N 262 
PHE CE1 HE1  sing N N 263 
PHE CE2 CZ   sing Y N 264 
PHE CE2 HE2  sing N N 265 
PHE CZ  HZ   sing N N 266 
PHE OXT HXT  sing N N 267 
PRO N   CA   sing N N 268 
PRO N   CD   sing N N 269 
PRO N   H    sing N N 270 
PRO CA  C    sing N N 271 
PRO CA  CB   sing N N 272 
PRO CA  HA   sing N N 273 
PRO C   O    doub N N 274 
PRO C   OXT  sing N N 275 
PRO CB  CG   sing N N 276 
PRO CB  HB2  sing N N 277 
PRO CB  HB3  sing N N 278 
PRO CG  CD   sing N N 279 
PRO CG  HG2  sing N N 280 
PRO CG  HG3  sing N N 281 
PRO CD  HD2  sing N N 282 
PRO CD  HD3  sing N N 283 
PRO OXT HXT  sing N N 284 
SER N   CA   sing N N 285 
SER N   H    sing N N 286 
SER N   H2   sing N N 287 
SER CA  C    sing N N 288 
SER CA  CB   sing N N 289 
SER CA  HA   sing N N 290 
SER C   O    doub N N 291 
SER C   OXT  sing N N 292 
SER CB  OG   sing N N 293 
SER CB  HB2  sing N N 294 
SER CB  HB3  sing N N 295 
SER OG  HG   sing N N 296 
SER OXT HXT  sing N N 297 
THR N   CA   sing N N 298 
THR N   H    sing N N 299 
THR N   H2   sing N N 300 
THR CA  C    sing N N 301 
THR CA  CB   sing N N 302 
THR CA  HA   sing N N 303 
THR C   O    doub N N 304 
THR C   OXT  sing N N 305 
THR CB  OG1  sing N N 306 
THR CB  CG2  sing N N 307 
THR CB  HB   sing N N 308 
THR OG1 HG1  sing N N 309 
THR CG2 HG21 sing N N 310 
THR CG2 HG22 sing N N 311 
THR CG2 HG23 sing N N 312 
THR OXT HXT  sing N N 313 
TRP N   CA   sing N N 314 
TRP N   H    sing N N 315 
TRP N   H2   sing N N 316 
TRP CA  C    sing N N 317 
TRP CA  CB   sing N N 318 
TRP CA  HA   sing N N 319 
TRP C   O    doub N N 320 
TRP C   OXT  sing N N 321 
TRP CB  CG   sing N N 322 
TRP CB  HB2  sing N N 323 
TRP CB  HB3  sing N N 324 
TRP CG  CD1  doub Y N 325 
TRP CG  CD2  sing Y N 326 
TRP CD1 NE1  sing Y N 327 
TRP CD1 HD1  sing N N 328 
TRP CD2 CE2  doub Y N 329 
TRP CD2 CE3  sing Y N 330 
TRP NE1 CE2  sing Y N 331 
TRP NE1 HE1  sing N N 332 
TRP CE2 CZ2  sing Y N 333 
TRP CE3 CZ3  doub Y N 334 
TRP CE3 HE3  sing N N 335 
TRP CZ2 CH2  doub Y N 336 
TRP CZ2 HZ2  sing N N 337 
TRP CZ3 CH2  sing Y N 338 
TRP CZ3 HZ3  sing N N 339 
TRP CH2 HH2  sing N N 340 
TRP OXT HXT  sing N N 341 
TYR N   CA   sing N N 342 
TYR N   H    sing N N 343 
TYR N   H2   sing N N 344 
TYR CA  C    sing N N 345 
TYR CA  CB   sing N N 346 
TYR CA  HA   sing N N 347 
TYR C   O    doub N N 348 
TYR C   OXT  sing N N 349 
TYR CB  CG   sing N N 350 
TYR CB  HB2  sing N N 351 
TYR CB  HB3  sing N N 352 
TYR CG  CD1  doub Y N 353 
TYR CG  CD2  sing Y N 354 
TYR CD1 CE1  sing Y N 355 
TYR CD1 HD1  sing N N 356 
TYR CD2 CE2  doub Y N 357 
TYR CD2 HD2  sing N N 358 
TYR CE1 CZ   doub Y N 359 
TYR CE1 HE1  sing N N 360 
TYR CE2 CZ   sing Y N 361 
TYR CE2 HE2  sing N N 362 
TYR CZ  OH   sing N N 363 
TYR OH  HH   sing N N 364 
TYR OXT HXT  sing N N 365 
VAL N   CA   sing N N 366 
VAL N   H    sing N N 367 
VAL N   H2   sing N N 368 
VAL CA  C    sing N N 369 
VAL CA  CB   sing N N 370 
VAL CA  HA   sing N N 371 
VAL C   O    doub N N 372 
VAL C   OXT  sing N N 373 
VAL CB  CG1  sing N N 374 
VAL CB  CG2  sing N N 375 
VAL CB  HB   sing N N 376 
VAL CG1 HG11 sing N N 377 
VAL CG1 HG12 sing N N 378 
VAL CG1 HG13 sing N N 379 
VAL CG2 HG21 sing N N 380 
VAL CG2 HG22 sing N N 381 
VAL CG2 HG23 sing N N 382 
VAL OXT HXT  sing N N 383 
# 
loop_
_pdbx_entity_nonpoly.entity_id 
_pdbx_entity_nonpoly.name 
_pdbx_entity_nonpoly.comp_id 
2 'ZINC ION'     ZN  
3 'MALONATE ION' MLI 
4 water          HOH 
# 
_pdbx_initial_refinement_model.id               1 
_pdbx_initial_refinement_model.entity_id_list   ? 
_pdbx_initial_refinement_model.type             'experimental model' 
_pdbx_initial_refinement_model.source_name      PDB 
_pdbx_initial_refinement_model.accession_code   3FL2 
_pdbx_initial_refinement_model.details          ? 
# 
